data_7NA4
# 
_entry.id   7NA4 
# 
_audit_conform.dict_name       mmcif_pdbx.dic 
_audit_conform.dict_version    5.392 
_audit_conform.dict_location   http://mmcif.pdb.org/dictionaries/ascii/mmcif_pdbx.dic 
# 
loop_
_database_2.database_id 
_database_2.database_code 
_database_2.pdbx_database_accession 
_database_2.pdbx_DOI 
PDB   7NA4         pdb_00007na4 10.2210/pdb7na4/pdb 
WWPDB D_1000257666 ?            ?                   
# 
loop_
_pdbx_audit_revision_history.ordinal 
_pdbx_audit_revision_history.data_content_type 
_pdbx_audit_revision_history.major_revision 
_pdbx_audit_revision_history.minor_revision 
_pdbx_audit_revision_history.revision_date 
1 'Structure model' 1 0 2021-11-10 
2 'Structure model' 1 1 2021-11-24 
3 'Structure model' 1 2 2024-05-22 
# 
_pdbx_audit_revision_details.ordinal             1 
_pdbx_audit_revision_details.revision_ordinal    1 
_pdbx_audit_revision_details.data_content_type   'Structure model' 
_pdbx_audit_revision_details.provider            repository 
_pdbx_audit_revision_details.type                'Initial release' 
_pdbx_audit_revision_details.description         ? 
_pdbx_audit_revision_details.details             ? 
# 
loop_
_pdbx_audit_revision_group.ordinal 
_pdbx_audit_revision_group.revision_ordinal 
_pdbx_audit_revision_group.data_content_type 
_pdbx_audit_revision_group.group 
1 2 'Structure model' 'Database references' 
2 3 'Structure model' 'Data collection'     
# 
loop_
_pdbx_audit_revision_category.ordinal 
_pdbx_audit_revision_category.revision_ordinal 
_pdbx_audit_revision_category.data_content_type 
_pdbx_audit_revision_category.category 
1 2 'Structure model' citation        
2 2 'Structure model' citation_author 
3 3 'Structure model' chem_comp_atom  
4 3 'Structure model' chem_comp_bond  
# 
loop_
_pdbx_audit_revision_item.ordinal 
_pdbx_audit_revision_item.revision_ordinal 
_pdbx_audit_revision_item.data_content_type 
_pdbx_audit_revision_item.item 
1 2 'Structure model' '_citation.journal_volume'          
2 2 'Structure model' '_citation.page_first'              
3 2 'Structure model' '_citation.page_last'               
4 2 'Structure model' '_citation_author.identifier_ORCID' 
# 
_pdbx_database_status.status_code                     REL 
_pdbx_database_status.status_code_sf                  REL 
_pdbx_database_status.status_code_mr                  ? 
_pdbx_database_status.entry_id                        7NA4 
_pdbx_database_status.recvd_initial_deposition_date   2021-06-19 
_pdbx_database_status.SG_entry                        N 
_pdbx_database_status.deposit_site                    RCSB 
_pdbx_database_status.process_site                    RCSB 
_pdbx_database_status.status_code_cs                  ? 
_pdbx_database_status.status_code_nmr_data            ? 
_pdbx_database_status.methods_development_category    ? 
_pdbx_database_status.pdb_format_compatible           Y 
# 
_audit_author.name               'Scapin, G.' 
_audit_author.pdbx_ordinal       1 
_audit_author.identifier_ORCID   0000-0002-0724-2286 
# 
_citation.abstract                  ? 
_citation.abstract_id_CAS           ? 
_citation.book_id_ISBN              ? 
_citation.book_publisher            ? 
_citation.book_publisher_city       ? 
_citation.book_title                ? 
_citation.coordinate_linkage        ? 
_citation.country                   US 
_citation.database_id_Medline       ? 
_citation.details                   ? 
_citation.id                        primary 
_citation.journal_abbrev            J.Med.Chem. 
_citation.journal_id_ASTM           JMCMAR 
_citation.journal_id_CSD            0151 
_citation.journal_id_ISSN           0022-2623 
_citation.journal_full              ? 
_citation.journal_issue             ? 
_citation.journal_volume            64 
_citation.language                  ? 
_citation.page_first                16213 
_citation.page_last                 16241 
_citation.title                     'Discovery of MK-4688 : an Efficient Inhibitor of the HDM2-p53 Protein-Protein Interaction.' 
_citation.year                      2021 
_citation.database_id_CSD           ? 
_citation.pdbx_database_id_DOI      10.1021/acs.jmedchem.1c01524 
_citation.pdbx_database_id_PubMed   34714078 
_citation.pdbx_database_id_patent   ? 
_citation.unpublished_flag          ? 
# 
loop_
_citation_author.citation_id 
_citation_author.name 
_citation_author.ordinal 
_citation_author.identifier_ORCID 
primary 'Reutershan, M.H.' 1  ? 
primary 'Machacek, M.R.'   2  ? 
primary 'Altman, M.D.'     3  ? 
primary 'Bogen, S.'        4  ? 
primary 'Cai, M.'          5  ? 
primary 'Cammarano, C.'    6  ? 
primary 'Chen, D.'         7  ? 
primary 'Christopher, M.'  8  ? 
primary 'Cryan, J.'        9  ? 
primary 'Daublain, P.'     10 ? 
primary 'Fradera, X.'      11 ? 
primary 'Geda, P.'         12 ? 
primary 'Goldenblatt, P.'  13 ? 
primary 'Hill, A.D.'       14 ? 
primary 'Kemper, R.A.'     15 ? 
primary 'Kutilek, V.'      16 ? 
primary 'Li, C.'           17 ? 
primary 'Martinez, M.'     18 ? 
primary 'McCoy, M.'        19 ? 
primary 'Nair, L.'         20 ? 
primary 'Pan, W.'          21 ? 
primary 'Thompson, C.F.'   22 ? 
primary 'Scapin, G.'       23 ? 
primary 'Shizuka, M.'      24 ? 
primary 'Spatz, M.L.'      25 ? 
primary 'Steinhuebel, D.'  26 ? 
primary 'Sun, B.'          27 ? 
primary 'Voss, M.E.'       28 ? 
primary 'Wang, X.'         29 ? 
primary 'Yang, L.'         30 ? 
primary 'Yeh, T.C.'        31 ? 
primary 'Dussault, I.'     32 ? 
primary 'Marshall, C.G.'   33 ? 
primary 'Trotter, B.W.'    34 ? 
# 
loop_
_entity.id 
_entity.type 
_entity.src_method 
_entity.pdbx_description 
_entity.formula_weight 
_entity.pdbx_number_of_molecules 
_entity.pdbx_ec 
_entity.pdbx_mutation 
_entity.pdbx_fragment 
_entity.details 
1 polymer     man 'Isoform 11 of E3 ubiquitin-protein ligase Mdm2' 12592.401 1  2.3.2.27 ? ? ? 
2 non-polymer syn 
;3-[4-(5-chloropyridin-3-yl)-2-[(R)-cyclopropyl(ethoxy)methyl]-3-{(1R)-1-[(1r,4R)-4-methylcyclohexyl]ethyl}-3H-imidazo[4,5-c]pyridin-6-yl]-1,2,4-oxadiazol-5(4H)-one
;
537.053   1  ?        ? ? ? 
3 non-polymer syn GLYCEROL 92.094    2  ?        ? ? ? 
4 non-polymer syn 'CHLORIDE ION' 35.453    1  ?        ? ? ? 
5 water       nat water 18.015    29 ?        ? ? ? 
# 
_entity_name_com.entity_id   1 
_entity_name_com.name        
'Double minute 2 protein,Hdm2,Oncoprotein Mdm2,RING-type E3 ubiquitin transferase Mdm2,p53-binding protein Mdm2' 
# 
_entity_poly.entity_id                      1 
_entity_poly.type                           'polypeptide(L)' 
_entity_poly.nstd_linkage                   no 
_entity_poly.nstd_monomer                   no 
_entity_poly.pdbx_seq_one_letter_code       
;GSQIPASEQETLVRPKPLLLKLLKSVGAQKDTYTMKEVLFYLGQYIMTKRLYDEKQQHIVYCSNDLLGDLFGVPSFSVKE
HRKIYTMIYRNLVVVNQQESSDSGTSVSEN
;
_entity_poly.pdbx_seq_one_letter_code_can   
;GSQIPASEQETLVRPKPLLLKLLKSVGAQKDTYTMKEVLFYLGQYIMTKRLYDEKQQHIVYCSNDLLGDLFGVPSFSVKE
HRKIYTMIYRNLVVVNQQESSDSGTSVSEN
;
_entity_poly.pdbx_strand_id                 A 
_entity_poly.pdbx_target_identifier         ? 
# 
loop_
_pdbx_entity_nonpoly.entity_id 
_pdbx_entity_nonpoly.name 
_pdbx_entity_nonpoly.comp_id 
2 
;3-[4-(5-chloropyridin-3-yl)-2-[(R)-cyclopropyl(ethoxy)methyl]-3-{(1R)-1-[(1r,4R)-4-methylcyclohexyl]ethyl}-3H-imidazo[4,5-c]pyridin-6-yl]-1,2,4-oxadiazol-5(4H)-one
;
1I9 
3 GLYCEROL GOL 
4 'CHLORIDE ION' CL  
5 water HOH 
# 
loop_
_entity_poly_seq.entity_id 
_entity_poly_seq.num 
_entity_poly_seq.mon_id 
_entity_poly_seq.hetero 
1 1   GLY n 
1 2   SER n 
1 3   GLN n 
1 4   ILE n 
1 5   PRO n 
1 6   ALA n 
1 7   SER n 
1 8   GLU n 
1 9   GLN n 
1 10  GLU n 
1 11  THR n 
1 12  LEU n 
1 13  VAL n 
1 14  ARG n 
1 15  PRO n 
1 16  LYS n 
1 17  PRO n 
1 18  LEU n 
1 19  LEU n 
1 20  LEU n 
1 21  LYS n 
1 22  LEU n 
1 23  LEU n 
1 24  LYS n 
1 25  SER n 
1 26  VAL n 
1 27  GLY n 
1 28  ALA n 
1 29  GLN n 
1 30  LYS n 
1 31  ASP n 
1 32  THR n 
1 33  TYR n 
1 34  THR n 
1 35  MET n 
1 36  LYS n 
1 37  GLU n 
1 38  VAL n 
1 39  LEU n 
1 40  PHE n 
1 41  TYR n 
1 42  LEU n 
1 43  GLY n 
1 44  GLN n 
1 45  TYR n 
1 46  ILE n 
1 47  MET n 
1 48  THR n 
1 49  LYS n 
1 50  ARG n 
1 51  LEU n 
1 52  TYR n 
1 53  ASP n 
1 54  GLU n 
1 55  LYS n 
1 56  GLN n 
1 57  GLN n 
1 58  HIS n 
1 59  ILE n 
1 60  VAL n 
1 61  TYR n 
1 62  CYS n 
1 63  SER n 
1 64  ASN n 
1 65  ASP n 
1 66  LEU n 
1 67  LEU n 
1 68  GLY n 
1 69  ASP n 
1 70  LEU n 
1 71  PHE n 
1 72  GLY n 
1 73  VAL n 
1 74  PRO n 
1 75  SER n 
1 76  PHE n 
1 77  SER n 
1 78  VAL n 
1 79  LYS n 
1 80  GLU n 
1 81  HIS n 
1 82  ARG n 
1 83  LYS n 
1 84  ILE n 
1 85  TYR n 
1 86  THR n 
1 87  MET n 
1 88  ILE n 
1 89  TYR n 
1 90  ARG n 
1 91  ASN n 
1 92  LEU n 
1 93  VAL n 
1 94  VAL n 
1 95  VAL n 
1 96  ASN n 
1 97  GLN n 
1 98  GLN n 
1 99  GLU n 
1 100 SER n 
1 101 SER n 
1 102 ASP n 
1 103 SER n 
1 104 GLY n 
1 105 THR n 
1 106 SER n 
1 107 VAL n 
1 108 SER n 
1 109 GLU n 
1 110 ASN n 
# 
_entity_src_gen.entity_id                          1 
_entity_src_gen.pdbx_src_id                        1 
_entity_src_gen.pdbx_alt_source_flag               sample 
_entity_src_gen.pdbx_seq_type                      'Biological sequence' 
_entity_src_gen.pdbx_beg_seq_num                   1 
_entity_src_gen.pdbx_end_seq_num                   110 
_entity_src_gen.gene_src_common_name               Human 
_entity_src_gen.gene_src_genus                     ? 
_entity_src_gen.pdbx_gene_src_gene                 MDM2 
_entity_src_gen.gene_src_species                   ? 
_entity_src_gen.gene_src_strain                    ? 
_entity_src_gen.gene_src_tissue                    ? 
_entity_src_gen.gene_src_tissue_fraction           ? 
_entity_src_gen.gene_src_details                   ? 
_entity_src_gen.pdbx_gene_src_fragment             ? 
_entity_src_gen.pdbx_gene_src_scientific_name      'Homo sapiens' 
_entity_src_gen.pdbx_gene_src_ncbi_taxonomy_id     9606 
_entity_src_gen.pdbx_gene_src_variant              ? 
_entity_src_gen.pdbx_gene_src_cell_line            ? 
_entity_src_gen.pdbx_gene_src_atcc                 ? 
_entity_src_gen.pdbx_gene_src_organ                ? 
_entity_src_gen.pdbx_gene_src_organelle            ? 
_entity_src_gen.pdbx_gene_src_cell                 ? 
_entity_src_gen.pdbx_gene_src_cellular_location    ? 
_entity_src_gen.host_org_common_name               ? 
_entity_src_gen.pdbx_host_org_scientific_name      'Escherichia coli' 
_entity_src_gen.pdbx_host_org_ncbi_taxonomy_id     562 
_entity_src_gen.host_org_genus                     ? 
_entity_src_gen.pdbx_host_org_gene                 ? 
_entity_src_gen.pdbx_host_org_organ                ? 
_entity_src_gen.host_org_species                   ? 
_entity_src_gen.pdbx_host_org_tissue               ? 
_entity_src_gen.pdbx_host_org_tissue_fraction      ? 
_entity_src_gen.pdbx_host_org_strain               ? 
_entity_src_gen.pdbx_host_org_variant              ? 
_entity_src_gen.pdbx_host_org_cell_line            ? 
_entity_src_gen.pdbx_host_org_atcc                 ? 
_entity_src_gen.pdbx_host_org_culture_collection   ? 
_entity_src_gen.pdbx_host_org_cell                 ? 
_entity_src_gen.pdbx_host_org_organelle            ? 
_entity_src_gen.pdbx_host_org_cellular_location    ? 
_entity_src_gen.pdbx_host_org_vector_type          ? 
_entity_src_gen.pdbx_host_org_vector               ? 
_entity_src_gen.host_org_details                   ? 
_entity_src_gen.expression_system_id               ? 
_entity_src_gen.plasmid_name                       ? 
_entity_src_gen.plasmid_details                    ? 
_entity_src_gen.pdbx_description                   ? 
# 
loop_
_chem_comp.id 
_chem_comp.type 
_chem_comp.mon_nstd_flag 
_chem_comp.name 
_chem_comp.pdbx_synonyms 
_chem_comp.formula 
_chem_comp.formula_weight 
1I9 non-polymer         . 
;3-[4-(5-chloropyridin-3-yl)-2-[(R)-cyclopropyl(ethoxy)methyl]-3-{(1R)-1-[(1r,4R)-4-methylcyclohexyl]ethyl}-3H-imidazo[4,5-c]pyridin-6-yl]-1,2,4-oxadiazol-5(4H)-one
;
?                               'C28 H33 Cl N6 O3' 537.053 
ALA 'L-peptide linking' y ALANINE ?                               'C3 H7 N O2'       89.093  
ARG 'L-peptide linking' y ARGININE ?                               'C6 H15 N4 O2 1'   175.209 
ASN 'L-peptide linking' y ASPARAGINE ?                               'C4 H8 N2 O3'      132.118 
ASP 'L-peptide linking' y 'ASPARTIC ACID' ?                               'C4 H7 N O4'       133.103 
CL  non-polymer         . 'CHLORIDE ION' ?                               'Cl -1'            35.453  
CYS 'L-peptide linking' y CYSTEINE ?                               'C3 H7 N O2 S'     121.158 
GLN 'L-peptide linking' y GLUTAMINE ?                               'C5 H10 N2 O3'     146.144 
GLU 'L-peptide linking' y 'GLUTAMIC ACID' ?                               'C5 H9 N O4'       147.129 
GLY 'peptide linking'   y GLYCINE ?                               'C2 H5 N O2'       75.067  
GOL non-polymer         . GLYCEROL 'GLYCERIN; PROPANE-1,2,3-TRIOL' 'C3 H8 O3'         92.094  
HIS 'L-peptide linking' y HISTIDINE ?                               'C6 H10 N3 O2 1'   156.162 
HOH non-polymer         . WATER ?                               'H2 O'             18.015  
ILE 'L-peptide linking' y ISOLEUCINE ?                               'C6 H13 N O2'      131.173 
LEU 'L-peptide linking' y LEUCINE ?                               'C6 H13 N O2'      131.173 
LYS 'L-peptide linking' y LYSINE ?                               'C6 H15 N2 O2 1'   147.195 
MET 'L-peptide linking' y METHIONINE ?                               'C5 H11 N O2 S'    149.211 
PHE 'L-peptide linking' y PHENYLALANINE ?                               'C9 H11 N O2'      165.189 
PRO 'L-peptide linking' y PROLINE ?                               'C5 H9 N O2'       115.130 
SER 'L-peptide linking' y SERINE ?                               'C3 H7 N O3'       105.093 
THR 'L-peptide linking' y THREONINE ?                               'C4 H9 N O3'       119.119 
TYR 'L-peptide linking' y TYROSINE ?                               'C9 H11 N O3'      181.189 
VAL 'L-peptide linking' y VALINE ?                               'C5 H11 N O2'      117.146 
# 
loop_
_pdbx_poly_seq_scheme.asym_id 
_pdbx_poly_seq_scheme.entity_id 
_pdbx_poly_seq_scheme.seq_id 
_pdbx_poly_seq_scheme.mon_id 
_pdbx_poly_seq_scheme.ndb_seq_num 
_pdbx_poly_seq_scheme.pdb_seq_num 
_pdbx_poly_seq_scheme.auth_seq_num 
_pdbx_poly_seq_scheme.pdb_mon_id 
_pdbx_poly_seq_scheme.auth_mon_id 
_pdbx_poly_seq_scheme.pdb_strand_id 
_pdbx_poly_seq_scheme.pdb_ins_code 
_pdbx_poly_seq_scheme.hetero 
A 1 1   GLY 1   16  16  GLY GLY A . n 
A 1 2   SER 2   17  17  SER SER A . n 
A 1 3   GLN 3   18  18  GLN GLN A . n 
A 1 4   ILE 4   19  19  ILE ILE A . n 
A 1 5   PRO 5   20  20  PRO PRO A . n 
A 1 6   ALA 6   21  21  ALA ALA A . n 
A 1 7   SER 7   22  22  SER SER A . n 
A 1 8   GLU 8   23  23  GLU GLU A . n 
A 1 9   GLN 9   24  24  GLN GLN A . n 
A 1 10  GLU 10  25  25  GLU GLU A . n 
A 1 11  THR 11  26  26  THR THR A . n 
A 1 12  LEU 12  27  27  LEU LEU A . n 
A 1 13  VAL 13  28  28  VAL VAL A . n 
A 1 14  ARG 14  29  29  ARG ARG A . n 
A 1 15  PRO 15  30  30  PRO PRO A . n 
A 1 16  LYS 16  31  31  LYS LYS A . n 
A 1 17  PRO 17  32  32  PRO PRO A . n 
A 1 18  LEU 18  33  33  LEU LEU A . n 
A 1 19  LEU 19  34  34  LEU LEU A . n 
A 1 20  LEU 20  35  35  LEU LEU A . n 
A 1 21  LYS 21  36  36  LYS LYS A . n 
A 1 22  LEU 22  37  37  LEU LEU A . n 
A 1 23  LEU 23  38  38  LEU LEU A . n 
A 1 24  LYS 24  39  39  LYS LYS A . n 
A 1 25  SER 25  40  40  SER SER A . n 
A 1 26  VAL 26  41  41  VAL VAL A . n 
A 1 27  GLY 27  42  42  GLY GLY A . n 
A 1 28  ALA 28  43  43  ALA ALA A . n 
A 1 29  GLN 29  44  44  GLN GLN A . n 
A 1 30  LYS 30  45  45  LYS LYS A . n 
A 1 31  ASP 31  46  46  ASP ASP A . n 
A 1 32  THR 32  47  47  THR THR A . n 
A 1 33  TYR 33  48  48  TYR TYR A . n 
A 1 34  THR 34  49  49  THR THR A . n 
A 1 35  MET 35  50  50  MET MET A . n 
A 1 36  LYS 36  51  51  LYS LYS A . n 
A 1 37  GLU 37  52  52  GLU GLU A . n 
A 1 38  VAL 38  53  53  VAL VAL A . n 
A 1 39  LEU 39  54  54  LEU LEU A . n 
A 1 40  PHE 40  55  55  PHE PHE A . n 
A 1 41  TYR 41  56  56  TYR TYR A . n 
A 1 42  LEU 42  57  57  LEU LEU A . n 
A 1 43  GLY 43  58  58  GLY GLY A . n 
A 1 44  GLN 44  59  59  GLN GLN A . n 
A 1 45  TYR 45  60  60  TYR TYR A . n 
A 1 46  ILE 46  61  61  ILE ILE A . n 
A 1 47  MET 47  62  62  MET MET A . n 
A 1 48  THR 48  63  63  THR THR A . n 
A 1 49  LYS 49  64  64  LYS LYS A . n 
A 1 50  ARG 50  65  65  ARG ARG A . n 
A 1 51  LEU 51  66  66  LEU LEU A . n 
A 1 52  TYR 52  67  67  TYR TYR A . n 
A 1 53  ASP 53  68  68  ASP ASP A . n 
A 1 54  GLU 54  69  69  GLU GLU A . n 
A 1 55  LYS 55  70  70  LYS LYS A . n 
A 1 56  GLN 56  71  71  GLN GLN A . n 
A 1 57  GLN 57  72  72  GLN GLN A . n 
A 1 58  HIS 58  73  73  HIS HIS A . n 
A 1 59  ILE 59  74  74  ILE ILE A . n 
A 1 60  VAL 60  75  75  VAL VAL A . n 
A 1 61  TYR 61  76  76  TYR TYR A . n 
A 1 62  CYS 62  77  77  CYS CYS A . n 
A 1 63  SER 63  78  78  SER SER A . n 
A 1 64  ASN 64  79  79  ASN ASN A . n 
A 1 65  ASP 65  80  80  ASP ASP A . n 
A 1 66  LEU 66  81  81  LEU LEU A . n 
A 1 67  LEU 67  82  82  LEU LEU A . n 
A 1 68  GLY 68  83  83  GLY GLY A . n 
A 1 69  ASP 69  84  84  ASP ASP A . n 
A 1 70  LEU 70  85  85  LEU LEU A . n 
A 1 71  PHE 71  86  86  PHE PHE A . n 
A 1 72  GLY 72  87  87  GLY GLY A . n 
A 1 73  VAL 73  88  88  VAL VAL A . n 
A 1 74  PRO 74  89  89  PRO PRO A . n 
A 1 75  SER 75  90  90  SER SER A . n 
A 1 76  PHE 76  91  91  PHE PHE A . n 
A 1 77  SER 77  92  92  SER SER A . n 
A 1 78  VAL 78  93  93  VAL VAL A . n 
A 1 79  LYS 79  94  94  LYS LYS A . n 
A 1 80  GLU 80  95  95  GLU GLU A . n 
A 1 81  HIS 81  96  96  HIS HIS A . n 
A 1 82  ARG 82  97  97  ARG ARG A . n 
A 1 83  LYS 83  98  98  LYS LYS A . n 
A 1 84  ILE 84  99  99  ILE ILE A . n 
A 1 85  TYR 85  100 100 TYR TYR A . n 
A 1 86  THR 86  101 101 THR THR A . n 
A 1 87  MET 87  102 102 MET MET A . n 
A 1 88  ILE 88  103 103 ILE ILE A . n 
A 1 89  TYR 89  104 104 TYR TYR A . n 
A 1 90  ARG 90  105 105 ARG ARG A . n 
A 1 91  ASN 91  106 106 ASN ASN A . n 
A 1 92  LEU 92  107 107 LEU LEU A . n 
A 1 93  VAL 93  108 108 VAL VAL A . n 
A 1 94  VAL 94  109 109 VAL VAL A . n 
A 1 95  VAL 95  110 110 VAL VAL A . n 
A 1 96  ASN 96  111 111 ASN ASN A . n 
A 1 97  GLN 97  112 ?   ?   ?   A . n 
A 1 98  GLN 98  113 ?   ?   ?   A . n 
A 1 99  GLU 99  114 ?   ?   ?   A . n 
A 1 100 SER 100 115 ?   ?   ?   A . n 
A 1 101 SER 101 116 ?   ?   ?   A . n 
A 1 102 ASP 102 117 ?   ?   ?   A . n 
A 1 103 SER 103 118 ?   ?   ?   A . n 
A 1 104 GLY 104 119 ?   ?   ?   A . n 
A 1 105 THR 105 120 ?   ?   ?   A . n 
A 1 106 SER 106 121 ?   ?   ?   A . n 
A 1 107 VAL 107 122 ?   ?   ?   A . n 
A 1 108 SER 108 123 ?   ?   ?   A . n 
A 1 109 GLU 109 124 ?   ?   ?   A . n 
A 1 110 ASN 110 125 ?   ?   ?   A . n 
# 
loop_
_pdbx_nonpoly_scheme.asym_id 
_pdbx_nonpoly_scheme.entity_id 
_pdbx_nonpoly_scheme.mon_id 
_pdbx_nonpoly_scheme.ndb_seq_num 
_pdbx_nonpoly_scheme.pdb_seq_num 
_pdbx_nonpoly_scheme.auth_seq_num 
_pdbx_nonpoly_scheme.pdb_mon_id 
_pdbx_nonpoly_scheme.auth_mon_id 
_pdbx_nonpoly_scheme.pdb_strand_id 
_pdbx_nonpoly_scheme.pdb_ins_code 
B 2 1I9 1  201 1  1I9 INX A . 
C 3 GOL 1  202 1  GOL GOL A . 
D 3 GOL 1  203 2  GOL GOL A . 
E 4 CL  1  204 3  CL  CL  A . 
F 5 HOH 1  301 28 HOH HOH A . 
F 5 HOH 2  302 16 HOH HOH A . 
F 5 HOH 3  303 14 HOH HOH A . 
F 5 HOH 4  304 1  HOH HOH A . 
F 5 HOH 5  305 8  HOH HOH A . 
F 5 HOH 6  306 2  HOH HOH A . 
F 5 HOH 7  307 24 HOH HOH A . 
F 5 HOH 8  308 7  HOH HOH A . 
F 5 HOH 9  309 23 HOH HOH A . 
F 5 HOH 10 310 10 HOH HOH A . 
F 5 HOH 11 311 19 HOH HOH A . 
F 5 HOH 12 312 9  HOH HOH A . 
F 5 HOH 13 313 17 HOH HOH A . 
F 5 HOH 14 314 11 HOH HOH A . 
F 5 HOH 15 315 13 HOH HOH A . 
F 5 HOH 16 316 4  HOH HOH A . 
F 5 HOH 17 317 21 HOH HOH A . 
F 5 HOH 18 318 6  HOH HOH A . 
F 5 HOH 19 319 12 HOH HOH A . 
F 5 HOH 20 320 20 HOH HOH A . 
F 5 HOH 21 321 15 HOH HOH A . 
F 5 HOH 22 322 3  HOH HOH A . 
F 5 HOH 23 323 18 HOH HOH A . 
F 5 HOH 24 324 27 HOH HOH A . 
F 5 HOH 25 325 26 HOH HOH A . 
F 5 HOH 26 326 29 HOH HOH A . 
F 5 HOH 27 327 22 HOH HOH A . 
F 5 HOH 28 328 25 HOH HOH A . 
F 5 HOH 29 329 5  HOH HOH A . 
# 
loop_
_pdbx_unobs_or_zero_occ_atoms.id 
_pdbx_unobs_or_zero_occ_atoms.PDB_model_num 
_pdbx_unobs_or_zero_occ_atoms.polymer_flag 
_pdbx_unobs_or_zero_occ_atoms.occupancy_flag 
_pdbx_unobs_or_zero_occ_atoms.auth_asym_id 
_pdbx_unobs_or_zero_occ_atoms.auth_comp_id 
_pdbx_unobs_or_zero_occ_atoms.auth_seq_id 
_pdbx_unobs_or_zero_occ_atoms.PDB_ins_code 
_pdbx_unobs_or_zero_occ_atoms.auth_atom_id 
_pdbx_unobs_or_zero_occ_atoms.label_alt_id 
_pdbx_unobs_or_zero_occ_atoms.label_asym_id 
_pdbx_unobs_or_zero_occ_atoms.label_comp_id 
_pdbx_unobs_or_zero_occ_atoms.label_seq_id 
_pdbx_unobs_or_zero_occ_atoms.label_atom_id 
1  1 Y 0 A GLN 18  ? CG  ? A GLN 3  CG  
2  1 Y 0 A GLN 18  ? CD  ? A GLN 3  CD  
3  1 Y 0 A GLN 18  ? OE1 ? A GLN 3  OE1 
4  1 Y 0 A GLN 18  ? NE2 ? A GLN 3  NE2 
5  1 Y 0 A GLN 44  ? CG  ? A GLN 29 CG  
6  1 Y 0 A GLN 44  ? CD  ? A GLN 29 CD  
7  1 Y 0 A GLN 44  ? OE1 ? A GLN 29 OE1 
8  1 Y 0 A GLN 44  ? NE2 ? A GLN 29 NE2 
9  1 Y 0 A GLU 69  ? CD  ? A GLU 54 CD  
10 1 Y 0 A GLU 69  ? OE1 ? A GLU 54 OE1 
11 1 Y 0 A GLU 69  ? OE2 ? A GLU 54 OE2 
12 1 Y 0 A LYS 70  ? NZ  ? A LYS 55 NZ  
13 1 Y 0 A LYS 94  ? CE  ? A LYS 79 CE  
14 1 Y 0 A LYS 94  ? NZ  ? A LYS 79 NZ  
15 1 Y 0 A LYS 98  ? CE  ? A LYS 83 CE  
16 1 Y 0 A LYS 98  ? NZ  ? A LYS 83 NZ  
17 1 Y 0 A ARG 105 ? CZ  ? A ARG 90 CZ  
18 1 Y 0 A ARG 105 ? NH1 ? A ARG 90 NH1 
19 1 Y 0 A ARG 105 ? NH2 ? A ARG 90 NH2 
# 
loop_
_software.citation_id 
_software.classification 
_software.compiler_name 
_software.compiler_version 
_software.contact_author 
_software.contact_author_email 
_software.date 
_software.description 
_software.dependencies 
_software.hardware 
_software.language 
_software.location 
_software.mods 
_software.name 
_software.os 
_software.os_version 
_software.type 
_software.version 
_software.pdbx_ordinal 
? 'data scaling'    ? ? ? ? ? ? ? ? ? ? ? XSCALE      ? ? ? .        1 
? refinement        ? ? ? ? ? ? ? ? ? ? ? REFMAC      ? ? ? 5.6.0117 2 
? 'data extraction' ? ? ? ? ? ? ? ? ? ? ? PDB_EXTRACT ? ? ? 3.27     3 
? 'data reduction'  ? ? ? ? ? ? ? ? ? ? ? XDS         ? ? ? .        4 
? phasing           ? ? ? ? ? ? ? ? ? ? ? REFMAC      ? ? ? .        5 
# 
_cell.angle_alpha                  90.000 
_cell.angle_alpha_esd              ? 
_cell.angle_beta                   90.000 
_cell.angle_beta_esd               ? 
_cell.angle_gamma                  120.000 
_cell.angle_gamma_esd              ? 
_cell.entry_id                     7NA4 
_cell.details                      ? 
_cell.formula_units_Z              ? 
_cell.length_a                     55.736 
_cell.length_a_esd                 ? 
_cell.length_b                     55.736 
_cell.length_b_esd                 ? 
_cell.length_c                     101.296 
_cell.length_c_esd                 ? 
_cell.volume                       ? 
_cell.volume_esd                   ? 
_cell.Z_PDB                        12 
_cell.reciprocal_angle_alpha       ? 
_cell.reciprocal_angle_beta        ? 
_cell.reciprocal_angle_gamma       ? 
_cell.reciprocal_angle_alpha_esd   ? 
_cell.reciprocal_angle_beta_esd    ? 
_cell.reciprocal_angle_gamma_esd   ? 
_cell.reciprocal_length_a          ? 
_cell.reciprocal_length_b          ? 
_cell.reciprocal_length_c          ? 
_cell.reciprocal_length_a_esd      ? 
_cell.reciprocal_length_b_esd      ? 
_cell.reciprocal_length_c_esd      ? 
_cell.pdbx_unique_axis             ? 
# 
_symmetry.entry_id                         7NA4 
_symmetry.cell_setting                     ? 
_symmetry.Int_Tables_number                178 
_symmetry.space_group_name_Hall            ? 
_symmetry.space_group_name_H-M             'P 61 2 2' 
_symmetry.pdbx_full_space_group_name_H-M   ? 
# 
_exptl.absorpt_coefficient_mu     ? 
_exptl.absorpt_correction_T_max   ? 
_exptl.absorpt_correction_T_min   ? 
_exptl.absorpt_correction_type    ? 
_exptl.absorpt_process_details    ? 
_exptl.entry_id                   7NA4 
_exptl.crystals_number            1 
_exptl.details                    ? 
_exptl.method                     'X-RAY DIFFRACTION' 
_exptl.method_details             ? 
# 
_exptl_crystal.colour                      ? 
_exptl_crystal.density_diffrn              ? 
_exptl_crystal.density_Matthews            1.8 
_exptl_crystal.density_method              ? 
_exptl_crystal.density_percent_sol         31.80 
_exptl_crystal.description                 ? 
_exptl_crystal.F_000                       ? 
_exptl_crystal.id                          1 
_exptl_crystal.preparation                 ? 
_exptl_crystal.size_max                    ? 
_exptl_crystal.size_mid                    ? 
_exptl_crystal.size_min                    ? 
_exptl_crystal.size_rad                    ? 
_exptl_crystal.colour_lustre               ? 
_exptl_crystal.colour_modifier             ? 
_exptl_crystal.colour_primary              ? 
_exptl_crystal.density_meas                ? 
_exptl_crystal.density_meas_esd            ? 
_exptl_crystal.density_meas_gt             ? 
_exptl_crystal.density_meas_lt             ? 
_exptl_crystal.density_meas_temp           ? 
_exptl_crystal.density_meas_temp_esd       ? 
_exptl_crystal.density_meas_temp_gt        ? 
_exptl_crystal.density_meas_temp_lt        ? 
_exptl_crystal.pdbx_crystal_image_url      ? 
_exptl_crystal.pdbx_crystal_image_format   ? 
_exptl_crystal.pdbx_mosaicity              ? 
_exptl_crystal.pdbx_mosaicity_esd          ? 
# 
_exptl_crystal_grow.apparatus       ? 
_exptl_crystal_grow.atmosphere      ? 
_exptl_crystal_grow.crystal_id      1 
_exptl_crystal_grow.details         ? 
_exptl_crystal_grow.method          'VAPOR DIFFUSION' 
_exptl_crystal_grow.method_ref      ? 
_exptl_crystal_grow.pH              ? 
_exptl_crystal_grow.pressure        ? 
_exptl_crystal_grow.pressure_esd    ? 
_exptl_crystal_grow.seeding         ? 
_exptl_crystal_grow.seeding_ref     ? 
_exptl_crystal_grow.temp            293 
_exptl_crystal_grow.temp_details    ? 
_exptl_crystal_grow.temp_esd        ? 
_exptl_crystal_grow.time            ? 
_exptl_crystal_grow.pdbx_details    undisclosed 
_exptl_crystal_grow.pdbx_pH_range   ? 
# 
_diffrn.ambient_environment              ? 
_diffrn.ambient_temp                     100.000 
_diffrn.ambient_temp_details             ? 
_diffrn.ambient_temp_esd                 ? 
_diffrn.crystal_id                       1 
_diffrn.crystal_support                  ? 
_diffrn.crystal_treatment                ? 
_diffrn.details                          ? 
_diffrn.id                               1 
_diffrn.ambient_pressure                 ? 
_diffrn.ambient_pressure_esd             ? 
_diffrn.ambient_pressure_gt              ? 
_diffrn.ambient_pressure_lt              ? 
_diffrn.ambient_temp_gt                  ? 
_diffrn.ambient_temp_lt                  ? 
_diffrn.pdbx_serial_crystal_experiment   N 
# 
_diffrn_detector.details                      ? 
_diffrn_detector.detector                     PIXEL 
_diffrn_detector.diffrn_id                    1 
_diffrn_detector.type                         'DECTRIS PILATUS 6M' 
_diffrn_detector.area_resol_mean              ? 
_diffrn_detector.dtime                        ? 
_diffrn_detector.pdbx_frames_total            ? 
_diffrn_detector.pdbx_collection_time_total   ? 
_diffrn_detector.pdbx_collection_date         2013-11-01 
_diffrn_detector.pdbx_frequency               ? 
# 
_diffrn_radiation.collimation                      ? 
_diffrn_radiation.diffrn_id                        1 
_diffrn_radiation.filter_edge                      ? 
_diffrn_radiation.inhomogeneity                    ? 
_diffrn_radiation.monochromator                    ? 
_diffrn_radiation.polarisn_norm                    ? 
_diffrn_radiation.polarisn_ratio                   ? 
_diffrn_radiation.probe                            ? 
_diffrn_radiation.type                             ? 
_diffrn_radiation.xray_symbol                      ? 
_diffrn_radiation.wavelength_id                    1 
_diffrn_radiation.pdbx_monochromatic_or_laue_m_l   M 
_diffrn_radiation.pdbx_wavelength_list             ? 
_diffrn_radiation.pdbx_wavelength                  ? 
_diffrn_radiation.pdbx_diffrn_protocol             'SINGLE WAVELENGTH' 
_diffrn_radiation.pdbx_analyzer                    ? 
_diffrn_radiation.pdbx_scattering_type             x-ray 
# 
_diffrn_radiation_wavelength.id           1 
_diffrn_radiation_wavelength.wavelength   1.03 
_diffrn_radiation_wavelength.wt           1.0 
# 
_diffrn_source.current                     ? 
_diffrn_source.details                     ? 
_diffrn_source.diffrn_id                   1 
_diffrn_source.power                       ? 
_diffrn_source.size                        ? 
_diffrn_source.source                      SYNCHROTRON 
_diffrn_source.target                      ? 
_diffrn_source.type                        'ESRF BEAMLINE ID23-1' 
_diffrn_source.voltage                     ? 
_diffrn_source.take-off_angle              ? 
_diffrn_source.pdbx_wavelength_list        1.03 
_diffrn_source.pdbx_wavelength             ? 
_diffrn_source.pdbx_synchrotron_beamline   ID23-1 
_diffrn_source.pdbx_synchrotron_site       ESRF 
# 
_reflns.B_iso_Wilson_estimate                          35.874 
_reflns.entry_id                                       7NA4 
_reflns.data_reduction_details                         ? 
_reflns.data_reduction_method                          ? 
_reflns.d_resolution_high                              1.840 
_reflns.d_resolution_low                               48.280 
_reflns.details                                        ? 
_reflns.limit_h_max                                    ? 
_reflns.limit_h_min                                    ? 
_reflns.limit_k_max                                    ? 
_reflns.limit_k_min                                    ? 
_reflns.limit_l_max                                    ? 
_reflns.limit_l_min                                    ? 
_reflns.number_all                                     ? 
_reflns.number_obs                                     8607 
_reflns.observed_criterion                             ? 
_reflns.observed_criterion_F_max                       ? 
_reflns.observed_criterion_F_min                       ? 
_reflns.observed_criterion_I_max                       ? 
_reflns.observed_criterion_I_min                       ? 
_reflns.observed_criterion_sigma_F                     ? 
_reflns.observed_criterion_sigma_I                     ? 
_reflns.percent_possible_obs                           99.900 
_reflns.R_free_details                                 ? 
_reflns.Rmerge_F_all                                   ? 
_reflns.Rmerge_F_obs                                   ? 
_reflns.Friedel_coverage                               ? 
_reflns.number_gt                                      ? 
_reflns.threshold_expression                           ? 
_reflns.pdbx_redundancy                                19.700 
_reflns.pdbx_Rmerge_I_obs                              0.063 
_reflns.pdbx_Rmerge_I_all                              ? 
_reflns.pdbx_Rsym_value                                ? 
_reflns.pdbx_netI_over_av_sigmaI                       ? 
_reflns.pdbx_netI_over_sigmaI                          31.770 
_reflns.pdbx_res_netI_over_av_sigmaI_2                 ? 
_reflns.pdbx_res_netI_over_sigmaI_2                    ? 
_reflns.pdbx_chi_squared                               0.974 
_reflns.pdbx_scaling_rejects                           ? 
_reflns.pdbx_d_res_high_opt                            ? 
_reflns.pdbx_d_res_low_opt                             ? 
_reflns.pdbx_d_res_opt_method                          ? 
_reflns.phase_calculation_details                      ? 
_reflns.pdbx_Rrim_I_all                                0.065 
_reflns.pdbx_Rpim_I_all                                ? 
_reflns.pdbx_d_opt                                     ? 
_reflns.pdbx_number_measured_all                       ? 
_reflns.pdbx_diffrn_id                                 1 
_reflns.pdbx_ordinal                                   1 
_reflns.pdbx_CC_half                                   1.000 
_reflns.pdbx_CC_star                                   ? 
_reflns.pdbx_R_split                                   ? 
_reflns.pdbx_aniso_diffraction_limit_axis_1_ortho[1]   ? 
_reflns.pdbx_aniso_diffraction_limit_axis_1_ortho[2]   ? 
_reflns.pdbx_aniso_diffraction_limit_axis_1_ortho[3]   ? 
_reflns.pdbx_aniso_diffraction_limit_axis_2_ortho[1]   ? 
_reflns.pdbx_aniso_diffraction_limit_axis_2_ortho[2]   ? 
_reflns.pdbx_aniso_diffraction_limit_axis_2_ortho[3]   ? 
_reflns.pdbx_aniso_diffraction_limit_axis_3_ortho[1]   ? 
_reflns.pdbx_aniso_diffraction_limit_axis_3_ortho[2]   ? 
_reflns.pdbx_aniso_diffraction_limit_axis_3_ortho[3]   ? 
_reflns.pdbx_aniso_diffraction_limit_1                 ? 
_reflns.pdbx_aniso_diffraction_limit_2                 ? 
_reflns.pdbx_aniso_diffraction_limit_3                 ? 
_reflns.pdbx_aniso_B_tensor_eigenvector_1_ortho[1]     ? 
_reflns.pdbx_aniso_B_tensor_eigenvector_1_ortho[2]     ? 
_reflns.pdbx_aniso_B_tensor_eigenvector_1_ortho[3]     ? 
_reflns.pdbx_aniso_B_tensor_eigenvector_2_ortho[1]     ? 
_reflns.pdbx_aniso_B_tensor_eigenvector_2_ortho[2]     ? 
_reflns.pdbx_aniso_B_tensor_eigenvector_2_ortho[3]     ? 
_reflns.pdbx_aniso_B_tensor_eigenvector_3_ortho[1]     ? 
_reflns.pdbx_aniso_B_tensor_eigenvector_3_ortho[2]     ? 
_reflns.pdbx_aniso_B_tensor_eigenvector_3_ortho[3]     ? 
_reflns.pdbx_aniso_B_tensor_eigenvalue_1               ? 
_reflns.pdbx_aniso_B_tensor_eigenvalue_2               ? 
_reflns.pdbx_aniso_B_tensor_eigenvalue_3               ? 
_reflns.pdbx_orthogonalization_convention              ? 
_reflns.pdbx_percent_possible_ellipsoidal              ? 
_reflns.pdbx_percent_possible_spherical                ? 
_reflns.pdbx_percent_possible_ellipsoidal_anomalous    ? 
_reflns.pdbx_percent_possible_spherical_anomalous      ? 
_reflns.pdbx_redundancy_anomalous                      ? 
_reflns.pdbx_CC_half_anomalous                         ? 
_reflns.pdbx_absDiff_over_sigma_anomalous              ? 
_reflns.pdbx_percent_possible_anomalous                ? 
_reflns.pdbx_observed_signal_threshold                 ? 
_reflns.pdbx_signal_type                               ? 
_reflns.pdbx_signal_details                            ? 
_reflns.pdbx_signal_software_id                        ? 
# 
_reflns_shell.d_res_high                                    1.840 
_reflns_shell.d_res_low                                     2.09 
_reflns_shell.meanI_over_sigI_all                           ? 
_reflns_shell.meanI_over_sigI_obs                           5.5 
_reflns_shell.number_measured_all                           ? 
_reflns_shell.number_measured_obs                           ? 
_reflns_shell.number_possible                               ? 
_reflns_shell.number_unique_all                             ? 
_reflns_shell.number_unique_obs                             46 
_reflns_shell.percent_possible_all                          99.700 
_reflns_shell.percent_possible_obs                          ? 
_reflns_shell.Rmerge_F_all                                  ? 
_reflns_shell.Rmerge_F_obs                                  ? 
_reflns_shell.Rmerge_I_all                                  ? 
_reflns_shell.Rmerge_I_obs                                  0.599 
_reflns_shell.meanI_over_sigI_gt                            ? 
_reflns_shell.meanI_over_uI_all                             ? 
_reflns_shell.meanI_over_uI_gt                              ? 
_reflns_shell.number_measured_gt                            ? 
_reflns_shell.number_unique_gt                              ? 
_reflns_shell.percent_possible_gt                           ? 
_reflns_shell.Rmerge_F_gt                                   ? 
_reflns_shell.Rmerge_I_gt                                   ? 
_reflns_shell.pdbx_redundancy                               18.600 
_reflns_shell.pdbx_Rsym_value                               ? 
_reflns_shell.pdbx_chi_squared                              ? 
_reflns_shell.pdbx_netI_over_sigmaI_all                     ? 
_reflns_shell.pdbx_netI_over_sigmaI_obs                     ? 
_reflns_shell.pdbx_Rrim_I_all                               0.026 
_reflns_shell.pdbx_Rpim_I_all                               ? 
_reflns_shell.pdbx_rejects                                  ? 
_reflns_shell.pdbx_ordinal                                  1 
_reflns_shell.pdbx_diffrn_id                                1 
_reflns_shell.pdbx_CC_half                                  1.000 
_reflns_shell.pdbx_CC_star                                  ? 
_reflns_shell.pdbx_R_split                                  ? 
_reflns_shell.pdbx_percent_possible_ellipsoidal             ? 
_reflns_shell.pdbx_percent_possible_spherical               ? 
_reflns_shell.pdbx_percent_possible_ellipsoidal_anomalous   ? 
_reflns_shell.pdbx_percent_possible_spherical_anomalous     ? 
_reflns_shell.pdbx_redundancy_anomalous                     ? 
_reflns_shell.pdbx_CC_half_anomalous                        ? 
_reflns_shell.pdbx_absDiff_over_sigma_anomalous             ? 
_reflns_shell.pdbx_percent_possible_anomalous               ? 
# 
_refine.aniso_B[1][1]                            -1.3600 
_refine.aniso_B[1][2]                            -0.6800 
_refine.aniso_B[1][3]                            0.0000 
_refine.aniso_B[2][2]                            -1.3600 
_refine.aniso_B[2][3]                            0.0000 
_refine.aniso_B[3][3]                            2.0400 
_refine.B_iso_max                                125.530 
_refine.B_iso_mean                               30.9900 
_refine.B_iso_min                                17.500 
_refine.correlation_coeff_Fo_to_Fc               0.9610 
_refine.correlation_coeff_Fo_to_Fc_free          0.9630 
_refine.details                                  
'HYDROGENS HAVE BEEN ADDED IN THE RIDING POSITIONS U VALUES      : REFINED INDIVIDUALLY' 
_refine.diff_density_max                         ? 
_refine.diff_density_max_esd                     ? 
_refine.diff_density_min                         ? 
_refine.diff_density_min_esd                     ? 
_refine.diff_density_rms                         ? 
_refine.diff_density_rms_esd                     ? 
_refine.entry_id                                 7NA4 
_refine.pdbx_refine_id                           'X-RAY DIFFRACTION' 
_refine.ls_abs_structure_details                 ? 
_refine.ls_abs_structure_Flack                   ? 
_refine.ls_abs_structure_Flack_esd               ? 
_refine.ls_abs_structure_Rogers                  ? 
_refine.ls_abs_structure_Rogers_esd              ? 
_refine.ls_d_res_high                            1.8400 
_refine.ls_d_res_low                             48.2800 
_refine.ls_extinction_coef                       ? 
_refine.ls_extinction_coef_esd                   ? 
_refine.ls_extinction_expression                 ? 
_refine.ls_extinction_method                     ? 
_refine.ls_goodness_of_fit_all                   ? 
_refine.ls_goodness_of_fit_all_esd               ? 
_refine.ls_goodness_of_fit_obs                   ? 
_refine.ls_goodness_of_fit_obs_esd               ? 
_refine.ls_hydrogen_treatment                    ? 
_refine.ls_matrix_type                           ? 
_refine.ls_number_constraints                    ? 
_refine.ls_number_parameters                     ? 
_refine.ls_number_reflns_all                     ? 
_refine.ls_number_reflns_obs                     7743 
_refine.ls_number_reflns_R_free                  864 
_refine.ls_number_reflns_R_work                  ? 
_refine.ls_number_restraints                     ? 
_refine.ls_percent_reflns_obs                    99.9100 
_refine.ls_percent_reflns_R_free                 10.0000 
_refine.ls_R_factor_all                          ? 
_refine.ls_R_factor_obs                          0.1938 
_refine.ls_R_factor_R_free                       0.2173 
_refine.ls_R_factor_R_free_error                 ? 
_refine.ls_R_factor_R_free_error_details         ? 
_refine.ls_R_factor_R_work                       0.1910 
_refine.ls_R_Fsqd_factor_obs                     ? 
_refine.ls_R_I_factor_obs                        ? 
_refine.ls_redundancy_reflns_all                 ? 
_refine.ls_redundancy_reflns_obs                 ? 
_refine.ls_restrained_S_all                      ? 
_refine.ls_restrained_S_obs                      ? 
_refine.ls_shift_over_esd_max                    ? 
_refine.ls_shift_over_esd_mean                   ? 
_refine.ls_structure_factor_coef                 ? 
_refine.ls_weighting_details                     ? 
_refine.ls_weighting_scheme                      ? 
_refine.ls_wR_factor_all                         ? 
_refine.ls_wR_factor_obs                         ? 
_refine.ls_wR_factor_R_free                      ? 
_refine.ls_wR_factor_R_work                      ? 
_refine.occupancy_max                            ? 
_refine.occupancy_min                            ? 
_refine.solvent_model_details                    'BABINET MODEL WITH MASK' 
_refine.solvent_model_param_bsol                 ? 
_refine.solvent_model_param_ksol                 ? 
_refine.pdbx_R_complete                          ? 
_refine.ls_R_factor_gt                           ? 
_refine.ls_goodness_of_fit_gt                    ? 
_refine.ls_goodness_of_fit_ref                   ? 
_refine.ls_shift_over_su_max                     ? 
_refine.ls_shift_over_su_max_lt                  ? 
_refine.ls_shift_over_su_mean                    ? 
_refine.ls_shift_over_su_mean_lt                 ? 
_refine.pdbx_ls_sigma_I                          ? 
_refine.pdbx_ls_sigma_F                          0.000 
_refine.pdbx_ls_sigma_Fsqd                       ? 
_refine.pdbx_data_cutoff_high_absF               ? 
_refine.pdbx_data_cutoff_high_rms_absF           ? 
_refine.pdbx_data_cutoff_low_absF                ? 
_refine.pdbx_isotropic_thermal_model             ? 
_refine.pdbx_ls_cross_valid_method               THROUGHOUT 
_refine.pdbx_method_to_determine_struct          'MOLECULAR REPLACEMENT' 
_refine.pdbx_starting_model                      ? 
_refine.pdbx_stereochemistry_target_values       'MAXIMUM LIKELIHOOD' 
_refine.pdbx_R_Free_selection_details            RANDOM 
_refine.pdbx_stereochem_target_val_spec_case     ? 
_refine.pdbx_overall_ESU_R                       0.1610 
_refine.pdbx_overall_ESU_R_Free                  0.1370 
_refine.pdbx_solvent_vdw_probe_radii             1.2000 
_refine.pdbx_solvent_ion_probe_radii             0.8000 
_refine.pdbx_solvent_shrinkage_radii             0.8000 
_refine.pdbx_real_space_R                        ? 
_refine.pdbx_density_correlation                 ? 
_refine.pdbx_pd_number_of_powder_patterns        ? 
_refine.pdbx_pd_number_of_points                 ? 
_refine.pdbx_pd_meas_number_of_points            ? 
_refine.pdbx_pd_proc_ls_prof_R_factor            ? 
_refine.pdbx_pd_proc_ls_prof_wR_factor           ? 
_refine.pdbx_pd_Marquardt_correlation_coeff      ? 
_refine.pdbx_pd_Fsqrd_R_factor                   ? 
_refine.pdbx_pd_ls_matrix_band_width             ? 
_refine.pdbx_overall_phase_error                 ? 
_refine.pdbx_overall_SU_R_free_Cruickshank_DPI   ? 
_refine.pdbx_overall_SU_R_free_Blow_DPI          ? 
_refine.pdbx_overall_SU_R_Blow_DPI               ? 
_refine.pdbx_TLS_residual_ADP_flag               ? 
_refine.pdbx_diffrn_id                           1 
_refine.overall_SU_B                             3.7190 
_refine.overall_SU_ML                            0.1110 
_refine.overall_SU_R_Cruickshank_DPI             ? 
_refine.overall_SU_R_free                        ? 
_refine.overall_FOM_free_R_set                   ? 
_refine.overall_FOM_work_R_set                   ? 
_refine.pdbx_average_fsc_overall                 ? 
_refine.pdbx_average_fsc_work                    ? 
_refine.pdbx_average_fsc_free                    ? 
# 
_refine_hist.pdbx_refine_id                   'X-RAY DIFFRACTION' 
_refine_hist.cycle_id                         final 
_refine_hist.details                          ? 
_refine_hist.d_res_high                       1.8400 
_refine_hist.d_res_low                        48.2800 
_refine_hist.number_atoms_solvent             29 
_refine_hist.number_atoms_total               864 
_refine_hist.number_reflns_all                ? 
_refine_hist.number_reflns_obs                ? 
_refine_hist.number_reflns_R_free             ? 
_refine_hist.number_reflns_R_work             ? 
_refine_hist.R_factor_all                     ? 
_refine_hist.R_factor_obs                     ? 
_refine_hist.R_factor_R_free                  ? 
_refine_hist.R_factor_R_work                  ? 
_refine_hist.pdbx_number_residues_total       96 
_refine_hist.pdbx_B_iso_mean_ligand           35.55 
_refine_hist.pdbx_B_iso_mean_solvent          42.19 
_refine_hist.pdbx_number_atoms_protein        784 
_refine_hist.pdbx_number_atoms_nucleic_acid   0 
_refine_hist.pdbx_number_atoms_ligand         51 
_refine_hist.pdbx_number_atoms_lipid          ? 
_refine_hist.pdbx_number_atoms_carb           ? 
_refine_hist.pdbx_pseudo_atom_details         ? 
# 
loop_
_refine_ls_restr.pdbx_refine_id 
_refine_ls_restr.criterion 
_refine_ls_restr.dev_ideal 
_refine_ls_restr.dev_ideal_target 
_refine_ls_restr.number 
_refine_ls_restr.rejects 
_refine_ls_restr.type 
_refine_ls_restr.weight 
_refine_ls_restr.pdbx_restraint_function 
'X-RAY DIFFRACTION' ? 0.014  0.020  841  ? r_bond_refined_d       ? ? 
'X-RAY DIFFRACTION' ? 0.004  0.020  582  ? r_bond_other_d         ? ? 
'X-RAY DIFFRACTION' ? 1.743  2.057  1141 ? r_angle_refined_deg    ? ? 
'X-RAY DIFFRACTION' ? 1.186  3.000  1420 ? r_angle_other_deg      ? ? 
'X-RAY DIFFRACTION' ? 5.645  5.000  97   ? r_dihedral_angle_1_deg ? ? 
'X-RAY DIFFRACTION' ? 43.972 24.000 30   ? r_dihedral_angle_2_deg ? ? 
'X-RAY DIFFRACTION' ? 14.135 15.000 146  ? r_dihedral_angle_3_deg ? ? 
'X-RAY DIFFRACTION' ? 17.214 15.000 3    ? r_dihedral_angle_4_deg ? ? 
'X-RAY DIFFRACTION' ? 0.092  0.200  129  ? r_chiral_restr         ? ? 
'X-RAY DIFFRACTION' ? 0.008  0.021  888  ? r_gen_planes_refined   ? ? 
'X-RAY DIFFRACTION' ? 0.002  0.020  157  ? r_gen_planes_other     ? ? 
# 
_refine_ls_shell.pdbx_refine_id                   'X-RAY DIFFRACTION' 
_refine_ls_shell.d_res_high                       1.8400 
_refine_ls_shell.d_res_low                        1.8880 
_refine_ls_shell.number_reflns_all                505 
_refine_ls_shell.number_reflns_obs                ? 
_refine_ls_shell.number_reflns_R_free             56 
_refine_ls_shell.number_reflns_R_work             449 
_refine_ls_shell.percent_reflns_obs               99.4100 
_refine_ls_shell.percent_reflns_R_free            ? 
_refine_ls_shell.R_factor_all                     ? 
_refine_ls_shell.R_factor_obs                     ? 
_refine_ls_shell.R_factor_R_free                  0.3660 
_refine_ls_shell.R_factor_R_free_error            0.0000 
_refine_ls_shell.R_factor_R_work                  0.2990 
_refine_ls_shell.redundancy_reflns_all            ? 
_refine_ls_shell.redundancy_reflns_obs            ? 
_refine_ls_shell.wR_factor_all                    ? 
_refine_ls_shell.wR_factor_obs                    ? 
_refine_ls_shell.wR_factor_R_free                 ? 
_refine_ls_shell.wR_factor_R_work                 ? 
_refine_ls_shell.pdbx_R_complete                  ? 
_refine_ls_shell.pdbx_total_number_of_bins_used   20 
_refine_ls_shell.pdbx_phase_error                 ? 
_refine_ls_shell.pdbx_fsc_work                    ? 
_refine_ls_shell.pdbx_fsc_free                    ? 
# 
_struct.entry_id                     7NA4 
_struct.title                        'HDM2 in complex with compound 63' 
_struct.pdbx_model_details           ? 
_struct.pdbx_formula_weight          ? 
_struct.pdbx_formula_weight_method   ? 
_struct.pdbx_model_type_details      ? 
_struct.pdbx_CASP_flag               N 
# 
_struct_keywords.entry_id        7NA4 
_struct_keywords.text            'P53, DRUG DESIGN, PROTEIN-PROTEIN INTERACTIONS, TRANSFERASE' 
_struct_keywords.pdbx_keywords   TRANSFERASE 
# 
loop_
_struct_asym.id 
_struct_asym.pdbx_blank_PDB_chainid_flag 
_struct_asym.pdbx_modified 
_struct_asym.entity_id 
_struct_asym.details 
A N N 1 ? 
B N N 2 ? 
C N N 3 ? 
D N N 3 ? 
E N N 4 ? 
F N N 5 ? 
# 
_struct_ref.id                         1 
_struct_ref.db_name                    UNP 
_struct_ref.db_code                    MDM2_HUMAN 
_struct_ref.pdbx_db_accession          Q00987 
_struct_ref.pdbx_db_isoform            Q00987-11 
_struct_ref.entity_id                  1 
_struct_ref.pdbx_seq_one_letter_code   
;SQIPASEQETLVRPKPLLLKLLKSVGAQKDTYTMKEVLFYLGQYIMTKRLYDEKQQHIVYCSNDLLGDLFGVPSFSVKEH
RKIYTMIYRNLVVVNQQESSDSGTSVSEN
;
_struct_ref.pdbx_align_begin           23 
# 
_struct_ref_seq.align_id                      1 
_struct_ref_seq.ref_id                        1 
_struct_ref_seq.pdbx_PDB_id_code              7NA4 
_struct_ref_seq.pdbx_strand_id                A 
_struct_ref_seq.seq_align_beg                 2 
_struct_ref_seq.pdbx_seq_align_beg_ins_code   ? 
_struct_ref_seq.seq_align_end                 110 
_struct_ref_seq.pdbx_seq_align_end_ins_code   ? 
_struct_ref_seq.pdbx_db_accession             Q00987 
_struct_ref_seq.db_align_beg                  23 
_struct_ref_seq.pdbx_db_align_beg_ins_code    ? 
_struct_ref_seq.db_align_end                  131 
_struct_ref_seq.pdbx_db_align_end_ins_code    ? 
_struct_ref_seq.pdbx_auth_seq_align_beg       17 
_struct_ref_seq.pdbx_auth_seq_align_end       125 
# 
_struct_ref_seq_dif.align_id                     1 
_struct_ref_seq_dif.pdbx_pdb_id_code             7NA4 
_struct_ref_seq_dif.mon_id                       GLY 
_struct_ref_seq_dif.pdbx_pdb_strand_id           A 
_struct_ref_seq_dif.seq_num                      1 
_struct_ref_seq_dif.pdbx_pdb_ins_code            ? 
_struct_ref_seq_dif.pdbx_seq_db_name             UNP 
_struct_ref_seq_dif.pdbx_seq_db_accession_code   Q00987 
_struct_ref_seq_dif.db_mon_id                    ? 
_struct_ref_seq_dif.pdbx_seq_db_seq_num          ? 
_struct_ref_seq_dif.details                      'expression tag' 
_struct_ref_seq_dif.pdbx_auth_seq_num            16 
_struct_ref_seq_dif.pdbx_ordinal                 1 
# 
_pdbx_struct_assembly.id                   1 
_pdbx_struct_assembly.details              author_and_software_defined_assembly 
_pdbx_struct_assembly.method_details       PISA 
_pdbx_struct_assembly.oligomeric_details   monomeric 
_pdbx_struct_assembly.oligomeric_count     1 
# 
_pdbx_struct_assembly_gen.assembly_id       1 
_pdbx_struct_assembly_gen.oper_expression   1 
_pdbx_struct_assembly_gen.asym_id_list      A,B,C,D,E,F 
# 
_pdbx_struct_assembly_auth_evidence.id                     1 
_pdbx_struct_assembly_auth_evidence.assembly_id            1 
_pdbx_struct_assembly_auth_evidence.experimental_support   none 
_pdbx_struct_assembly_auth_evidence.details                ? 
# 
_pdbx_struct_oper_list.id                   1 
_pdbx_struct_oper_list.type                 'identity operation' 
_pdbx_struct_oper_list.name                 1_555 
_pdbx_struct_oper_list.symmetry_operation   x,y,z 
_pdbx_struct_oper_list.matrix[1][1]         1.0000000000 
_pdbx_struct_oper_list.matrix[1][2]         0.0000000000 
_pdbx_struct_oper_list.matrix[1][3]         0.0000000000 
_pdbx_struct_oper_list.vector[1]            0.0000000000 
_pdbx_struct_oper_list.matrix[2][1]         0.0000000000 
_pdbx_struct_oper_list.matrix[2][2]         1.0000000000 
_pdbx_struct_oper_list.matrix[2][3]         0.0000000000 
_pdbx_struct_oper_list.vector[2]            0.0000000000 
_pdbx_struct_oper_list.matrix[3][1]         0.0000000000 
_pdbx_struct_oper_list.matrix[3][2]         0.0000000000 
_pdbx_struct_oper_list.matrix[3][3]         1.0000000000 
_pdbx_struct_oper_list.vector[3]            0.0000000000 
# 
loop_
_struct_conf.conf_type_id 
_struct_conf.id 
_struct_conf.pdbx_PDB_helix_id 
_struct_conf.beg_label_comp_id 
_struct_conf.beg_label_asym_id 
_struct_conf.beg_label_seq_id 
_struct_conf.pdbx_beg_PDB_ins_code 
_struct_conf.end_label_comp_id 
_struct_conf.end_label_asym_id 
_struct_conf.end_label_seq_id 
_struct_conf.pdbx_end_PDB_ins_code 
_struct_conf.beg_auth_comp_id 
_struct_conf.beg_auth_asym_id 
_struct_conf.beg_auth_seq_id 
_struct_conf.end_auth_comp_id 
_struct_conf.end_auth_asym_id 
_struct_conf.end_auth_seq_id 
_struct_conf.pdbx_PDB_helix_class 
_struct_conf.details 
_struct_conf.pdbx_PDB_helix_length 
HELX_P HELX_P1 AA1 PRO A 5  ? GLU A 10 ? PRO A 20 GLU A 25  5 ? 6  
HELX_P HELX_P2 AA2 LYS A 16 ? SER A 25 ? LYS A 31 SER A 40  1 ? 10 
HELX_P HELX_P3 AA3 MET A 35 ? LYS A 49 ? MET A 50 LYS A 64  1 ? 15 
HELX_P HELX_P4 AA4 ASP A 65 ? GLY A 72 ? ASP A 80 GLY A 87  1 ? 8  
HELX_P HELX_P5 AA5 GLU A 80 ? ARG A 90 ? GLU A 95 ARG A 105 1 ? 11 
# 
_struct_conf_type.id          HELX_P 
_struct_conf_type.criteria    ? 
_struct_conf_type.reference   ? 
# 
loop_
_struct_sheet.id 
_struct_sheet.type 
_struct_sheet.number_strands 
_struct_sheet.details 
AA1 ? 3 ? 
AA2 ? 2 ? 
# 
loop_
_struct_sheet_order.sheet_id 
_struct_sheet_order.range_id_1 
_struct_sheet_order.range_id_2 
_struct_sheet_order.offset 
_struct_sheet_order.sense 
AA1 1 2 ? anti-parallel 
AA1 2 3 ? anti-parallel 
AA2 1 2 ? anti-parallel 
# 
loop_
_struct_sheet_range.sheet_id 
_struct_sheet_range.id 
_struct_sheet_range.beg_label_comp_id 
_struct_sheet_range.beg_label_asym_id 
_struct_sheet_range.beg_label_seq_id 
_struct_sheet_range.pdbx_beg_PDB_ins_code 
_struct_sheet_range.end_label_comp_id 
_struct_sheet_range.end_label_asym_id 
_struct_sheet_range.end_label_seq_id 
_struct_sheet_range.pdbx_end_PDB_ins_code 
_struct_sheet_range.beg_auth_comp_id 
_struct_sheet_range.beg_auth_asym_id 
_struct_sheet_range.beg_auth_seq_id 
_struct_sheet_range.end_auth_comp_id 
_struct_sheet_range.end_auth_asym_id 
_struct_sheet_range.end_auth_seq_id 
AA1 1 TYR A 33 ? THR A 34 ? TYR A 48  THR A 49  
AA1 2 LEU A 12 ? PRO A 15 ? LEU A 27  PRO A 30  
AA1 3 LEU A 92 ? VAL A 94 ? LEU A 107 VAL A 109 
AA2 1 ILE A 59 ? TYR A 61 ? ILE A 74  TYR A 76  
AA2 2 SER A 75 ? SER A 77 ? SER A 90  SER A 92  
# 
loop_
_pdbx_struct_sheet_hbond.sheet_id 
_pdbx_struct_sheet_hbond.range_id_1 
_pdbx_struct_sheet_hbond.range_id_2 
_pdbx_struct_sheet_hbond.range_1_label_atom_id 
_pdbx_struct_sheet_hbond.range_1_label_comp_id 
_pdbx_struct_sheet_hbond.range_1_label_asym_id 
_pdbx_struct_sheet_hbond.range_1_label_seq_id 
_pdbx_struct_sheet_hbond.range_1_PDB_ins_code 
_pdbx_struct_sheet_hbond.range_1_auth_atom_id 
_pdbx_struct_sheet_hbond.range_1_auth_comp_id 
_pdbx_struct_sheet_hbond.range_1_auth_asym_id 
_pdbx_struct_sheet_hbond.range_1_auth_seq_id 
_pdbx_struct_sheet_hbond.range_2_label_atom_id 
_pdbx_struct_sheet_hbond.range_2_label_comp_id 
_pdbx_struct_sheet_hbond.range_2_label_asym_id 
_pdbx_struct_sheet_hbond.range_2_label_seq_id 
_pdbx_struct_sheet_hbond.range_2_PDB_ins_code 
_pdbx_struct_sheet_hbond.range_2_auth_atom_id 
_pdbx_struct_sheet_hbond.range_2_auth_comp_id 
_pdbx_struct_sheet_hbond.range_2_auth_asym_id 
_pdbx_struct_sheet_hbond.range_2_auth_seq_id 
AA1 1 2 O TYR A 33 ? O TYR A 48 N VAL A 13 ? N VAL A 28  
AA1 2 3 N ARG A 14 ? N ARG A 29 O VAL A 93 ? O VAL A 108 
AA2 1 2 N VAL A 60 ? N VAL A 75 O PHE A 76 ? O PHE A 91  
# 
_pdbx_validate_torsion.id              1 
_pdbx_validate_torsion.PDB_model_num   1 
_pdbx_validate_torsion.auth_comp_id    GLN 
_pdbx_validate_torsion.auth_asym_id    A 
_pdbx_validate_torsion.auth_seq_id     71 
_pdbx_validate_torsion.PDB_ins_code    ? 
_pdbx_validate_torsion.label_alt_id    ? 
_pdbx_validate_torsion.phi             -75.61 
_pdbx_validate_torsion.psi             22.55 
# 
loop_
_pdbx_struct_special_symmetry.id 
_pdbx_struct_special_symmetry.PDB_model_num 
_pdbx_struct_special_symmetry.auth_asym_id 
_pdbx_struct_special_symmetry.auth_comp_id 
_pdbx_struct_special_symmetry.auth_seq_id 
_pdbx_struct_special_symmetry.PDB_ins_code 
_pdbx_struct_special_symmetry.label_asym_id 
_pdbx_struct_special_symmetry.label_comp_id 
_pdbx_struct_special_symmetry.label_seq_id 
1 1 A CL  204 ? E CL  . 
2 1 A HOH 309 ? F HOH . 
3 1 A HOH 311 ? F HOH . 
# 
_pdbx_entry_details.entry_id                 7NA4 
_pdbx_entry_details.has_ligand_of_interest   Y 
_pdbx_entry_details.compound_details         ? 
_pdbx_entry_details.source_details           ? 
_pdbx_entry_details.nonpolymer_details       ? 
_pdbx_entry_details.sequence_details         ? 
# 
loop_
_pdbx_unobs_or_zero_occ_residues.id 
_pdbx_unobs_or_zero_occ_residues.PDB_model_num 
_pdbx_unobs_or_zero_occ_residues.polymer_flag 
_pdbx_unobs_or_zero_occ_residues.occupancy_flag 
_pdbx_unobs_or_zero_occ_residues.auth_asym_id 
_pdbx_unobs_or_zero_occ_residues.auth_comp_id 
_pdbx_unobs_or_zero_occ_residues.auth_seq_id 
_pdbx_unobs_or_zero_occ_residues.PDB_ins_code 
_pdbx_unobs_or_zero_occ_residues.label_asym_id 
_pdbx_unobs_or_zero_occ_residues.label_comp_id 
_pdbx_unobs_or_zero_occ_residues.label_seq_id 
1  1 Y 1 A GLN 112 ? A GLN 97  
2  1 Y 1 A GLN 113 ? A GLN 98  
3  1 Y 1 A GLU 114 ? A GLU 99  
4  1 Y 1 A SER 115 ? A SER 100 
5  1 Y 1 A SER 116 ? A SER 101 
6  1 Y 1 A ASP 117 ? A ASP 102 
7  1 Y 1 A SER 118 ? A SER 103 
8  1 Y 1 A GLY 119 ? A GLY 104 
9  1 Y 1 A THR 120 ? A THR 105 
10 1 Y 1 A SER 121 ? A SER 106 
11 1 Y 1 A VAL 122 ? A VAL 107 
12 1 Y 1 A SER 123 ? A SER 108 
13 1 Y 1 A GLU 124 ? A GLU 109 
14 1 Y 1 A ASN 125 ? A ASN 110 
# 
loop_
_chem_comp_atom.comp_id 
_chem_comp_atom.atom_id 
_chem_comp_atom.type_symbol 
_chem_comp_atom.pdbx_aromatic_flag 
_chem_comp_atom.pdbx_stereo_config 
_chem_comp_atom.pdbx_ordinal 
1I9 C1   C  N N 1   
1I9 C2   C  N N 2   
1I9 C3   C  N N 3   
1I9 C4   C  N N 4   
1I9 C5   C  N N 5   
1I9 C6   C  N N 6   
1I9 C7   C  N N 7   
1I9 C8   C  N R 8   
1I9 C12  C  Y N 9   
1I9 C15  C  Y N 10  
1I9 C16  C  Y N 11  
1I9 C17  C  Y N 12  
1I9 C19  C  Y N 13  
1I9 C23  C  N N 14  
1I9 C24  C  N N 15  
1I9 C27  C  N N 16  
1I9 C30  C  N N 17  
1I9 C34  C  Y N 18  
1I9 C35  C  Y N 19  
1I9 C36  C  Y N 20  
1I9 C38  C  Y N 21  
1I9 C40  C  Y N 22  
1I9 C10  C  N N 23  
1I9 N11  N  Y N 24  
1I9 C13  C  Y N 25  
1I9 N14  N  Y N 26  
1I9 N18  N  Y N 27  
1I9 C20  C  N R 28  
1I9 O22  O  N N 29  
1I9 C25  C  N N 30  
1I9 C26  C  N N 31  
1I9 C28  C  N N 32  
1I9 N29  N  N N 33  
1I9 O31  O  N N 34  
1I9 O32  O  N N 35  
1I9 N33  N  N N 36  
1I9 CL37 CL N N 37  
1I9 N39  N  Y N 38  
1I9 H1   H  N N 39  
1I9 H2   H  N N 40  
1I9 H3   H  N N 41  
1I9 H4   H  N N 42  
1I9 H5   H  N N 43  
1I9 H6   H  N N 44  
1I9 H7   H  N N 45  
1I9 H8   H  N N 46  
1I9 H9   H  N N 47  
1I9 H10  H  N N 48  
1I9 H11  H  N N 49  
1I9 H12  H  N N 50  
1I9 H13  H  N N 51  
1I9 H14  H  N N 52  
1I9 H15  H  N N 53  
1I9 H16  H  N N 54  
1I9 H17  H  N N 55  
1I9 H18  H  N N 56  
1I9 H19  H  N N 57  
1I9 H20  H  N N 58  
1I9 H21  H  N N 59  
1I9 H22  H  N N 60  
1I9 H23  H  N N 61  
1I9 H24  H  N N 62  
1I9 H25  H  N N 63  
1I9 H26  H  N N 64  
1I9 H27  H  N N 65  
1I9 H28  H  N N 66  
1I9 H29  H  N N 67  
1I9 H30  H  N N 68  
1I9 H31  H  N N 69  
1I9 H32  H  N N 70  
1I9 H33  H  N N 71  
ALA N    N  N N 72  
ALA CA   C  N S 73  
ALA C    C  N N 74  
ALA O    O  N N 75  
ALA CB   C  N N 76  
ALA OXT  O  N N 77  
ALA H    H  N N 78  
ALA H2   H  N N 79  
ALA HA   H  N N 80  
ALA HB1  H  N N 81  
ALA HB2  H  N N 82  
ALA HB3  H  N N 83  
ALA HXT  H  N N 84  
ARG N    N  N N 85  
ARG CA   C  N S 86  
ARG C    C  N N 87  
ARG O    O  N N 88  
ARG CB   C  N N 89  
ARG CG   C  N N 90  
ARG CD   C  N N 91  
ARG NE   N  N N 92  
ARG CZ   C  N N 93  
ARG NH1  N  N N 94  
ARG NH2  N  N N 95  
ARG OXT  O  N N 96  
ARG H    H  N N 97  
ARG H2   H  N N 98  
ARG HA   H  N N 99  
ARG HB2  H  N N 100 
ARG HB3  H  N N 101 
ARG HG2  H  N N 102 
ARG HG3  H  N N 103 
ARG HD2  H  N N 104 
ARG HD3  H  N N 105 
ARG HE   H  N N 106 
ARG HH11 H  N N 107 
ARG HH12 H  N N 108 
ARG HH21 H  N N 109 
ARG HH22 H  N N 110 
ARG HXT  H  N N 111 
ASN N    N  N N 112 
ASN CA   C  N S 113 
ASN C    C  N N 114 
ASN O    O  N N 115 
ASN CB   C  N N 116 
ASN CG   C  N N 117 
ASN OD1  O  N N 118 
ASN ND2  N  N N 119 
ASN OXT  O  N N 120 
ASN H    H  N N 121 
ASN H2   H  N N 122 
ASN HA   H  N N 123 
ASN HB2  H  N N 124 
ASN HB3  H  N N 125 
ASN HD21 H  N N 126 
ASN HD22 H  N N 127 
ASN HXT  H  N N 128 
ASP N    N  N N 129 
ASP CA   C  N S 130 
ASP C    C  N N 131 
ASP O    O  N N 132 
ASP CB   C  N N 133 
ASP CG   C  N N 134 
ASP OD1  O  N N 135 
ASP OD2  O  N N 136 
ASP OXT  O  N N 137 
ASP H    H  N N 138 
ASP H2   H  N N 139 
ASP HA   H  N N 140 
ASP HB2  H  N N 141 
ASP HB3  H  N N 142 
ASP HD2  H  N N 143 
ASP HXT  H  N N 144 
CL  CL   CL N N 145 
CYS N    N  N N 146 
CYS CA   C  N R 147 
CYS C    C  N N 148 
CYS O    O  N N 149 
CYS CB   C  N N 150 
CYS SG   S  N N 151 
CYS OXT  O  N N 152 
CYS H    H  N N 153 
CYS H2   H  N N 154 
CYS HA   H  N N 155 
CYS HB2  H  N N 156 
CYS HB3  H  N N 157 
CYS HG   H  N N 158 
CYS HXT  H  N N 159 
GLN N    N  N N 160 
GLN CA   C  N S 161 
GLN C    C  N N 162 
GLN O    O  N N 163 
GLN CB   C  N N 164 
GLN CG   C  N N 165 
GLN CD   C  N N 166 
GLN OE1  O  N N 167 
GLN NE2  N  N N 168 
GLN OXT  O  N N 169 
GLN H    H  N N 170 
GLN H2   H  N N 171 
GLN HA   H  N N 172 
GLN HB2  H  N N 173 
GLN HB3  H  N N 174 
GLN HG2  H  N N 175 
GLN HG3  H  N N 176 
GLN HE21 H  N N 177 
GLN HE22 H  N N 178 
GLN HXT  H  N N 179 
GLU N    N  N N 180 
GLU CA   C  N S 181 
GLU C    C  N N 182 
GLU O    O  N N 183 
GLU CB   C  N N 184 
GLU CG   C  N N 185 
GLU CD   C  N N 186 
GLU OE1  O  N N 187 
GLU OE2  O  N N 188 
GLU OXT  O  N N 189 
GLU H    H  N N 190 
GLU H2   H  N N 191 
GLU HA   H  N N 192 
GLU HB2  H  N N 193 
GLU HB3  H  N N 194 
GLU HG2  H  N N 195 
GLU HG3  H  N N 196 
GLU HE2  H  N N 197 
GLU HXT  H  N N 198 
GLY N    N  N N 199 
GLY CA   C  N N 200 
GLY C    C  N N 201 
GLY O    O  N N 202 
GLY OXT  O  N N 203 
GLY H    H  N N 204 
GLY H2   H  N N 205 
GLY HA2  H  N N 206 
GLY HA3  H  N N 207 
GLY HXT  H  N N 208 
GOL C1   C  N N 209 
GOL O1   O  N N 210 
GOL C2   C  N N 211 
GOL O2   O  N N 212 
GOL C3   C  N N 213 
GOL O3   O  N N 214 
GOL H11  H  N N 215 
GOL H12  H  N N 216 
GOL HO1  H  N N 217 
GOL H2   H  N N 218 
GOL HO2  H  N N 219 
GOL H31  H  N N 220 
GOL H32  H  N N 221 
GOL HO3  H  N N 222 
HIS N    N  N N 223 
HIS CA   C  N S 224 
HIS C    C  N N 225 
HIS O    O  N N 226 
HIS CB   C  N N 227 
HIS CG   C  Y N 228 
HIS ND1  N  Y N 229 
HIS CD2  C  Y N 230 
HIS CE1  C  Y N 231 
HIS NE2  N  Y N 232 
HIS OXT  O  N N 233 
HIS H    H  N N 234 
HIS H2   H  N N 235 
HIS HA   H  N N 236 
HIS HB2  H  N N 237 
HIS HB3  H  N N 238 
HIS HD1  H  N N 239 
HIS HD2  H  N N 240 
HIS HE1  H  N N 241 
HIS HE2  H  N N 242 
HIS HXT  H  N N 243 
HOH O    O  N N 244 
HOH H1   H  N N 245 
HOH H2   H  N N 246 
ILE N    N  N N 247 
ILE CA   C  N S 248 
ILE C    C  N N 249 
ILE O    O  N N 250 
ILE CB   C  N S 251 
ILE CG1  C  N N 252 
ILE CG2  C  N N 253 
ILE CD1  C  N N 254 
ILE OXT  O  N N 255 
ILE H    H  N N 256 
ILE H2   H  N N 257 
ILE HA   H  N N 258 
ILE HB   H  N N 259 
ILE HG12 H  N N 260 
ILE HG13 H  N N 261 
ILE HG21 H  N N 262 
ILE HG22 H  N N 263 
ILE HG23 H  N N 264 
ILE HD11 H  N N 265 
ILE HD12 H  N N 266 
ILE HD13 H  N N 267 
ILE HXT  H  N N 268 
LEU N    N  N N 269 
LEU CA   C  N S 270 
LEU C    C  N N 271 
LEU O    O  N N 272 
LEU CB   C  N N 273 
LEU CG   C  N N 274 
LEU CD1  C  N N 275 
LEU CD2  C  N N 276 
LEU OXT  O  N N 277 
LEU H    H  N N 278 
LEU H2   H  N N 279 
LEU HA   H  N N 280 
LEU HB2  H  N N 281 
LEU HB3  H  N N 282 
LEU HG   H  N N 283 
LEU HD11 H  N N 284 
LEU HD12 H  N N 285 
LEU HD13 H  N N 286 
LEU HD21 H  N N 287 
LEU HD22 H  N N 288 
LEU HD23 H  N N 289 
LEU HXT  H  N N 290 
LYS N    N  N N 291 
LYS CA   C  N S 292 
LYS C    C  N N 293 
LYS O    O  N N 294 
LYS CB   C  N N 295 
LYS CG   C  N N 296 
LYS CD   C  N N 297 
LYS CE   C  N N 298 
LYS NZ   N  N N 299 
LYS OXT  O  N N 300 
LYS H    H  N N 301 
LYS H2   H  N N 302 
LYS HA   H  N N 303 
LYS HB2  H  N N 304 
LYS HB3  H  N N 305 
LYS HG2  H  N N 306 
LYS HG3  H  N N 307 
LYS HD2  H  N N 308 
LYS HD3  H  N N 309 
LYS HE2  H  N N 310 
LYS HE3  H  N N 311 
LYS HZ1  H  N N 312 
LYS HZ2  H  N N 313 
LYS HZ3  H  N N 314 
LYS HXT  H  N N 315 
MET N    N  N N 316 
MET CA   C  N S 317 
MET C    C  N N 318 
MET O    O  N N 319 
MET CB   C  N N 320 
MET CG   C  N N 321 
MET SD   S  N N 322 
MET CE   C  N N 323 
MET OXT  O  N N 324 
MET H    H  N N 325 
MET H2   H  N N 326 
MET HA   H  N N 327 
MET HB2  H  N N 328 
MET HB3  H  N N 329 
MET HG2  H  N N 330 
MET HG3  H  N N 331 
MET HE1  H  N N 332 
MET HE2  H  N N 333 
MET HE3  H  N N 334 
MET HXT  H  N N 335 
PHE N    N  N N 336 
PHE CA   C  N S 337 
PHE C    C  N N 338 
PHE O    O  N N 339 
PHE CB   C  N N 340 
PHE CG   C  Y N 341 
PHE CD1  C  Y N 342 
PHE CD2  C  Y N 343 
PHE CE1  C  Y N 344 
PHE CE2  C  Y N 345 
PHE CZ   C  Y N 346 
PHE OXT  O  N N 347 
PHE H    H  N N 348 
PHE H2   H  N N 349 
PHE HA   H  N N 350 
PHE HB2  H  N N 351 
PHE HB3  H  N N 352 
PHE HD1  H  N N 353 
PHE HD2  H  N N 354 
PHE HE1  H  N N 355 
PHE HE2  H  N N 356 
PHE HZ   H  N N 357 
PHE HXT  H  N N 358 
PRO N    N  N N 359 
PRO CA   C  N S 360 
PRO C    C  N N 361 
PRO O    O  N N 362 
PRO CB   C  N N 363 
PRO CG   C  N N 364 
PRO CD   C  N N 365 
PRO OXT  O  N N 366 
PRO H    H  N N 367 
PRO HA   H  N N 368 
PRO HB2  H  N N 369 
PRO HB3  H  N N 370 
PRO HG2  H  N N 371 
PRO HG3  H  N N 372 
PRO HD2  H  N N 373 
PRO HD3  H  N N 374 
PRO HXT  H  N N 375 
SER N    N  N N 376 
SER CA   C  N S 377 
SER C    C  N N 378 
SER O    O  N N 379 
SER CB   C  N N 380 
SER OG   O  N N 381 
SER OXT  O  N N 382 
SER H    H  N N 383 
SER H2   H  N N 384 
SER HA   H  N N 385 
SER HB2  H  N N 386 
SER HB3  H  N N 387 
SER HG   H  N N 388 
SER HXT  H  N N 389 
THR N    N  N N 390 
THR CA   C  N S 391 
THR C    C  N N 392 
THR O    O  N N 393 
THR CB   C  N R 394 
THR OG1  O  N N 395 
THR CG2  C  N N 396 
THR OXT  O  N N 397 
THR H    H  N N 398 
THR H2   H  N N 399 
THR HA   H  N N 400 
THR HB   H  N N 401 
THR HG1  H  N N 402 
THR HG21 H  N N 403 
THR HG22 H  N N 404 
THR HG23 H  N N 405 
THR HXT  H  N N 406 
TYR N    N  N N 407 
TYR CA   C  N S 408 
TYR C    C  N N 409 
TYR O    O  N N 410 
TYR CB   C  N N 411 
TYR CG   C  Y N 412 
TYR CD1  C  Y N 413 
TYR CD2  C  Y N 414 
TYR CE1  C  Y N 415 
TYR CE2  C  Y N 416 
TYR CZ   C  Y N 417 
TYR OH   O  N N 418 
TYR OXT  O  N N 419 
TYR H    H  N N 420 
TYR H2   H  N N 421 
TYR HA   H  N N 422 
TYR HB2  H  N N 423 
TYR HB3  H  N N 424 
TYR HD1  H  N N 425 
TYR HD2  H  N N 426 
TYR HE1  H  N N 427 
TYR HE2  H  N N 428 
TYR HH   H  N N 429 
TYR HXT  H  N N 430 
VAL N    N  N N 431 
VAL CA   C  N S 432 
VAL C    C  N N 433 
VAL O    O  N N 434 
VAL CB   C  N N 435 
VAL CG1  C  N N 436 
VAL CG2  C  N N 437 
VAL OXT  O  N N 438 
VAL H    H  N N 439 
VAL H2   H  N N 440 
VAL HA   H  N N 441 
VAL HB   H  N N 442 
VAL HG11 H  N N 443 
VAL HG12 H  N N 444 
VAL HG13 H  N N 445 
VAL HG21 H  N N 446 
VAL HG22 H  N N 447 
VAL HG23 H  N N 448 
VAL HXT  H  N N 449 
# 
loop_
_chem_comp_bond.comp_id 
_chem_comp_bond.atom_id_1 
_chem_comp_bond.atom_id_2 
_chem_comp_bond.value_order 
_chem_comp_bond.pdbx_aromatic_flag 
_chem_comp_bond.pdbx_stereo_config 
_chem_comp_bond.pdbx_ordinal 
1I9 O31  C30  doub N N 1   
1I9 O32  C30  sing N N 2   
1I9 O32  N33  sing N N 3   
1I9 C30  N29  sing N N 4   
1I9 N33  C28  doub N N 5   
1I9 N29  C28  sing N N 6   
1I9 C28  C15  sing N N 7   
1I9 C15  N14  doub Y N 8   
1I9 C15  C16  sing Y N 9   
1I9 CL37 C36  sing N N 10  
1I9 N14  C13  sing Y N 11  
1I9 C35  C36  doub Y N 12  
1I9 C35  C34  sing Y N 13  
1I9 C16  C17  doub Y N 14  
1I9 C36  C38  sing Y N 15  
1I9 C13  C34  sing N N 16  
1I9 C13  C12  doub Y N 17  
1I9 C34  C40  doub Y N 18  
1I9 C38  N39  doub Y N 19  
1I9 C17  C12  sing Y N 20  
1I9 C17  N18  sing Y N 21  
1I9 C40  N39  sing Y N 22  
1I9 C12  N11  sing Y N 23  
1I9 N18  C19  doub Y N 24  
1I9 C6   C7   sing N N 25  
1I9 C6   C5   sing N N 26  
1I9 C7   C2   sing N N 27  
1I9 N11  C19  sing Y N 28  
1I9 N11  C8   sing N N 29  
1I9 C2   C1   sing N N 30  
1I9 C2   C3   sing N N 31  
1I9 C19  C20  sing N N 32  
1I9 C8   C5   sing N N 33  
1I9 C8   C10  sing N N 34  
1I9 C5   C4   sing N N 35  
1I9 C27  C25  sing N N 36  
1I9 C27  C26  sing N N 37  
1I9 C4   C3   sing N N 38  
1I9 C25  C20  sing N N 39  
1I9 C25  C26  sing N N 40  
1I9 C20  O22  sing N N 41  
1I9 O22  C23  sing N N 42  
1I9 C23  C24  sing N N 43  
1I9 C1   H1   sing N N 44  
1I9 C1   H2   sing N N 45  
1I9 C1   H3   sing N N 46  
1I9 C2   H4   sing N N 47  
1I9 C3   H5   sing N N 48  
1I9 C3   H6   sing N N 49  
1I9 C4   H7   sing N N 50  
1I9 C4   H8   sing N N 51  
1I9 C5   H9   sing N N 52  
1I9 C6   H10  sing N N 53  
1I9 C6   H11  sing N N 54  
1I9 C7   H12  sing N N 55  
1I9 C7   H13  sing N N 56  
1I9 C8   H14  sing N N 57  
1I9 C16  H15  sing N N 58  
1I9 C23  H16  sing N N 59  
1I9 C23  H17  sing N N 60  
1I9 C24  H18  sing N N 61  
1I9 C24  H19  sing N N 62  
1I9 C24  H20  sing N N 63  
1I9 C27  H21  sing N N 64  
1I9 C27  H22  sing N N 65  
1I9 C35  H23  sing N N 66  
1I9 C38  H24  sing N N 67  
1I9 C40  H25  sing N N 68  
1I9 C10  H26  sing N N 69  
1I9 C10  H27  sing N N 70  
1I9 C10  H28  sing N N 71  
1I9 C20  H29  sing N N 72  
1I9 C25  H30  sing N N 73  
1I9 C26  H31  sing N N 74  
1I9 C26  H32  sing N N 75  
1I9 N29  H33  sing N N 76  
ALA N    CA   sing N N 77  
ALA N    H    sing N N 78  
ALA N    H2   sing N N 79  
ALA CA   C    sing N N 80  
ALA CA   CB   sing N N 81  
ALA CA   HA   sing N N 82  
ALA C    O    doub N N 83  
ALA C    OXT  sing N N 84  
ALA CB   HB1  sing N N 85  
ALA CB   HB2  sing N N 86  
ALA CB   HB3  sing N N 87  
ALA OXT  HXT  sing N N 88  
ARG N    CA   sing N N 89  
ARG N    H    sing N N 90  
ARG N    H2   sing N N 91  
ARG CA   C    sing N N 92  
ARG CA   CB   sing N N 93  
ARG CA   HA   sing N N 94  
ARG C    O    doub N N 95  
ARG C    OXT  sing N N 96  
ARG CB   CG   sing N N 97  
ARG CB   HB2  sing N N 98  
ARG CB   HB3  sing N N 99  
ARG CG   CD   sing N N 100 
ARG CG   HG2  sing N N 101 
ARG CG   HG3  sing N N 102 
ARG CD   NE   sing N N 103 
ARG CD   HD2  sing N N 104 
ARG CD   HD3  sing N N 105 
ARG NE   CZ   sing N N 106 
ARG NE   HE   sing N N 107 
ARG CZ   NH1  sing N N 108 
ARG CZ   NH2  doub N N 109 
ARG NH1  HH11 sing N N 110 
ARG NH1  HH12 sing N N 111 
ARG NH2  HH21 sing N N 112 
ARG NH2  HH22 sing N N 113 
ARG OXT  HXT  sing N N 114 
ASN N    CA   sing N N 115 
ASN N    H    sing N N 116 
ASN N    H2   sing N N 117 
ASN CA   C    sing N N 118 
ASN CA   CB   sing N N 119 
ASN CA   HA   sing N N 120 
ASN C    O    doub N N 121 
ASN C    OXT  sing N N 122 
ASN CB   CG   sing N N 123 
ASN CB   HB2  sing N N 124 
ASN CB   HB3  sing N N 125 
ASN CG   OD1  doub N N 126 
ASN CG   ND2  sing N N 127 
ASN ND2  HD21 sing N N 128 
ASN ND2  HD22 sing N N 129 
ASN OXT  HXT  sing N N 130 
ASP N    CA   sing N N 131 
ASP N    H    sing N N 132 
ASP N    H2   sing N N 133 
ASP CA   C    sing N N 134 
ASP CA   CB   sing N N 135 
ASP CA   HA   sing N N 136 
ASP C    O    doub N N 137 
ASP C    OXT  sing N N 138 
ASP CB   CG   sing N N 139 
ASP CB   HB2  sing N N 140 
ASP CB   HB3  sing N N 141 
ASP CG   OD1  doub N N 142 
ASP CG   OD2  sing N N 143 
ASP OD2  HD2  sing N N 144 
ASP OXT  HXT  sing N N 145 
CYS N    CA   sing N N 146 
CYS N    H    sing N N 147 
CYS N    H2   sing N N 148 
CYS CA   C    sing N N 149 
CYS CA   CB   sing N N 150 
CYS CA   HA   sing N N 151 
CYS C    O    doub N N 152 
CYS C    OXT  sing N N 153 
CYS CB   SG   sing N N 154 
CYS CB   HB2  sing N N 155 
CYS CB   HB3  sing N N 156 
CYS SG   HG   sing N N 157 
CYS OXT  HXT  sing N N 158 
GLN N    CA   sing N N 159 
GLN N    H    sing N N 160 
GLN N    H2   sing N N 161 
GLN CA   C    sing N N 162 
GLN CA   CB   sing N N 163 
GLN CA   HA   sing N N 164 
GLN C    O    doub N N 165 
GLN C    OXT  sing N N 166 
GLN CB   CG   sing N N 167 
GLN CB   HB2  sing N N 168 
GLN CB   HB3  sing N N 169 
GLN CG   CD   sing N N 170 
GLN CG   HG2  sing N N 171 
GLN CG   HG3  sing N N 172 
GLN CD   OE1  doub N N 173 
GLN CD   NE2  sing N N 174 
GLN NE2  HE21 sing N N 175 
GLN NE2  HE22 sing N N 176 
GLN OXT  HXT  sing N N 177 
GLU N    CA   sing N N 178 
GLU N    H    sing N N 179 
GLU N    H2   sing N N 180 
GLU CA   C    sing N N 181 
GLU CA   CB   sing N N 182 
GLU CA   HA   sing N N 183 
GLU C    O    doub N N 184 
GLU C    OXT  sing N N 185 
GLU CB   CG   sing N N 186 
GLU CB   HB2  sing N N 187 
GLU CB   HB3  sing N N 188 
GLU CG   CD   sing N N 189 
GLU CG   HG2  sing N N 190 
GLU CG   HG3  sing N N 191 
GLU CD   OE1  doub N N 192 
GLU CD   OE2  sing N N 193 
GLU OE2  HE2  sing N N 194 
GLU OXT  HXT  sing N N 195 
GLY N    CA   sing N N 196 
GLY N    H    sing N N 197 
GLY N    H2   sing N N 198 
GLY CA   C    sing N N 199 
GLY CA   HA2  sing N N 200 
GLY CA   HA3  sing N N 201 
GLY C    O    doub N N 202 
GLY C    OXT  sing N N 203 
GLY OXT  HXT  sing N N 204 
GOL C1   O1   sing N N 205 
GOL C1   C2   sing N N 206 
GOL C1   H11  sing N N 207 
GOL C1   H12  sing N N 208 
GOL O1   HO1  sing N N 209 
GOL C2   O2   sing N N 210 
GOL C2   C3   sing N N 211 
GOL C2   H2   sing N N 212 
GOL O2   HO2  sing N N 213 
GOL C3   O3   sing N N 214 
GOL C3   H31  sing N N 215 
GOL C3   H32  sing N N 216 
GOL O3   HO3  sing N N 217 
HIS N    CA   sing N N 218 
HIS N    H    sing N N 219 
HIS N    H2   sing N N 220 
HIS CA   C    sing N N 221 
HIS CA   CB   sing N N 222 
HIS CA   HA   sing N N 223 
HIS C    O    doub N N 224 
HIS C    OXT  sing N N 225 
HIS CB   CG   sing N N 226 
HIS CB   HB2  sing N N 227 
HIS CB   HB3  sing N N 228 
HIS CG   ND1  sing Y N 229 
HIS CG   CD2  doub Y N 230 
HIS ND1  CE1  doub Y N 231 
HIS ND1  HD1  sing N N 232 
HIS CD2  NE2  sing Y N 233 
HIS CD2  HD2  sing N N 234 
HIS CE1  NE2  sing Y N 235 
HIS CE1  HE1  sing N N 236 
HIS NE2  HE2  sing N N 237 
HIS OXT  HXT  sing N N 238 
HOH O    H1   sing N N 239 
HOH O    H2   sing N N 240 
ILE N    CA   sing N N 241 
ILE N    H    sing N N 242 
ILE N    H2   sing N N 243 
ILE CA   C    sing N N 244 
ILE CA   CB   sing N N 245 
ILE CA   HA   sing N N 246 
ILE C    O    doub N N 247 
ILE C    OXT  sing N N 248 
ILE CB   CG1  sing N N 249 
ILE CB   CG2  sing N N 250 
ILE CB   HB   sing N N 251 
ILE CG1  CD1  sing N N 252 
ILE CG1  HG12 sing N N 253 
ILE CG1  HG13 sing N N 254 
ILE CG2  HG21 sing N N 255 
ILE CG2  HG22 sing N N 256 
ILE CG2  HG23 sing N N 257 
ILE CD1  HD11 sing N N 258 
ILE CD1  HD12 sing N N 259 
ILE CD1  HD13 sing N N 260 
ILE OXT  HXT  sing N N 261 
LEU N    CA   sing N N 262 
LEU N    H    sing N N 263 
LEU N    H2   sing N N 264 
LEU CA   C    sing N N 265 
LEU CA   CB   sing N N 266 
LEU CA   HA   sing N N 267 
LEU C    O    doub N N 268 
LEU C    OXT  sing N N 269 
LEU CB   CG   sing N N 270 
LEU CB   HB2  sing N N 271 
LEU CB   HB3  sing N N 272 
LEU CG   CD1  sing N N 273 
LEU CG   CD2  sing N N 274 
LEU CG   HG   sing N N 275 
LEU CD1  HD11 sing N N 276 
LEU CD1  HD12 sing N N 277 
LEU CD1  HD13 sing N N 278 
LEU CD2  HD21 sing N N 279 
LEU CD2  HD22 sing N N 280 
LEU CD2  HD23 sing N N 281 
LEU OXT  HXT  sing N N 282 
LYS N    CA   sing N N 283 
LYS N    H    sing N N 284 
LYS N    H2   sing N N 285 
LYS CA   C    sing N N 286 
LYS CA   CB   sing N N 287 
LYS CA   HA   sing N N 288 
LYS C    O    doub N N 289 
LYS C    OXT  sing N N 290 
LYS CB   CG   sing N N 291 
LYS CB   HB2  sing N N 292 
LYS CB   HB3  sing N N 293 
LYS CG   CD   sing N N 294 
LYS CG   HG2  sing N N 295 
LYS CG   HG3  sing N N 296 
LYS CD   CE   sing N N 297 
LYS CD   HD2  sing N N 298 
LYS CD   HD3  sing N N 299 
LYS CE   NZ   sing N N 300 
LYS CE   HE2  sing N N 301 
LYS CE   HE3  sing N N 302 
LYS NZ   HZ1  sing N N 303 
LYS NZ   HZ2  sing N N 304 
LYS NZ   HZ3  sing N N 305 
LYS OXT  HXT  sing N N 306 
MET N    CA   sing N N 307 
MET N    H    sing N N 308 
MET N    H2   sing N N 309 
MET CA   C    sing N N 310 
MET CA   CB   sing N N 311 
MET CA   HA   sing N N 312 
MET C    O    doub N N 313 
MET C    OXT  sing N N 314 
MET CB   CG   sing N N 315 
MET CB   HB2  sing N N 316 
MET CB   HB3  sing N N 317 
MET CG   SD   sing N N 318 
MET CG   HG2  sing N N 319 
MET CG   HG3  sing N N 320 
MET SD   CE   sing N N 321 
MET CE   HE1  sing N N 322 
MET CE   HE2  sing N N 323 
MET CE   HE3  sing N N 324 
MET OXT  HXT  sing N N 325 
PHE N    CA   sing N N 326 
PHE N    H    sing N N 327 
PHE N    H2   sing N N 328 
PHE CA   C    sing N N 329 
PHE CA   CB   sing N N 330 
PHE CA   HA   sing N N 331 
PHE C    O    doub N N 332 
PHE C    OXT  sing N N 333 
PHE CB   CG   sing N N 334 
PHE CB   HB2  sing N N 335 
PHE CB   HB3  sing N N 336 
PHE CG   CD1  doub Y N 337 
PHE CG   CD2  sing Y N 338 
PHE CD1  CE1  sing Y N 339 
PHE CD1  HD1  sing N N 340 
PHE CD2  CE2  doub Y N 341 
PHE CD2  HD2  sing N N 342 
PHE CE1  CZ   doub Y N 343 
PHE CE1  HE1  sing N N 344 
PHE CE2  CZ   sing Y N 345 
PHE CE2  HE2  sing N N 346 
PHE CZ   HZ   sing N N 347 
PHE OXT  HXT  sing N N 348 
PRO N    CA   sing N N 349 
PRO N    CD   sing N N 350 
PRO N    H    sing N N 351 
PRO CA   C    sing N N 352 
PRO CA   CB   sing N N 353 
PRO CA   HA   sing N N 354 
PRO C    O    doub N N 355 
PRO C    OXT  sing N N 356 
PRO CB   CG   sing N N 357 
PRO CB   HB2  sing N N 358 
PRO CB   HB3  sing N N 359 
PRO CG   CD   sing N N 360 
PRO CG   HG2  sing N N 361 
PRO CG   HG3  sing N N 362 
PRO CD   HD2  sing N N 363 
PRO CD   HD3  sing N N 364 
PRO OXT  HXT  sing N N 365 
SER N    CA   sing N N 366 
SER N    H    sing N N 367 
SER N    H2   sing N N 368 
SER CA   C    sing N N 369 
SER CA   CB   sing N N 370 
SER CA   HA   sing N N 371 
SER C    O    doub N N 372 
SER C    OXT  sing N N 373 
SER CB   OG   sing N N 374 
SER CB   HB2  sing N N 375 
SER CB   HB3  sing N N 376 
SER OG   HG   sing N N 377 
SER OXT  HXT  sing N N 378 
THR N    CA   sing N N 379 
THR N    H    sing N N 380 
THR N    H2   sing N N 381 
THR CA   C    sing N N 382 
THR CA   CB   sing N N 383 
THR CA   HA   sing N N 384 
THR C    O    doub N N 385 
THR C    OXT  sing N N 386 
THR CB   OG1  sing N N 387 
THR CB   CG2  sing N N 388 
THR CB   HB   sing N N 389 
THR OG1  HG1  sing N N 390 
THR CG2  HG21 sing N N 391 
THR CG2  HG22 sing N N 392 
THR CG2  HG23 sing N N 393 
THR OXT  HXT  sing N N 394 
TYR N    CA   sing N N 395 
TYR N    H    sing N N 396 
TYR N    H2   sing N N 397 
TYR CA   C    sing N N 398 
TYR CA   CB   sing N N 399 
TYR CA   HA   sing N N 400 
TYR C    O    doub N N 401 
TYR C    OXT  sing N N 402 
TYR CB   CG   sing N N 403 
TYR CB   HB2  sing N N 404 
TYR CB   HB3  sing N N 405 
TYR CG   CD1  doub Y N 406 
TYR CG   CD2  sing Y N 407 
TYR CD1  CE1  sing Y N 408 
TYR CD1  HD1  sing N N 409 
TYR CD2  CE2  doub Y N 410 
TYR CD2  HD2  sing N N 411 
TYR CE1  CZ   doub Y N 412 
TYR CE1  HE1  sing N N 413 
TYR CE2  CZ   sing Y N 414 
TYR CE2  HE2  sing N N 415 
TYR CZ   OH   sing N N 416 
TYR OH   HH   sing N N 417 
TYR OXT  HXT  sing N N 418 
VAL N    CA   sing N N 419 
VAL N    H    sing N N 420 
VAL N    H2   sing N N 421 
VAL CA   C    sing N N 422 
VAL CA   CB   sing N N 423 
VAL CA   HA   sing N N 424 
VAL C    O    doub N N 425 
VAL C    OXT  sing N N 426 
VAL CB   CG1  sing N N 427 
VAL CB   CG2  sing N N 428 
VAL CB   HB   sing N N 429 
VAL CG1  HG11 sing N N 430 
VAL CG1  HG12 sing N N 431 
VAL CG1  HG13 sing N N 432 
VAL CG2  HG21 sing N N 433 
VAL CG2  HG22 sing N N 434 
VAL CG2  HG23 sing N N 435 
VAL OXT  HXT  sing N N 436 
# 
_pdbx_entity_instance_feature.ordinal        1 
_pdbx_entity_instance_feature.comp_id        1I9 
_pdbx_entity_instance_feature.asym_id        ? 
_pdbx_entity_instance_feature.seq_num        ? 
_pdbx_entity_instance_feature.auth_comp_id   1I9 
_pdbx_entity_instance_feature.auth_asym_id   ? 
_pdbx_entity_instance_feature.auth_seq_num   ? 
_pdbx_entity_instance_feature.feature_type   'SUBJECT OF INVESTIGATION' 
_pdbx_entity_instance_feature.details        ? 
# 
_atom_sites.entry_id                    7NA4 
_atom_sites.Cartn_transf_matrix[1][1]   ? 
_atom_sites.Cartn_transf_matrix[1][2]   ? 
_atom_sites.Cartn_transf_matrix[1][3]   ? 
_atom_sites.Cartn_transf_matrix[2][1]   ? 
_atom_sites.Cartn_transf_matrix[2][2]   ? 
_atom_sites.Cartn_transf_matrix[2][3]   ? 
_atom_sites.Cartn_transf_matrix[3][1]   ? 
_atom_sites.Cartn_transf_matrix[3][2]   ? 
_atom_sites.Cartn_transf_matrix[3][3]   ? 
_atom_sites.Cartn_transf_vector[1]      ? 
_atom_sites.Cartn_transf_vector[2]      ? 
_atom_sites.Cartn_transf_vector[3]      ? 
_atom_sites.fract_transf_matrix[1][1]   -0.01538504 
_atom_sites.fract_transf_matrix[1][2]   -0.01219129 
_atom_sites.fract_transf_matrix[1][3]   -0.00662551 
_atom_sites.fract_transf_matrix[2][1]   0.00297475 
_atom_sites.fract_transf_matrix[2][2]   -0.01254403 
_atom_sites.fract_transf_matrix[2][3]   -0.01621703 
_atom_sites.fract_transf_matrix[3][1]   0.00304352 
_atom_sites.fract_transf_matrix[3][2]   -0.00714985 
_atom_sites.fract_transf_matrix[3][3]   0.00608876 
_atom_sites.fract_transf_vector[1]      0.151574 
_atom_sites.fract_transf_vector[2]      0.354639 
_atom_sites.fract_transf_vector[3]      0.017486 
_atom_sites.solution_primary            ? 
_atom_sites.solution_secondary          ? 
_atom_sites.solution_hydrogens          ? 
_atom_sites.special_details             ? 
# 
loop_
_atom_type.symbol 
C  
CL 
N  
O  
S  
# 
loop_
_atom_site.group_PDB 
_atom_site.id 
_atom_site.type_symbol 
_atom_site.label_atom_id 
_atom_site.label_alt_id 
_atom_site.label_comp_id 
_atom_site.label_asym_id 
_atom_site.label_entity_id 
_atom_site.label_seq_id 
_atom_site.pdbx_PDB_ins_code 
_atom_site.Cartn_x 
_atom_site.Cartn_y 
_atom_site.Cartn_z 
_atom_site.occupancy 
_atom_site.B_iso_or_equiv 
_atom_site.pdbx_formal_charge 
_atom_site.auth_seq_id 
_atom_site.auth_comp_id 
_atom_site.auth_asym_id 
_atom_site.auth_atom_id 
_atom_site.pdbx_PDB_model_num 
ATOM   1   N  N    . GLY A 1 1  ? -3.790  14.954  -0.964  1.00 55.38  ?  16  GLY A N    1 
ATOM   2   C  CA   . GLY A 1 1  ? -3.431  14.845  0.497   1.00 88.24  ?  16  GLY A CA   1 
ATOM   3   C  C    . GLY A 1 1  ? -4.205  15.761  1.426   1.00 87.38  ?  16  GLY A C    1 
ATOM   4   O  O    . GLY A 1 1  ? -4.594  15.363  2.522   1.00 72.92  ?  16  GLY A O    1 
ATOM   5   N  N    . SER A 1 2  ? -4.404  16.997  0.978   1.00 85.27  ?  17  SER A N    1 
ATOM   6   C  CA   . SER A 1 2  ? -5.140  18.017  1.725   1.00 72.50  ?  17  SER A CA   1 
ATOM   7   C  C    . SER A 1 2  ? -6.649  17.715  1.827   1.00 55.32  ?  17  SER A C    1 
ATOM   8   O  O    . SER A 1 2  ? -7.254  18.007  2.855   1.00 59.59  ?  17  SER A O    1 
ATOM   9   C  CB   . SER A 1 2  ? -4.900  19.397  1.077   1.00 82.12  ?  17  SER A CB   1 
ATOM   10  O  OG   . SER A 1 2  ? -5.485  20.449  1.820   1.00 81.85  ?  17  SER A OG   1 
ATOM   11  N  N    . GLN A 1 3  ? -7.242  17.141  0.773   1.00 42.31  ?  18  GLN A N    1 
ATOM   12  C  CA   . GLN A 1 3  ? -8.672  16.751  0.757   1.00 57.45  ?  18  GLN A CA   1 
ATOM   13  C  C    . GLN A 1 3  ? -8.952  15.299  1.252   1.00 38.49  ?  18  GLN A C    1 
ATOM   14  O  O    . GLN A 1 3  ? -10.100 14.814  1.165   1.00 39.37  ?  18  GLN A O    1 
ATOM   15  C  CB   . GLN A 1 3  ? -9.267  16.957  -0.646  1.00 62.14  ?  18  GLN A CB   1 
ATOM   16  C  CG   . GLN A 1 3  ? -9.061  18.303  -1.302  0.00 61.27  ?  18  GLN A CG   1 
ATOM   17  C  CD   . GLN A 1 3  ? -9.666  18.443  -2.691  0.00 60.90  ?  18  GLN A CD   1 
ATOM   18  O  OE1  . GLN A 1 3  ? -10.177 17.480  -3.269  0.00 59.55  ?  18  GLN A OE1  1 
ATOM   19  N  NE2  . GLN A 1 3  ? -9.608  19.653  -3.236  0.00 60.92  ?  18  GLN A NE2  1 
ATOM   20  N  N    . ILE A 1 4  ? -7.936  14.627  1.799   1.00 39.79  ?  19  ILE A N    1 
ATOM   21  C  CA   . ILE A 1 4  ? -8.104  13.288  2.353   1.00 37.04  ?  19  ILE A CA   1 
ATOM   22  C  C    . ILE A 1 4  ? -8.358  13.336  3.857   1.00 30.36  ?  19  ILE A C    1 
ATOM   23  O  O    . ILE A 1 4  ? -7.549  13.898  4.586   1.00 33.94  ?  19  ILE A O    1 
ATOM   24  C  CB   . ILE A 1 4  ? -6.889  12.404  2.046   1.00 41.40  ?  19  ILE A CB   1 
ATOM   25  C  CG1  . ILE A 1 4  ? -6.810  12.220  0.522   1.00 51.52  ?  19  ILE A CG1  1 
ATOM   26  C  CG2  . ILE A 1 4  ? -7.039  11.038  2.723   1.00 34.57  ?  19  ILE A CG2  1 
ATOM   27  C  CD1  . ILE A 1 4  ? -5.706  11.325  0.053   1.00 43.36  ?  19  ILE A CD1  1 
ATOM   28  N  N    . PRO A 1 5  ? -9.471  12.730  4.333   1.00 28.04  ?  20  PRO A N    1 
ATOM   29  C  CA   . PRO A 1 5  ? -9.825  12.885  5.720   1.00 30.20  ?  20  PRO A CA   1 
ATOM   30  C  C    . PRO A 1 5  ? -9.011  11.942  6.597   1.00 37.77  ?  20  PRO A C    1 
ATOM   31  O  O    . PRO A 1 5  ? -8.656  10.856  6.142   1.00 27.82  ?  20  PRO A O    1 
ATOM   32  C  CB   . PRO A 1 5  ? -11.294 12.496  5.758   1.00 32.27  ?  20  PRO A CB   1 
ATOM   33  C  CG   . PRO A 1 5  ? -11.416 11.511  4.669   1.00 30.03  ?  20  PRO A CG   1 
ATOM   34  C  CD   . PRO A 1 5  ? -10.521 12.007  3.598   1.00 30.00  ?  20  PRO A CD   1 
ATOM   35  N  N    . ALA A 1 6  ? -8.753  12.370  7.832   1.00 39.02  ?  21  ALA A N    1 
ATOM   36  C  CA   . ALA A 1 6  ? -7.966  11.607  8.811   1.00 39.74  ?  21  ALA A CA   1 
ATOM   37  C  C    . ALA A 1 6  ? -8.721  10.368  9.200   1.00 34.15  ?  21  ALA A C    1 
ATOM   38  O  O    . ALA A 1 6  ? -8.099  9.362   9.556   1.00 37.75  ?  21  ALA A O    1 
ATOM   39  C  CB   . ALA A 1 6  ? -7.662  12.458  10.046  1.00 43.70  ?  21  ALA A CB   1 
ATOM   40  N  N    . SER A 1 7  ? -10.057 10.408  9.092   1.00 32.29  ?  22  SER A N    1 
ATOM   41  C  CA   . SER A 1 7  ? -10.894 9.219   9.356   1.00 32.88  ?  22  SER A CA   1 
ATOM   42  C  C    . SER A 1 7  ? -10.602 8.027   8.447   1.00 27.63  ?  22  SER A C    1 
ATOM   43  O  O    . SER A 1 7  ? -10.845 6.876   8.838   1.00 25.73  ?  22  SER A O    1 
ATOM   44  C  CB   . SER A 1 7  ? -12.397 9.545   9.297   1.00 37.76  ?  22  SER A CB   1 
ATOM   45  O  OG   . SER A 1 7  ? -12.808 9.905   7.979   1.00 30.46  ?  22  SER A OG   1 
ATOM   46  N  N    . GLU A 1 8  ? -10.101 8.292   7.240   1.00 24.67  ?  23  GLU A N    1 
ATOM   47  C  CA   . GLU A 1 8  ? -9.650  7.236   6.331   1.00 28.80  ?  23  GLU A CA   1 
ATOM   48  C  C    . GLU A 1 8  ? -8.720  6.223   7.012   1.00 35.50  ?  23  GLU A C    1 
ATOM   49  O  O    . GLU A 1 8  ? -8.832  4.992   6.789   1.00 27.69  ?  23  GLU A O    1 
ATOM   50  C  CB   . GLU A 1 8  ? -9.006  7.837   5.093   1.00 31.94  ?  23  GLU A CB   1 
ATOM   51  C  CG   . GLU A 1 8  ? -8.449  6.850   4.054   1.00 31.42  ?  23  GLU A CG   1 
ATOM   52  C  CD   . GLU A 1 8  ? -9.407  5.730   3.637   1.00 23.65  ?  23  GLU A CD   1 
ATOM   53  O  OE1  . GLU A 1 8  ? -10.570 5.692   4.061   1.00 34.39  ?  23  GLU A OE1  1 
ATOM   54  O  OE2  . GLU A 1 8  ? -8.958  4.792   2.962   1.00 34.33  ?  23  GLU A OE2  1 
ATOM   55  N  N    . GLN A 1 9  ? -7.880  6.735   7.910   1.00 28.51  ?  24  GLN A N    1 
ATOM   56  C  CA   . GLN A 1 9  ? -6.891  5.891   8.632   1.00 29.24  ?  24  GLN A CA   1 
ATOM   57  C  C    . GLN A 1 9  ? -7.573  4.849   9.516   1.00 27.75  ?  24  GLN A C    1 
ATOM   58  O  O    . GLN A 1 9  ? -7.011  3.797   9.764   1.00 24.65  ?  24  GLN A O    1 
ATOM   59  C  CB   . GLN A 1 9  ? -5.911  6.758   9.420   1.00 32.59  ?  24  GLN A CB   1 
ATOM   60  C  CG   . GLN A 1 9  ? -5.121  7.753   8.539   1.00 38.41  ?  24  GLN A CG   1 
ATOM   61  C  CD   . GLN A 1 9  ? -4.602  7.129   7.248   1.00 56.03  ?  24  GLN A CD   1 
ATOM   62  O  OE1  . GLN A 1 9  ? -4.950  7.547   6.110   1.00 50.39  ?  24  GLN A OE1  1 
ATOM   63  N  NE2  . GLN A 1 9  ? -3.810  6.081   7.414   1.00 42.09  ?  24  GLN A NE2  1 
ATOM   64  N  N    . GLU A 1 10 ? -8.810  5.107   9.927   1.00 25.31  ?  25  GLU A N    1 
ATOM   65  C  CA   . GLU A 1 10 ? -9.584  4.155   10.761  1.00 32.65  ?  25  GLU A CA   1 
ATOM   66  C  C    . GLU A 1 10 ? -10.428 3.110   10.011  1.00 28.16  ?  25  GLU A C    1 
ATOM   67  O  O    . GLU A 1 10 ? -11.032 2.237   10.645  1.00 26.88  ?  25  GLU A O    1 
ATOM   68  C  CB   . GLU A 1 10 ? -10.513 4.927   11.700  1.00 37.58  ?  25  GLU A CB   1 
ATOM   69  C  CG   . GLU A 1 10 ? -9.788  5.700   12.783  1.00 42.24  ?  25  GLU A CG   1 
ATOM   70  C  CD   . GLU A 1 10 ? -10.501 6.977   13.109  1.00 47.29  ?  25  GLU A CD   1 
ATOM   71  O  OE1  . GLU A 1 10 ? -11.677 6.912   13.543  1.00 47.65  ?  25  GLU A OE1  1 
ATOM   72  O  OE2  . GLU A 1 10 ? -9.867  8.027   12.914  1.00 54.36  ?  25  GLU A OE2  1 
ATOM   73  N  N    . THR A 1 11 ? -10.503 3.191   8.687   1.00 21.51  ?  26  THR A N    1 
ATOM   74  C  CA   . THR A 1 11 ? -11.252 2.235   7.907   1.00 24.30  ?  26  THR A CA   1 
ATOM   75  C  C    . THR A 1 11 ? -10.729 0.833   8.153   1.00 29.19  ?  26  THR A C    1 
ATOM   76  O  O    . THR A 1 11 ? -9.519  0.611   8.104   1.00 26.61  ?  26  THR A O    1 
ATOM   77  C  CB   . THR A 1 11 ? -11.135 2.550   6.418   1.00 24.12  ?  26  THR A CB   1 
ATOM   78  O  OG1  . THR A 1 11 ? -11.622 3.899   6.222   1.00 31.45  ?  26  THR A OG1  1 
ATOM   79  C  CG2  . THR A 1 11 ? -11.892 1.534   5.552   1.00 25.74  ?  26  THR A CG2  1 
ATOM   80  N  N    . LEU A 1 12 ? -11.649 -0.098  8.373   1.00 25.26  ?  27  LEU A N    1 
ATOM   81  C  CA   . LEU A 1 12 ? -11.293 -1.476  8.662   1.00 26.44  ?  27  LEU A CA   1 
ATOM   82  C  C    . LEU A 1 12 ? -11.454 -2.280  7.437   1.00 28.94  ?  27  LEU A C    1 
ATOM   83  O  O    . LEU A 1 12 ? -12.503 -2.210  6.770   1.00 28.35  ?  27  LEU A O    1 
ATOM   84  C  CB   . LEU A 1 12 ? -12.156 -2.037  9.780   1.00 33.61  ?  27  LEU A CB   1 
ATOM   85  C  CG   . LEU A 1 12 ? -11.999 -1.321  11.121  1.00 33.87  ?  27  LEU A CG   1 
ATOM   86  C  CD1  . LEU A 1 12 ? -13.150 -1.648  12.063  1.00 39.27  ?  27  LEU A CD1  1 
ATOM   87  C  CD2  . LEU A 1 12 ? -10.642 -1.644  11.760  1.00 38.67  ?  27  LEU A CD2  1 
ATOM   88  N  N    . VAL A 1 13 ? -10.408 -3.045  7.099   1.00 24.04  ?  28  VAL A N    1 
ATOM   89  C  CA   . VAL A 1 13 ? -10.286 -3.696  5.821   1.00 19.17  ?  28  VAL A CA   1 
ATOM   90  C  C    . VAL A 1 13 ? -9.801  -5.153  5.912   1.00 25.12  ?  28  VAL A C    1 
ATOM   91  O  O    . VAL A 1 13 ? -9.037  -5.482  6.820   1.00 27.25  ?  28  VAL A O    1 
ATOM   92  C  CB   . VAL A 1 13 ? -9.328  -2.938  4.890   1.00 27.52  ?  28  VAL A CB   1 
ATOM   93  C  CG1  . VAL A 1 13 ? -9.805  -1.492  4.664   1.00 25.24  ?  28  VAL A CG1  1 
ATOM   94  C  CG2  . VAL A 1 13 ? -7.875  -2.954  5.431   1.00 28.58  ?  28  VAL A CG2  1 
ATOM   95  N  N    . ARG A 1 14 ? -10.251 -5.958  4.974   1.00 24.69  ?  29  ARG A N    1 
ATOM   96  C  CA   . ARG A 1 14 ? -9.784  -7.329  4.752   1.00 31.88  ?  29  ARG A CA   1 
ATOM   97  C  C    . ARG A 1 14 ? -9.035  -7.384  3.408   1.00 24.88  ?  29  ARG A C    1 
ATOM   98  O  O    . ARG A 1 14 ? -9.654  -7.352  2.306   1.00 26.80  ?  29  ARG A O    1 
ATOM   99  C  CB   . ARG A 1 14 ? -10.927 -8.332  4.770   1.00 39.90  ?  29  ARG A CB   1 
ATOM   100 C  CG   . ARG A 1 14 ? -10.425 -9.773  4.545   1.00 41.61  ?  29  ARG A CG   1 
ATOM   101 C  CD   . ARG A 1 14 ? -11.300 -10.835 5.210   1.00 59.00  ?  29  ARG A CD   1 
ATOM   102 N  NE   . ARG A 1 14 ? -11.456 -10.607 6.655   1.00 83.82  ?  29  ARG A NE   1 
ATOM   103 C  CZ   . ARG A 1 14 ? -12.552 -10.155 7.281   1.00 70.73  ?  29  ARG A CZ   1 
ATOM   104 N  NH1  . ARG A 1 14 ? -13.686 -9.867  6.637   1.00 71.30  ?  29  ARG A NH1  1 
ATOM   105 N  NH2  . ARG A 1 14 ? -12.513 -9.987  8.593   1.00 60.07  ?  29  ARG A NH2  1 
ATOM   106 N  N    . PRO A 1 15 ? -7.689  -7.443  3.462   1.00 25.92  ?  30  PRO A N    1 
ATOM   107 C  CA   . PRO A 1 15 ? -6.862  -7.583  2.248   1.00 22.13  ?  30  PRO A CA   1 
ATOM   108 C  C    . PRO A 1 15 ? -7.235  -8.806  1.422   1.00 29.01  ?  30  PRO A C    1 
ATOM   109 O  O    . PRO A 1 15 ? -7.547  -9.853  1.988   1.00 26.91  ?  30  PRO A O    1 
ATOM   110 C  CB   . PRO A 1 15 ? -5.441  -7.769  2.826   1.00 26.09  ?  30  PRO A CB   1 
ATOM   111 C  CG   . PRO A 1 15 ? -5.484  -7.149  4.144   1.00 35.53  ?  30  PRO A CG   1 
ATOM   112 C  CD   . PRO A 1 15 ? -6.851  -7.484  4.679   1.00 34.50  ?  30  PRO A CD   1 
ATOM   113 N  N    . LYS A 1 16 ? -7.216  -8.678  0.096   1.00 25.47  ?  31  LYS A N    1 
ATOM   114 C  CA   . LYS A 1 16 ? -7.395  -9.837  -0.775  1.00 25.00  ?  31  LYS A CA   1 
ATOM   115 C  C    . LYS A 1 16 ? -6.084  -10.635 -0.712  1.00 26.81  ?  31  LYS A C    1 
ATOM   116 O  O    . LYS A 1 16 ? -5.088  -10.108 -0.208  1.00 27.34  ?  31  LYS A O    1 
ATOM   117 C  CB   . LYS A 1 16 ? -7.764  -9.399  -2.182  1.00 32.85  ?  31  LYS A CB   1 
ATOM   118 C  CG   . LYS A 1 16 ? -9.104  -8.701  -2.221  1.00 32.34  ?  31  LYS A CG   1 
ATOM   119 C  CD   . LYS A 1 16 ? -9.418  -8.209  -3.622  1.00 29.49  ?  31  LYS A CD   1 
ATOM   120 C  CE   . LYS A 1 16 ? -10.695 -7.377  -3.587  1.00 33.66  ?  31  LYS A CE   1 
ATOM   121 N  NZ   . LYS A 1 16 ? -10.966 -6.882  -4.960  1.00 32.58  ?  31  LYS A NZ   1 
ATOM   122 N  N    . PRO A 1 17 ? -6.084  -11.899 -1.185  1.00 37.52  ?  32  PRO A N    1 
ATOM   123 C  CA   . PRO A 1 17 ? -4.924  -12.791 -0.957  1.00 33.25  ?  32  PRO A CA   1 
ATOM   124 C  C    . PRO A 1 17 ? -3.550  -12.232 -1.330  1.00 26.39  ?  32  PRO A C    1 
ATOM   125 O  O    . PRO A 1 17 ? -2.609  -12.364 -0.539  1.00 30.41  ?  32  PRO A O    1 
ATOM   126 C  CB   . PRO A 1 17 ? -5.267  -14.027 -1.794  1.00 36.01  ?  32  PRO A CB   1 
ATOM   127 C  CG   . PRO A 1 17 ? -6.755  -14.077 -1.720  1.00 39.39  ?  32  PRO A CG   1 
ATOM   128 C  CD   . PRO A 1 17 ? -7.169  -12.628 -1.868  1.00 40.43  ?  32  PRO A CD   1 
ATOM   129 N  N    . LEU A 1 18 ? -3.410  -11.561 -2.472  1.00 31.68  ?  33  LEU A N    1 
ATOM   130 C  CA   . LEU A 1 18 ? -2.085  -11.099 -2.856  1.00 31.06  ?  33  LEU A CA   1 
ATOM   131 C  C    . LEU A 1 18 ? -1.592  -9.963  -1.939  1.00 27.69  ?  33  LEU A C    1 
ATOM   132 O  O    . LEU A 1 18 ? -0.419  -9.882  -1.622  1.00 28.22  ?  33  LEU A O    1 
ATOM   133 C  CB   . LEU A 1 18 ? -2.042  -10.695 -4.328  1.00 42.61  ?  33  LEU A CB   1 
ATOM   134 C  CG   . LEU A 1 18 ? -0.680  -10.209 -4.823  1.00 52.19  ?  33  LEU A CG   1 
ATOM   135 C  CD1  . LEU A 1 18 ? 0.463   -11.193 -4.542  1.00 46.21  ?  33  LEU A CD1  1 
ATOM   136 C  CD2  . LEU A 1 18 ? -0.796  -9.846  -6.298  1.00 64.74  ?  33  LEU A CD2  1 
ATOM   137 N  N    . LEU A 1 19 ? -2.505  -9.083  -1.531  1.00 25.12  ?  34  LEU A N    1 
ATOM   138 C  CA   . LEU A 1 19 ? -2.164  -7.974  -0.648  1.00 24.89  ?  34  LEU A CA   1 
ATOM   139 C  C    . LEU A 1 19 ? -1.840  -8.529  0.700   1.00 21.83  ?  34  LEU A C    1 
ATOM   140 O  O    . LEU A 1 19 ? -0.880  -8.055  1.315   1.00 24.71  ?  34  LEU A O    1 
ATOM   141 C  CB   . LEU A 1 19 ? -3.259  -6.920  -0.531  1.00 28.47  ?  34  LEU A CB   1 
ATOM   142 C  CG   . LEU A 1 19 ? -3.013  -5.804  0.501   1.00 30.48  ?  34  LEU A CG   1 
ATOM   143 C  CD1  . LEU A 1 19 ? -1.697  -5.065  0.223   1.00 30.28  ?  34  LEU A CD1  1 
ATOM   144 C  CD2  . LEU A 1 19 ? -4.196  -4.841  0.523   1.00 29.55  ?  34  LEU A CD2  1 
ATOM   145 N  N    . LEU A 1 20 ? -2.565  -9.569  1.120   1.00 22.63  ?  35  LEU A N    1 
ATOM   146 C  CA   . LEU A 1 20 ? -2.313  -10.210 2.407   1.00 26.67  ?  35  LEU A CA   1 
ATOM   147 C  C    . LEU A 1 20 ? -0.916  -10.865 2.412   1.00 25.14  ?  35  LEU A C    1 
ATOM   148 O  O    . LEU A 1 20 ? -0.183  -10.781 3.390   1.00 24.27  ?  35  LEU A O    1 
ATOM   149 C  CB   . LEU A 1 20 ? -3.338  -11.314 2.678   1.00 26.85  ?  35  LEU A CB   1 
ATOM   150 C  CG   . LEU A 1 20 ? -3.226  -11.925 4.093   1.00 28.32  ?  35  LEU A CG   1 
ATOM   151 C  CD1  . LEU A 1 20 ? -3.635  -10.946 5.181   1.00 33.11  ?  35  LEU A CD1  1 
ATOM   152 C  CD2  . LEU A 1 20 ? -4.065  -13.193 4.190   1.00 38.28  ?  35  LEU A CD2  1 
ATOM   153 N  N    . LYS A 1 21 ? -0.595  -11.561 1.338   1.00 23.68  ?  36  LYS A N    1 
ATOM   154 C  CA   . LYS A 1 21 ? 0.763   -12.098 1.133   1.00 33.75  ?  36  LYS A CA   1 
ATOM   155 C  C    . LYS A 1 21 ? 1.859   -11.042 1.404   1.00 30.39  ?  36  LYS A C    1 
ATOM   156 O  O    . LYS A 1 21 ? 2.784   -11.288 2.217   1.00 29.71  ?  36  LYS A O    1 
ATOM   157 C  CB   . LYS A 1 21 ? 0.882   -12.639 -0.302  1.00 28.56  ?  36  LYS A CB   1 
ATOM   158 C  CG   . LYS A 1 21 ? 2.214   -13.322 -0.662  1.00 36.27  ?  36  LYS A CG   1 
ATOM   159 C  CD   . LYS A 1 21 ? 2.085   -13.979 -2.032  1.00 42.96  ?  36  LYS A CD   1 
ATOM   160 C  CE   . LYS A 1 21 ? 3.407   -14.529 -2.544  1.00 51.40  ?  36  LYS A CE   1 
ATOM   161 N  NZ   . LYS A 1 21 ? 3.861   -15.646 -1.686  1.00 36.89  ?  36  LYS A NZ   1 
ATOM   162 N  N    . LEU A 1 22 ? 1.766   -9.868  0.760   1.00 26.08  ?  37  LEU A N    1 
ATOM   163 C  CA   . LEU A 1 22 ? 2.714   -8.758  1.009   1.00 24.14  ?  37  LEU A CA   1 
ATOM   164 C  C    . LEU A 1 22 ? 2.757   -8.260  2.446   1.00 28.42  ?  37  LEU A C    1 
ATOM   165 O  O    . LEU A 1 22 ? 3.853   -8.131  3.025   1.00 27.37  ?  37  LEU A O    1 
ATOM   166 C  CB   . LEU A 1 22 ? 2.483   -7.550  0.070   1.00 29.64  ?  37  LEU A CB   1 
ATOM   167 C  CG   . LEU A 1 22 ? 2.526   -7.732  -1.448  1.00 38.80  ?  37  LEU A CG   1 
ATOM   168 C  CD1  . LEU A 1 22 ? 3.040   -6.451  -2.113  1.00 44.15  ?  37  LEU A CD1  1 
ATOM   169 C  CD2  . LEU A 1 22 ? 3.366   -8.931  -1.886  1.00 50.64  ?  37  LEU A CD2  1 
ATOM   170 N  N    . LEU A 1 23 ? 1.575   -8.012  3.031   1.00 22.61  ?  38  LEU A N    1 
ATOM   171 C  CA   . LEU A 1 23 ? 1.472   -7.518  4.390   1.00 24.14  ?  38  LEU A CA   1 
ATOM   172 C  C    . LEU A 1 23 ? 2.148   -8.458  5.383   1.00 23.97  ?  38  LEU A C    1 
ATOM   173 O  O    . LEU A 1 23 ? 2.821   -7.996  6.310   1.00 21.37  ?  38  LEU A O    1 
ATOM   174 C  CB   . LEU A 1 23 ? 0.012   -7.279  4.819   1.00 24.13  ?  38  LEU A CB   1 
ATOM   175 C  CG   . LEU A 1 23 ? -0.656  -6.152  4.024   1.00 27.97  ?  38  LEU A CG   1 
ATOM   176 C  CD1  . LEU A 1 23 ? -2.166  -6.060  4.329   1.00 25.42  ?  38  LEU A CD1  1 
ATOM   177 C  CD2  . LEU A 1 23 ? 0.068   -4.839  4.232   1.00 27.43  ?  38  LEU A CD2  1 
ATOM   178 N  N    . LYS A 1 24 ? 1.963   -9.741  5.163   1.00 25.90  ?  39  LYS A N    1 
ATOM   179 C  CA   . LYS A 1 24 ? 2.472   -10.787 6.065   1.00 30.10  ?  39  LYS A CA   1 
ATOM   180 C  C    . LYS A 1 24 ? 3.992   -10.907 5.996   1.00 34.42  ?  39  LYS A C    1 
ATOM   181 O  O    . LYS A 1 24 ? 4.626   -11.491 6.886   1.00 30.34  ?  39  LYS A O    1 
ATOM   182 C  CB   . LYS A 1 24 ? 1.805   -12.123 5.722   1.00 31.21  ?  39  LYS A CB   1 
ATOM   183 C  CG   . LYS A 1 24 ? 0.347   -12.263 6.157   1.00 43.24  ?  39  LYS A CG   1 
ATOM   184 C  CD   . LYS A 1 24 ? 0.012   -13.761 6.235   1.00 60.19  ?  39  LYS A CD   1 
ATOM   185 C  CE   . LYS A 1 24 ? -1.475  -14.082 6.310   1.00 82.87  ?  39  LYS A CE   1 
ATOM   186 N  NZ   . LYS A 1 24 ? -2.292  -13.152 7.143   1.00 60.68  ?  39  LYS A NZ   1 
ATOM   187 N  N    . SER A 1 25 ? 4.584   -10.368 4.925   1.00 28.90  ?  40  SER A N    1 
ATOM   188 C  CA   . SER A 1 25 ? 6.019   -10.288 4.802   1.00 32.12  ?  40  SER A CA   1 
ATOM   189 C  C    . SER A 1 25 ? 6.643   -9.128  5.578   1.00 29.39  ?  40  SER A C    1 
ATOM   190 O  O    . SER A 1 25 ? 7.843   -9.118  5.768   1.00 26.69  ?  40  SER A O    1 
ATOM   191 C  CB   . SER A 1 25 ? 6.430   -10.275 3.314   1.00 35.82  ?  40  SER A CB   1 
ATOM   192 O  OG   . SER A 1 25 ? 6.391   -8.969  2.810   1.00 30.95  ?  40  SER A OG   1 
ATOM   193 N  N    . VAL A 1 26 ? 5.833   -8.180  6.063   1.00 24.38  ?  41  VAL A N    1 
ATOM   194 C  CA   . VAL A 1 26 ? 6.285   -7.050  6.891   1.00 22.50  ?  41  VAL A CA   1 
ATOM   195 C  C    . VAL A 1 26 ? 5.631   -6.833  8.257   1.00 27.31  ?  41  VAL A C    1 
ATOM   196 O  O    . VAL A 1 26 ? 6.193   -6.104  9.069   1.00 33.52  ?  41  VAL A O    1 
ATOM   197 C  CB   . VAL A 1 26 ? 6.179   -5.705  6.110   1.00 29.95  ?  41  VAL A CB   1 
ATOM   198 C  CG1  . VAL A 1 26 ? 7.246   -5.652  5.040   1.00 34.33  ?  41  VAL A CG1  1 
ATOM   199 C  CG2  . VAL A 1 26 ? 4.807   -5.547  5.493   1.00 22.84  ?  41  VAL A CG2  1 
ATOM   200 N  N    . GLY A 1 27 ? 4.465   -7.444  8.507   1.00 30.04  ?  42  GLY A N    1 
ATOM   201 C  CA   . GLY A 1 27 ? 3.792   -7.314  9.779   1.00 31.49  ?  42  GLY A CA   1 
ATOM   202 C  C    . GLY A 1 27 ? 3.120   -8.564  10.273  1.00 21.97  ?  42  GLY A C    1 
ATOM   203 O  O    . GLY A 1 27 ? 3.097   -9.619  9.608   1.00 30.08  ?  42  GLY A O    1 
ATOM   204 N  N    . ALA A 1 28 ? 2.479   -8.405  11.435  1.00 39.25  ?  43  ALA A N    1 
ATOM   205 C  CA   . ALA A 1 28 ? 1.669   -9.448  12.054  1.00 54.81  ?  43  ALA A CA   1 
ATOM   206 C  C    . ALA A 1 28 ? 0.539   -9.819  11.108  1.00 36.29  ?  43  ALA A C    1 
ATOM   207 O  O    . ALA A 1 28 ? -0.028  -8.932  10.439  1.00 33.89  ?  43  ALA A O    1 
ATOM   208 C  CB   . ALA A 1 28 ? 1.102   -8.966  13.390  1.00 61.83  ?  43  ALA A CB   1 
ATOM   209 N  N    . GLN A 1 29 ? 0.268   -11.119 11.014  1.00 35.51  ?  44  GLN A N    1 
ATOM   210 C  CA   . GLN A 1 29 ? -0.861  -11.655 10.271  1.00 50.19  ?  44  GLN A CA   1 
ATOM   211 C  C    . GLN A 1 29 ? -2.108  -11.547 11.133  1.00 55.97  ?  44  GLN A C    1 
ATOM   212 O  O    . GLN A 1 29 ? -2.130  -11.992 12.282  1.00 48.06  ?  44  GLN A O    1 
ATOM   213 C  CB   . GLN A 1 29 ? -0.636  -13.112 9.880   1.00 62.44  ?  44  GLN A CB   1 
ATOM   214 C  CG   . GLN A 1 29 ? -0.489  -14.157 10.972  0.00 58.21  ?  44  GLN A CG   1 
ATOM   215 C  CD   . GLN A 1 29 ? 0.004   -15.498 10.447  0.00 57.90  ?  44  GLN A CD   1 
ATOM   216 O  OE1  . GLN A 1 29 ? -0.330  -15.907 9.333   0.00 56.65  ?  44  GLN A OE1  1 
ATOM   217 N  NE2  . GLN A 1 29 ? 0.799   -16.190 11.255  0.00 57.76  ?  44  GLN A NE2  1 
ATOM   218 N  N    . LYS A 1 30 ? -3.122  -10.933 10.543  1.00 35.08  ?  45  LYS A N    1 
ATOM   219 C  CA   . LYS A 1 30 ? -4.407  -10.600 11.164  1.00 36.67  ?  45  LYS A CA   1 
ATOM   220 C  C    . LYS A 1 30 ? -5.372  -10.786 9.986   1.00 42.29  ?  45  LYS A C    1 
ATOM   221 O  O    . LYS A 1 30 ? -4.929  -10.854 8.828   1.00 43.77  ?  45  LYS A O    1 
ATOM   222 C  CB   . LYS A 1 30 ? -4.486  -9.126  11.614  1.00 41.34  ?  45  LYS A CB   1 
ATOM   223 C  CG   . LYS A 1 30 ? -3.608  -8.684  12.758  1.00 53.13  ?  45  LYS A CG   1 
ATOM   224 C  CD   . LYS A 1 30 ? -4.244  -7.591  13.618  1.00 59.99  ?  45  LYS A CD   1 
ATOM   225 C  CE   . LYS A 1 30 ? -4.085  -6.184  13.058  1.00 47.48  ?  45  LYS A CE   1 
ATOM   226 N  NZ   . LYS A 1 30 ? -4.546  -5.225  14.108  1.00 56.66  ?  45  LYS A NZ   1 
ATOM   227 N  N    . ASP A 1 31 ? -6.662  -10.867 10.279  1.00 59.55  ?  46  ASP A N    1 
ATOM   228 C  CA   . ASP A 1 31 ? -7.705  -10.975 9.251   1.00 59.04  ?  46  ASP A CA   1 
ATOM   229 C  C    . ASP A 1 31 ? -8.242  -9.589  8.849   1.00 40.28  ?  46  ASP A C    1 
ATOM   230 O  O    . ASP A 1 31 ? -8.492  -9.359  7.657   1.00 44.08  ?  46  ASP A O    1 
ATOM   231 C  CB   . ASP A 1 31 ? -8.810  -11.885 9.768   1.00 68.07  ?  46  ASP A CB   1 
ATOM   232 C  CG   . ASP A 1 31 ? -8.276  -13.269 10.111  1.00 95.44  ?  46  ASP A CG   1 
ATOM   233 O  OD1  . ASP A 1 31 ? -8.131  -14.086 9.170   1.00 74.40  ?  46  ASP A OD1  1 
ATOM   234 O  OD2  . ASP A 1 31 ? -7.940  -13.510 11.300  1.00 78.08  ?  46  ASP A OD2  1 
ATOM   235 N  N    . THR A 1 32 ? -8.383  -8.710  9.852   1.00 37.25  ?  47  THR A N    1 
ATOM   236 C  CA   . THR A 1 32 ? -8.829  -7.294  9.705   1.00 33.32  ?  47  THR A CA   1 
ATOM   237 C  C    . THR A 1 32 ? -7.739  -6.288  10.092  1.00 43.15  ?  47  THR A C    1 
ATOM   238 O  O    . THR A 1 32 ? -7.213  -6.311  11.218  1.00 36.74  ?  47  THR A O    1 
ATOM   239 C  CB   . THR A 1 32 ? -10.079 -7.004  10.542  1.00 38.13  ?  47  THR A CB   1 
ATOM   240 O  OG1  . THR A 1 32 ? -11.179 -7.685  9.958   1.00 43.28  ?  47  THR A OG1  1 
ATOM   241 C  CG2  . THR A 1 32 ? -10.427 -5.486  10.593  1.00 30.27  ?  47  THR A CG2  1 
ATOM   242 N  N    . TYR A 1 33 ? -7.422  -5.414  9.140   1.00 26.14  ?  48  TYR A N    1 
ATOM   243 C  CA   . TYR A 1 33 ? -6.450  -4.337  9.305   1.00 23.60  ?  48  TYR A CA   1 
ATOM   244 C  C    . TYR A 1 33 ? -7.152  -2.981  9.282   1.00 34.04  ?  48  TYR A C    1 
ATOM   245 O  O    . TYR A 1 33 ? -8.260  -2.855  8.776   1.00 28.79  ?  48  TYR A O    1 
ATOM   246 C  CB   . TYR A 1 33 ? -5.371  -4.398  8.227   1.00 22.50  ?  48  TYR A CB   1 
ATOM   247 C  CG   . TYR A 1 33 ? -4.441  -5.605  8.259   1.00 24.65  ?  48  TYR A CG   1 
ATOM   248 C  CD1  . TYR A 1 33 ? -4.810  -6.809  7.673   1.00 22.76  ?  48  TYR A CD1  1 
ATOM   249 C  CD2  . TYR A 1 33 ? -3.193  -5.545  8.887   1.00 29.34  ?  48  TYR A CD2  1 
ATOM   250 C  CE1  . TYR A 1 33 ? -3.981  -7.930  7.693   1.00 30.51  ?  48  TYR A CE1  1 
ATOM   251 C  CE2  . TYR A 1 33 ? -2.356  -6.673  8.907   1.00 28.00  ?  48  TYR A CE2  1 
ATOM   252 C  CZ   . TYR A 1 33 ? -2.761  -7.858  8.309   1.00 31.16  ?  48  TYR A CZ   1 
ATOM   253 O  OH   . TYR A 1 33 ? -1.952  -8.969  8.329   1.00 30.88  ?  48  TYR A OH   1 
ATOM   254 N  N    . THR A 1 34 ? -6.531  -1.977  9.877   1.00 25.33  ?  49  THR A N    1 
ATOM   255 C  CA   . THR A 1 34 ? -6.951  -0.582  9.626   1.00 32.27  ?  49  THR A CA   1 
ATOM   256 C  C    . THR A 1 34 ? -6.199  -0.077  8.407   1.00 27.51  ?  49  THR A C    1 
ATOM   257 O  O    . THR A 1 34 ? -5.154  -0.613  8.034   1.00 22.16  ?  49  THR A O    1 
ATOM   258 C  CB   . THR A 1 34 ? -6.625  0.355   10.789  1.00 29.97  ?  49  THR A CB   1 
ATOM   259 O  OG1  . THR A 1 34 ? -5.202  0.387   10.989  1.00 25.23  ?  49  THR A OG1  1 
ATOM   260 C  CG2  . THR A 1 34 ? -7.330  -0.093  12.090  1.00 33.06  ?  49  THR A CG2  1 
ATOM   261 N  N    . MET A 1 35 ? -6.684  0.968   7.772   1.00 24.92  ?  50  MET A N    1 
ATOM   262 C  CA   . MET A 1 35 ? -5.892  1.565   6.650   1.00 21.65  ?  50  MET A CA   1 
ATOM   263 C  C    . MET A 1 35 ? -4.580  2.143   7.154   1.00 20.23  ?  50  MET A C    1 
ATOM   264 O  O    . MET A 1 35 ? -3.554  2.158   6.434   1.00 22.97  ?  50  MET A O    1 
ATOM   265 C  CB   . MET A 1 35 ? -6.712  2.603   5.901   1.00 21.42  ?  50  MET A CB   1 
ATOM   266 C  CG   . MET A 1 35 ? -7.646  1.958   4.886   1.00 31.31  ?  50  MET A CG   1 
ATOM   267 S  SD   . MET A 1 35 ? -6.803  1.160   3.458   1.00 40.25  ?  50  MET A SD   1 
ATOM   268 C  CE   . MET A 1 35 ? -5.585  2.303   3.067   1.00 23.88  ?  50  MET A CE   1 
ATOM   269 N  N    . LYS A 1 36 ? -4.570  2.605   8.413   1.00 21.78  ?  51  LYS A N    1 
ATOM   270 C  CA   . LYS A 1 36 ? -3.330  3.105   9.010   1.00 23.40  ?  51  LYS A CA   1 
ATOM   271 C  C    . LYS A 1 36 ? -2.265  2.003   8.956   1.00 20.33  ?  51  LYS A C    1 
ATOM   272 O  O    . LYS A 1 36 ? -1.134  2.262   8.606   1.00 22.28  ?  51  LYS A O    1 
ATOM   273 C  CB   . LYS A 1 36 ? -3.562  3.525   10.462  1.00 28.93  ?  51  LYS A CB   1 
ATOM   274 C  CG   . LYS A 1 36 ? -2.315  3.910   11.245  1.00 31.00  ?  51  LYS A CG   1 
ATOM   275 C  CD   . LYS A 1 36 ? -2.705  4.699   12.504  1.00 41.34  ?  51  LYS A CD   1 
ATOM   276 C  CE   . LYS A 1 36 ? -1.584  4.765   13.518  1.00 56.68  ?  51  LYS A CE   1 
ATOM   277 N  NZ   . LYS A 1 36 ? -1.954  5.610   14.693  1.00 61.24  ?  51  LYS A NZ   1 
ATOM   278 N  N    . GLU A 1 37 ? -2.666  0.815   9.353   1.00 17.69  ?  52  GLU A N    1 
ATOM   279 C  CA   . GLU A 1 37 ? -1.799  -0.388  9.285   1.00 22.40  ?  52  GLU A CA   1 
ATOM   280 C  C    . GLU A 1 37 ? -1.368  -0.707  7.892   1.00 24.71  ?  52  GLU A C    1 
ATOM   281 O  O    . GLU A 1 37 ? -0.203  -0.912  7.656   1.00 24.79  ?  52  GLU A O    1 
ATOM   282 C  CB   . GLU A 1 37 ? -2.460  -1.613  9.880   1.00 26.15  ?  52  GLU A CB   1 
ATOM   283 C  CG   . GLU A 1 37 ? -2.546  -1.548  11.398  1.00 29.52  ?  52  GLU A CG   1 
ATOM   284 C  CD   . GLU A 1 37 ? -3.382  -2.681  12.009  1.00 34.82  ?  52  GLU A CD   1 
ATOM   285 O  OE1  . GLU A 1 37 ? -4.393  -3.061  11.428  1.00 25.08  ?  52  GLU A OE1  1 
ATOM   286 O  OE2  . GLU A 1 37 ? -3.078  -3.171  13.117  1.00 36.80  ?  52  GLU A OE2  1 
ATOM   287 N  N    . VAL A 1 38 ? -2.306  -0.745  6.951   1.00 19.48  ?  53  VAL A N    1 
ATOM   288 C  CA   . VAL A 1 38 ? -1.981  -1.096  5.577   1.00 22.77  ?  53  VAL A CA   1 
ATOM   289 C  C    . VAL A 1 38 ? -0.969  -0.113  4.985   1.00 25.34  ?  53  VAL A C    1 
ATOM   290 O  O    . VAL A 1 38 ? -0.040  -0.542  4.330   1.00 21.20  ?  53  VAL A O    1 
ATOM   291 C  CB   . VAL A 1 38 ? -3.257  -1.161  4.681   1.00 17.50  ?  53  VAL A CB   1 
ATOM   292 C  CG1  . VAL A 1 38 ? -2.905  -1.224  3.205   1.00 21.95  ?  53  VAL A CG1  1 
ATOM   293 C  CG2  . VAL A 1 38 ? -4.161  -2.298  5.119   1.00 20.77  ?  53  VAL A CG2  1 
ATOM   294 N  N    . LEU A 1 39 ? -1.128  1.182   5.223   1.00 22.66  ?  54  LEU A N    1 
ATOM   295 C  CA   . LEU A 1 39 ? -0.237  2.171   4.671   1.00 23.03  ?  54  LEU A CA   1 
ATOM   296 C  C    . LEU A 1 39 ? 1.135   2.029   5.292   1.00 23.72  ?  54  LEU A C    1 
ATOM   297 O  O    . LEU A 1 39 ? 2.154   2.071   4.606   1.00 24.87  ?  54  LEU A O    1 
ATOM   298 C  CB   . LEU A 1 39 ? -0.773  3.590   4.893   1.00 20.39  ?  54  LEU A CB   1 
ATOM   299 C  CG   . LEU A 1 39 ? -1.978  3.917   3.998   1.00 24.02  ?  54  LEU A CG   1 
ATOM   300 C  CD1  . LEU A 1 39 ? -2.617  5.198   4.555   1.00 28.47  ?  54  LEU A CD1  1 
ATOM   301 C  CD2  . LEU A 1 39 ? -1.574  4.069   2.524   1.00 20.80  ?  54  LEU A CD2  1 
ATOM   302 N  N    . PHE A 1 40 ? 1.171   1.831   6.598   1.00 20.41  ?  55  PHE A N    1 
ATOM   303 C  CA   . PHE A 1 40 ? 2.473   1.704   7.284   1.00 22.65  ?  55  PHE A CA   1 
ATOM   304 C  C    . PHE A 1 40 ? 3.228   0.514   6.728   1.00 18.91  ?  55  PHE A C    1 
ATOM   305 O  O    . PHE A 1 40 ? 4.384   0.639   6.382   1.00 21.38  ?  55  PHE A O    1 
ATOM   306 C  CB   . PHE A 1 40 ? 2.287   1.507   8.810   1.00 23.54  ?  55  PHE A CB   1 
ATOM   307 C  CG   . PHE A 1 40 ? 3.561   1.179   9.501   1.00 24.69  ?  55  PHE A CG   1 
ATOM   308 C  CD1  . PHE A 1 40 ? 4.529   2.158   9.665   1.00 24.60  ?  55  PHE A CD1  1 
ATOM   309 C  CD2  . PHE A 1 40 ? 3.811   -0.108  9.918   1.00 26.11  ?  55  PHE A CD2  1 
ATOM   310 C  CE1  . PHE A 1 40 ? 5.727   1.857   10.281  1.00 29.02  ?  55  PHE A CE1  1 
ATOM   311 C  CE2  . PHE A 1 40 ? 4.997   -0.408  10.537  1.00 29.73  ?  55  PHE A CE2  1 
ATOM   312 C  CZ   . PHE A 1 40 ? 5.941   0.567   10.713  1.00 27.72  ?  55  PHE A CZ   1 
ATOM   313 N  N    . TYR A 1 41 ? 2.564   -0.647  6.711   1.00 24.00  ?  56  TYR A N    1 
ATOM   314 C  CA   . TYR A 1 41 ? 3.165   -1.897  6.240   1.00 22.18  ?  56  TYR A CA   1 
ATOM   315 C  C    . TYR A 1 41 ? 3.571   -1.820  4.773   1.00 29.55  ?  56  TYR A C    1 
ATOM   316 O  O    . TYR A 1 41 ? 4.662   -2.215  4.416   1.00 22.53  ?  56  TYR A O    1 
ATOM   317 C  CB   . TYR A 1 41 ? 2.213   -3.048  6.472   1.00 25.16  ?  56  TYR A CB   1 
ATOM   318 C  CG   . TYR A 1 41 ? 2.072   -3.402  7.939   1.00 26.39  ?  56  TYR A CG   1 
ATOM   319 C  CD1  . TYR A 1 41 ? 3.197   -3.457  8.785   1.00 28.88  ?  56  TYR A CD1  1 
ATOM   320 C  CD2  . TYR A 1 41 ? 0.830   -3.700  8.492   1.00 24.96  ?  56  TYR A CD2  1 
ATOM   321 C  CE1  . TYR A 1 41 ? 3.062   -3.774  10.150  1.00 28.90  ?  56  TYR A CE1  1 
ATOM   322 C  CE2  . TYR A 1 41 ? 0.701   -4.020  9.842   1.00 25.84  ?  56  TYR A CE2  1 
ATOM   323 C  CZ   . TYR A 1 41 ? 1.829   -4.045  10.664  1.00 28.31  ?  56  TYR A CZ   1 
ATOM   324 O  OH   . TYR A 1 41 ? 1.695   -4.407  12.001  1.00 28.10  ?  56  TYR A OH   1 
ATOM   325 N  N    . LEU A 1 42 ? 2.702   -1.303  3.906   1.00 21.32  ?  57  LEU A N    1 
ATOM   326 C  CA   . LEU A 1 42 ? 3.149   -1.092  2.519   1.00 18.96  ?  57  LEU A CA   1 
ATOM   327 C  C    . LEU A 1 42 ? 4.390   -0.189  2.412   1.00 20.37  ?  57  LEU A C    1 
ATOM   328 O  O    . LEU A 1 42 ? 5.248   -0.441  1.561   1.00 25.03  ?  57  LEU A O    1 
ATOM   329 C  CB   . LEU A 1 42 ? 1.986   -0.600  1.620   1.00 19.62  ?  57  LEU A CB   1 
ATOM   330 C  CG   . LEU A 1 42 ? 0.906   -1.606  1.257   1.00 25.92  ?  57  LEU A CG   1 
ATOM   331 C  CD1  . LEU A 1 42 ? -0.175  -0.927  0.385   1.00 26.35  ?  57  LEU A CD1  1 
ATOM   332 C  CD2  . LEU A 1 42 ? 1.499   -2.838  0.568   1.00 28.56  ?  57  LEU A CD2  1 
ATOM   333 N  N    . GLY A 1 43 ? 4.460   0.900   3.193   1.00 22.06  ?  58  GLY A N    1 
ATOM   334 C  CA   . GLY A 1 43 ? 5.569   1.807   3.164   1.00 27.42  ?  58  GLY A CA   1 
ATOM   335 C  C    . GLY A 1 43 ? 6.838   1.088   3.593   1.00 25.52  ?  58  GLY A C    1 
ATOM   336 O  O    . GLY A 1 43 ? 7.880   1.232   2.962   1.00 22.74  ?  58  GLY A O    1 
ATOM   337 N  N    . GLN A 1 44 ? 6.755   0.310   4.662   1.00 24.64  ?  59  GLN A N    1 
ATOM   338 C  CA   . GLN A 1 44 ? 7.936   -0.463  5.113   1.00 23.55  ?  59  GLN A CA   1 
ATOM   339 C  C    . GLN A 1 44 ? 8.332   -1.529  4.082   1.00 21.90  ?  59  GLN A C    1 
ATOM   340 O  O    . GLN A 1 44 ? 9.527   -1.727  3.820   1.00 24.54  ?  59  GLN A O    1 
ATOM   341 C  CB   . GLN A 1 44 ? 7.739   -1.036  6.527   1.00 25.85  ?  59  GLN A CB   1 
ATOM   342 C  CG   . GLN A 1 44 ? 7.663   0.063   7.621   1.00 26.67  ?  59  GLN A CG   1 
ATOM   343 C  CD   . GLN A 1 44 ? 8.849   0.997   7.620   1.00 41.68  ?  59  GLN A CD   1 
ATOM   344 O  OE1  . GLN A 1 44 ? 9.985   0.536   7.575   1.00 39.73  ?  59  GLN A OE1  1 
ATOM   345 N  NE2  . GLN A 1 44 ? 8.599   2.307   7.597   1.00 28.74  ?  59  GLN A NE2  1 
ATOM   346 N  N    . TYR A 1 45 ? 7.356   -2.165  3.443   1.00 26.04  ?  60  TYR A N    1 
ATOM   347 C  CA   . TYR A 1 45 ? 7.623   -3.189  2.422   1.00 28.66  ?  60  TYR A CA   1 
ATOM   348 C  C    . TYR A 1 45 ? 8.386   -2.582  1.257   1.00 27.41  ?  60  TYR A C    1 
ATOM   349 O  O    . TYR A 1 45 ? 9.380   -3.137  0.789   1.00 23.20  ?  60  TYR A O    1 
ATOM   350 C  CB   . TYR A 1 45 ? 6.328   -3.806  1.900   1.00 26.68  ?  60  TYR A CB   1 
ATOM   351 C  CG   . TYR A 1 45 ? 6.491   -4.798  0.773   1.00 23.86  ?  60  TYR A CG   1 
ATOM   352 C  CD1  . TYR A 1 45 ? 6.838   -6.136  1.033   1.00 27.01  ?  60  TYR A CD1  1 
ATOM   353 C  CD2  . TYR A 1 45 ? 6.366   -4.396  -0.554  1.00 25.94  ?  60  TYR A CD2  1 
ATOM   354 C  CE1  . TYR A 1 45 ? 6.981   -7.042  -0.004  1.00 30.33  ?  60  TYR A CE1  1 
ATOM   355 C  CE2  . TYR A 1 45 ? 6.545   -5.297  -1.604  1.00 27.68  ?  60  TYR A CE2  1 
ATOM   356 C  CZ   . TYR A 1 45 ? 6.848   -6.631  -1.319  1.00 35.51  ?  60  TYR A CZ   1 
ATOM   357 O  OH   . TYR A 1 45 ? 7.026   -7.554  -2.332  1.00 26.04  ?  60  TYR A OH   1 
ATOM   358 N  N    . ILE A 1 46 ? 7.897   -1.439  0.804   1.00 21.00  ?  61  ILE A N    1 
ATOM   359 C  CA   . ILE A 1 46 ? 8.556   -0.659  -0.245  1.00 21.48  ?  61  ILE A CA   1 
ATOM   360 C  C    . ILE A 1 46 ? 10.003  -0.347  0.098   1.00 23.48  ?  61  ILE A C    1 
ATOM   361 O  O    . ILE A 1 46 ? 10.957  -0.548  -0.744  1.00 24.06  ?  61  ILE A O    1 
ATOM   362 C  CB   . ILE A 1 46 ? 7.721   0.603   -0.551  1.00 21.63  ?  61  ILE A CB   1 
ATOM   363 C  CG1  . ILE A 1 46 ? 6.475   0.161   -1.340  1.00 24.14  ?  61  ILE A CG1  1 
ATOM   364 C  CG2  . ILE A 1 46 ? 8.483   1.656   -1.370  1.00 18.55  ?  61  ILE A CG2  1 
ATOM   365 C  CD1  . ILE A 1 46 ? 5.299   1.156   -1.335  1.00 25.16  ?  61  ILE A CD1  1 
ATOM   366 N  N    . MET A 1 47 ? 10.213  0.130   1.307   1.00 25.03  ?  62  MET A N    1 
ATOM   367 C  CA   . MET A 1 47 ? 11.570  0.508   1.690   1.00 30.60  ?  62  MET A CA   1 
ATOM   368 C  C    . MET A 1 47 ? 12.454  -0.712  1.794   1.00 31.17  ?  62  MET A C    1 
ATOM   369 O  O    . MET A 1 47 ? 13.587  -0.680  1.322   1.00 31.26  ?  62  MET A O    1 
ATOM   370 C  CB   . MET A 1 47 ? 11.601  1.272   3.019   1.00 31.40  ?  62  MET A CB   1 
ATOM   371 C  CG   . MET A 1 47 ? 10.993  2.651   2.973   1.00 28.33  ?  62  MET A CG   1 
ATOM   372 S  SD   . MET A 1 47 ? 11.675  3.709   1.697   1.00 33.10  ?  62  MET A SD   1 
ATOM   373 C  CE   . MET A 1 47 ? 13.328  3.962   2.353   1.00 33.40  ?  62  MET A CE   1 
ATOM   374 N  N    A THR A 1 48 ? 11.932  -1.773  2.392   0.50 29.05  ?  63  THR A N    1 
ATOM   375 N  N    B THR A 1 48 ? 11.954  -1.788  2.406   0.50 30.61  ?  63  THR A N    1 
ATOM   376 C  CA   A THR A 1 48 ? 12.697  -2.989  2.606   0.50 32.93  ?  63  THR A CA   1 
ATOM   377 C  CA   B THR A 1 48 ? 12.774  -2.990  2.616   0.50 36.74  ?  63  THR A CA   1 
ATOM   378 C  C    A THR A 1 48 ? 13.184  -3.632  1.305   0.50 32.44  ?  63  THR A C    1 
ATOM   379 C  C    B THR A 1 48 ? 13.176  -3.694  1.312   0.50 35.92  ?  63  THR A C    1 
ATOM   380 O  O    A THR A 1 48 ? 14.321  -4.075  1.228   0.50 31.16  ?  63  THR A O    1 
ATOM   381 O  O    B THR A 1 48 ? 14.241  -4.295  1.250   0.50 38.87  ?  63  THR A O    1 
ATOM   382 C  CB   A THR A 1 48 ? 11.897  -3.954  3.494   0.50 35.28  ?  63  THR A CB   1 
ATOM   383 C  CB   B THR A 1 48 ? 12.131  -3.998  3.608   0.50 40.13  ?  63  THR A CB   1 
ATOM   384 O  OG1  A THR A 1 48 ? 11.846  -3.382  4.807   0.50 28.54  ?  63  THR A OG1  1 
ATOM   385 O  OG1  B THR A 1 48 ? 13.105  -4.980  3.991   0.50 39.55  ?  63  THR A OG1  1 
ATOM   386 C  CG2  A THR A 1 48 ? 12.551  -5.325  3.549   0.50 42.57  ?  63  THR A CG2  1 
ATOM   387 C  CG2  B THR A 1 48 ? 10.938  -4.683  3.004   0.50 40.41  ?  63  THR A CG2  1 
ATOM   388 N  N    . LYS A 1 49 ? 12.349  -3.591  0.274   1.00 29.50  ?  64  LYS A N    1 
ATOM   389 C  CA   . LYS A 1 49 ? 12.642  -4.202  -1.021  1.00 29.50  ?  64  LYS A CA   1 
ATOM   390 C  C    . LYS A 1 49 ? 13.257  -3.224  -2.014  1.00 28.30  ?  64  LYS A C    1 
ATOM   391 O  O    . LYS A 1 49 ? 13.435  -3.574  -3.207  1.00 32.37  ?  64  LYS A O    1 
ATOM   392 C  CB   . LYS A 1 49 ? 11.362  -4.787  -1.537  1.00 34.60  ?  64  LYS A CB   1 
ATOM   393 C  CG   . LYS A 1 49 ? 10.861  -5.771  -0.500  1.00 54.72  ?  64  LYS A CG   1 
ATOM   394 C  CD   . LYS A 1 49 ? 10.123  -6.895  -1.099  1.00 48.33  ?  64  LYS A CD   1 
ATOM   395 C  CE   . LYS A 1 49 ? 11.019  -7.906  -1.745  1.00 33.48  ?  64  LYS A CE   1 
ATOM   396 N  NZ   . LYS A 1 49 ? 10.025  -8.667  -2.512  1.00 30.67  ?  64  LYS A NZ   1 
ATOM   397 N  N    . ARG A 1 50 ? 13.621  -2.046  -1.499  1.00 32.26  ?  65  ARG A N    1 
ATOM   398 C  CA   . ARG A 1 50 ? 14.351  -0.980  -2.189  1.00 38.11  ?  65  ARG A CA   1 
ATOM   399 C  C    . ARG A 1 50 ? 13.586  -0.488  -3.442  1.00 38.69  ?  65  ARG A C    1 
ATOM   400 O  O    . ARG A 1 50 ? 14.192  -0.111  -4.473  1.00 34.95  ?  65  ARG A O    1 
ATOM   401 C  CB   . ARG A 1 50 ? 15.785  -1.466  -2.511  1.00 51.85  ?  65  ARG A CB   1 
ATOM   402 C  CG   . ARG A 1 50 ? 16.867  -0.407  -2.336  1.00 86.05  ?  65  ARG A CG   1 
ATOM   403 C  CD   . ARG A 1 50 ? 18.260  -1.004  -2.526  1.00 103.64 ?  65  ARG A CD   1 
ATOM   404 N  NE   . ARG A 1 50 ? 19.308  -0.128  -1.992  1.00 105.75 ?  65  ARG A NE   1 
ATOM   405 C  CZ   . ARG A 1 50 ? 20.542  -0.505  -1.639  1.00 84.94  ?  65  ARG A CZ   1 
ATOM   406 N  NH1  . ARG A 1 50 ? 20.943  -1.778  -1.718  1.00 81.02  ?  65  ARG A NH1  1 
ATOM   407 N  NH2  . ARG A 1 50 ? 21.382  0.408   -1.157  1.00 88.24  ?  65  ARG A NH2  1 
ATOM   408 N  N    . LEU A 1 51 ? 12.259  -0.443  -3.334  1.00 27.95  ?  66  LEU A N    1 
ATOM   409 C  CA   . LEU A 1 51 ? 11.406  0.020   -4.464  1.00 27.57  ?  66  LEU A CA   1 
ATOM   410 C  C    . LEU A 1 51 ? 11.320  1.551   -4.510  1.00 32.39  ?  66  LEU A C    1 
ATOM   411 O  O    . LEU A 1 51 ? 10.768  2.109   -5.455  1.00 27.82  ?  66  LEU A O    1 
ATOM   412 C  CB   . LEU A 1 51 ? 10.007  -0.569  -4.363  1.00 26.74  ?  66  LEU A CB   1 
ATOM   413 C  CG   . LEU A 1 51 ? 9.868   -2.085  -4.182  1.00 26.71  ?  66  LEU A CG   1 
ATOM   414 C  CD1  . LEU A 1 51 ? 8.390   -2.430  -4.255  1.00 30.28  ?  66  LEU A CD1  1 
ATOM   415 C  CD2  . LEU A 1 51 ? 10.659  -2.943  -5.157  1.00 28.36  ?  66  LEU A CD2  1 
ATOM   416 N  N    . TYR A 1 52 ? 11.889  2.203   -3.510  1.00 29.40  ?  67  TYR A N    1 
ATOM   417 C  CA   . TYR A 1 52 ? 11.860  3.656   -3.357  1.00 27.06  ?  67  TYR A CA   1 
ATOM   418 C  C    . TYR A 1 52 ? 13.156  4.158   -2.748  1.00 36.78  ?  67  TYR A C    1 
ATOM   419 O  O    . TYR A 1 52 ? 13.716  3.513   -1.854  1.00 34.24  ?  67  TYR A O    1 
ATOM   420 C  CB   . TYR A 1 52 ? 10.716  4.029   -2.414  1.00 26.02  ?  67  TYR A CB   1 
ATOM   421 C  CG   . TYR A 1 52 ? 10.464  5.509   -2.238  1.00 34.74  ?  67  TYR A CG   1 
ATOM   422 C  CD1  . TYR A 1 52 ? 9.765   6.231   -3.202  1.00 35.51  ?  67  TYR A CD1  1 
ATOM   423 C  CD2  . TYR A 1 52 ? 10.898  6.188   -1.101  1.00 29.51  ?  67  TYR A CD2  1 
ATOM   424 C  CE1  . TYR A 1 52 ? 9.518   7.586   -3.047  1.00 36.30  ?  67  TYR A CE1  1 
ATOM   425 C  CE2  . TYR A 1 52 ? 10.662  7.552   -0.946  1.00 35.83  ?  67  TYR A CE2  1 
ATOM   426 C  CZ   . TYR A 1 52 ? 9.963   8.236   -1.925  1.00 40.14  ?  67  TYR A CZ   1 
ATOM   427 O  OH   . TYR A 1 52 ? 9.726   9.580   -1.794  1.00 49.97  ?  67  TYR A OH   1 
ATOM   428 N  N    . ASP A 1 53 ? 13.564  5.364   -3.136  1.00 36.93  ?  68  ASP A N    1 
ATOM   429 C  CA   . ASP A 1 53 ? 14.860  5.892   -2.736  1.00 47.44  ?  68  ASP A CA   1 
ATOM   430 C  C    . ASP A 1 53 ? 14.881  7.420   -2.709  1.00 60.63  ?  68  ASP A C    1 
ATOM   431 O  O    . ASP A 1 53 ? 13.988  8.077   -3.279  1.00 43.25  ?  68  ASP A O    1 
ATOM   432 C  CB   . ASP A 1 53 ? 15.927  5.363   -3.715  1.00 56.92  ?  68  ASP A CB   1 
ATOM   433 C  CG   . ASP A 1 53 ? 17.242  5.070   -3.042  1.00 70.98  ?  68  ASP A CG   1 
ATOM   434 O  OD1  . ASP A 1 53 ? 17.619  3.873   -2.946  1.00 90.87  ?  68  ASP A OD1  1 
ATOM   435 O  OD2  . ASP A 1 53 ? 17.893  6.044   -2.617  1.00 60.15  ?  68  ASP A OD2  1 
ATOM   436 N  N    . GLU A 1 54 ? 15.930  7.947   -2.062  1.00 94.60  ?  69  GLU A N    1 
ATOM   437 C  CA   . GLU A 1 54 ? 16.307  9.368   -2.112  1.00 114.81 ?  69  GLU A CA   1 
ATOM   438 C  C    . GLU A 1 54 ? 16.600  9.799   -3.549  1.00 90.98  ?  69  GLU A C    1 
ATOM   439 O  O    . GLU A 1 54 ? 17.305  9.101   -4.285  1.00 91.49  ?  69  GLU A O    1 
ATOM   440 C  CB   . GLU A 1 54 ? 17.558  9.666   -1.250  1.00 109.20 ?  69  GLU A CB   1 
ATOM   441 C  CG   . GLU A 1 54 ? 17.308  9.792   0.247   1.00 100.99 ?  69  GLU A CG   1 
ATOM   442 C  CD   . GLU A 1 54 ? 18.563  9.908   1.063   0.00 110.53 ?  69  GLU A CD   1 
ATOM   443 O  OE1  . GLU A 1 54 ? 18.749  9.212   2.084   0.00 109.14 ?  69  GLU A OE1  1 
ATOM   444 O  OE2  . GLU A 1 54 ? 19.381  10.772  0.677   0.00 109.25 ?  69  GLU A OE2  1 
ATOM   445 N  N    . LYS A 1 55 ? 16.034  10.944  -3.926  1.00 76.07  ?  70  LYS A N    1 
ATOM   446 C  CA   . LYS A 1 55 ? 16.308  11.625  -5.196  1.00 97.12  ?  70  LYS A CA   1 
ATOM   447 C  C    . LYS A 1 55 ? 15.695  10.947  -6.438  1.00 90.30  ?  70  LYS A C    1 
ATOM   448 O  O    . LYS A 1 55 ? 15.903  11.424  -7.557  1.00 99.43  ?  70  LYS A O    1 
ATOM   449 C  CB   . LYS A 1 55 ? 17.822  11.903  -5.382  1.00 125.53 ?  70  LYS A CB   1 
ATOM   450 C  CG   . LYS A 1 55 ? 18.519  12.611  -4.210  1.00 117.08 ?  70  LYS A CG   1 
ATOM   451 C  CD   . LYS A 1 55 ? 18.221  14.109  -4.147  1.00 94.12  ?  70  LYS A CD   1 
ATOM   452 C  CE   . LYS A 1 55 ? 19.065  14.917  -5.124  1.00 79.21  ?  70  LYS A CE   1 
ATOM   453 N  NZ   . LYS A 1 55 ? 19.030  16.268  -5.010  0.00 88.29  ?  70  LYS A NZ   1 
ATOM   454 N  N    . GLN A 1 56 ? 14.881  9.898   -6.248  1.00 49.39  ?  71  GLN A N    1 
ATOM   455 C  CA   . GLN A 1 56 ? 14.146  9.267   -7.353  1.00 50.41  ?  71  GLN A CA   1 
ATOM   456 C  C    . GLN A 1 56 ? 12.941  10.110  -7.800  1.00 51.64  ?  71  GLN A C    1 
ATOM   457 O  O    . GLN A 1 56 ? 12.013  9.543   -8.401  1.00 39.87  ?  71  GLN A O    1 
ATOM   458 C  CB   . GLN A 1 56 ? 13.610  7.869   -6.944  1.00 63.27  ?  71  GLN A CB   1 
ATOM   459 C  CG   . GLN A 1 56 ? 14.612  6.727   -6.836  1.00 76.81  ?  71  GLN A CG   1 
ATOM   460 C  CD   . GLN A 1 56 ? 13.963  5.398   -6.408  1.00 74.21  ?  71  GLN A CD   1 
ATOM   461 O  OE1  . GLN A 1 56 ? 14.581  4.314   -6.529  1.00 36.26  ?  71  GLN A OE1  1 
ATOM   462 N  NE2  . GLN A 1 56 ? 12.713  5.468   -5.917  1.00 52.41  ?  71  GLN A NE2  1 
ATOM   463 N  N    . GLN A 1 57 ? 12.924  11.428  -7.539  1.00 43.74  ?  72  GLN A N    1 
ATOM   464 C  CA   . GLN A 1 57 ? 11.744  12.264  -7.820  1.00 46.97  ?  72  GLN A CA   1 
ATOM   465 C  C    . GLN A 1 57 ? 10.467  11.647  -7.218  1.00 57.31  ?  72  GLN A C    1 
ATOM   466 O  O    . GLN A 1 57 ? 9.399   11.652  -7.859  1.00 49.02  ?  72  GLN A O    1 
ATOM   467 C  CB   . GLN A 1 57 ? 11.548  12.514  -9.329  1.00 54.36  ?  72  GLN A CB   1 
ATOM   468 C  CG   . GLN A 1 57 ? 12.613  13.384  -9.990  1.00 75.65  ?  72  GLN A CG   1 
ATOM   469 C  CD   . GLN A 1 57 ? 12.167  13.933  -11.345 1.00 87.01  ?  72  GLN A CD   1 
ATOM   470 O  OE1  . GLN A 1 57 ? 11.286  13.371  -12.012 1.00 69.92  ?  72  GLN A OE1  1 
ATOM   471 N  NE2  . GLN A 1 57 ? 12.777  15.040  -11.756 1.00 93.44  ?  72  GLN A NE2  1 
ATOM   472 N  N    . HIS A 1 58 ? 10.586  11.091  -5.999  1.00 34.20  ?  73  HIS A N    1 
ATOM   473 C  CA   . HIS A 1 58 ? 9.421   10.609  -5.245  1.00 40.72  ?  73  HIS A CA   1 
ATOM   474 C  C    . HIS A 1 58 ? 8.646   9.530   -5.978  1.00 36.08  ?  73  HIS A C    1 
ATOM   475 O  O    . HIS A 1 58 ? 7.462   9.376   -5.733  1.00 32.30  ?  73  HIS A O    1 
ATOM   476 C  CB   . HIS A 1 58 ? 8.482   11.774  -4.870  1.00 59.90  ?  73  HIS A CB   1 
ATOM   477 C  CG   . HIS A 1 58 ? 9.141   12.856  -4.046  1.00 73.06  ?  73  HIS A CG   1 
ATOM   478 N  ND1  . HIS A 1 58 ? 9.404   12.703  -2.732  1.00 84.17  ?  73  HIS A ND1  1 
ATOM   479 C  CD2  . HIS A 1 58 ? 9.584   14.135  -4.393  1.00 66.45  ?  73  HIS A CD2  1 
ATOM   480 C  CE1  . HIS A 1 58 ? 9.991   13.818  -2.261  1.00 81.60  ?  73  HIS A CE1  1 
ATOM   481 N  NE2  . HIS A 1 58 ? 10.098  14.695  -3.280  1.00 99.25  ?  73  HIS A NE2  1 
ATOM   482 N  N    . ILE A 1 59 ? 9.306   8.746   -6.847  1.00 30.61  ?  74  ILE A N    1 
ATOM   483 C  CA   . ILE A 1 59 ? 8.651   7.650   -7.543  1.00 28.11  ?  74  ILE A CA   1 
ATOM   484 C  C    . ILE A 1 59 ? 8.994   6.291   -6.905  1.00 27.28  ?  74  ILE A C    1 
ATOM   485 O  O    . ILE A 1 59 ? 10.163  5.999   -6.635  1.00 34.00  ?  74  ILE A O    1 
ATOM   486 C  CB   . ILE A 1 59 ? 9.001   7.630   -9.035  1.00 32.83  ?  74  ILE A CB   1 
ATOM   487 C  CG1  . ILE A 1 59 ? 8.505   8.903   -9.722  1.00 35.73  ?  74  ILE A CG1  1 
ATOM   488 C  CG2  . ILE A 1 59 ? 8.390   6.423   -9.750  1.00 26.16  ?  74  ILE A CG2  1 
ATOM   489 C  CD1  . ILE A 1 59 ? 9.093   9.055   -11.107 1.00 43.86  ?  74  ILE A CD1  1 
ATOM   490 N  N    . VAL A 1 60 ? 7.960   5.480   -6.682  1.00 24.69  ?  75  VAL A N    1 
ATOM   491 C  CA   . VAL A 1 60 ? 8.099   4.058   -6.321  1.00 28.74  ?  75  VAL A CA   1 
ATOM   492 C  C    . VAL A 1 60 ? 8.117   3.227   -7.614  1.00 30.55  ?  75  VAL A C    1 
ATOM   493 O  O    . VAL A 1 60 ? 7.233   3.324   -8.454  1.00 26.96  ?  75  VAL A O    1 
ATOM   494 C  CB   . VAL A 1 60 ? 6.910   3.551   -5.464  1.00 25.78  ?  75  VAL A CB   1 
ATOM   495 C  CG1  . VAL A 1 60 ? 6.947   2.040   -5.287  1.00 23.29  ?  75  VAL A CG1  1 
ATOM   496 C  CG2  . VAL A 1 60 ? 6.850   4.299   -4.121  1.00 31.98  ?  75  VAL A CG2  1 
ATOM   497 N  N    . TYR A 1 61 ? 9.106   2.359   -7.716  1.00 27.02  ?  76  TYR A N    1 
ATOM   498 C  CA   . TYR A 1 61 ? 9.323   1.544   -8.885  1.00 21.77  ?  76  TYR A CA   1 
ATOM   499 C  C    . TYR A 1 61 ? 9.022   0.142   -8.479  1.00 27.55  ?  76  TYR A C    1 
ATOM   500 O  O    . TYR A 1 61 ? 9.715   -0.420  -7.659  1.00 31.99  ?  76  TYR A O    1 
ATOM   501 C  CB   . TYR A 1 61 ? 10.755  1.683   -9.366  1.00 26.40  ?  76  TYR A CB   1 
ATOM   502 C  CG   . TYR A 1 61 ? 11.000  3.020   -9.999  1.00 29.01  ?  76  TYR A CG   1 
ATOM   503 C  CD1  . TYR A 1 61 ? 10.655  3.249   -11.306 1.00 28.64  ?  76  TYR A CD1  1 
ATOM   504 C  CD2  . TYR A 1 61 ? 11.520  4.066   -9.265  1.00 41.03  ?  76  TYR A CD2  1 
ATOM   505 C  CE1  . TYR A 1 61 ? 10.852  4.484   -11.888 1.00 37.76  ?  76  TYR A CE1  1 
ATOM   506 C  CE2  . TYR A 1 61 ? 11.713  5.305   -9.832  1.00 33.96  ?  76  TYR A CE2  1 
ATOM   507 C  CZ   . TYR A 1 61 ? 11.378  5.506   -11.131 1.00 34.35  ?  76  TYR A CZ   1 
ATOM   508 O  OH   . TYR A 1 61 ? 11.591  6.753   -11.668 1.00 45.75  ?  76  TYR A OH   1 
ATOM   509 N  N    . CYS A 1 62 ? 7.940   -0.397  -9.001  1.00 26.20  ?  77  CYS A N    1 
ATOM   510 C  CA   . CYS A 1 62 ? 7.439   -1.713  -8.530  1.00 27.94  ?  77  CYS A CA   1 
ATOM   511 C  C    . CYS A 1 62 ? 7.288   -2.766  -9.647  1.00 32.70  ?  77  CYS A C    1 
ATOM   512 O  O    . CYS A 1 62 ? 6.709   -3.820  -9.426  1.00 30.02  ?  77  CYS A O    1 
ATOM   513 C  CB   . CYS A 1 62 ? 6.118   -1.490  -7.793  1.00 32.30  ?  77  CYS A CB   1 
ATOM   514 S  SG   . CYS A 1 62 ? 4.888   -0.500  -8.675  1.00 31.29  ?  77  CYS A SG   1 
ATOM   515 N  N    . SER A 1 63 ? 7.792   -2.498  -10.850 1.00 29.97  ?  78  SER A N    1 
ATOM   516 C  CA   . SER A 1 63 ? 7.661   -3.474  -11.943 1.00 27.90  ?  78  SER A CA   1 
ATOM   517 C  C    . SER A 1 63 ? 8.423   -4.797  -11.703 1.00 31.04  ?  78  SER A C    1 
ATOM   518 O  O    . SER A 1 63 ? 8.038   -5.811  -12.235 1.00 32.80  ?  78  SER A O    1 
ATOM   519 C  CB   . SER A 1 63 ? 8.125   -2.856  -13.279 1.00 34.95  ?  78  SER A CB   1 
ATOM   520 O  OG   . SER A 1 63 ? 9.454   -2.395  -13.186 1.00 44.03  ?  78  SER A OG   1 
ATOM   521 N  N    . ASN A 1 64 ? 9.499   -4.788  -10.913 1.00 31.19  ?  79  ASN A N    1 
ATOM   522 C  CA   . ASN A 1 64 ? 10.217  -6.061  -10.582 1.00 33.57  ?  79  ASN A CA   1 
ATOM   523 C  C    . ASN A 1 64 ? 9.714   -6.769  -9.326  1.00 35.54  ?  79  ASN A C    1 
ATOM   524 O  O    . ASN A 1 64 ? 10.463  -7.511  -8.686  1.00 32.09  ?  79  ASN A O    1 
ATOM   525 C  CB   . ASN A 1 64 ? 11.723  -5.802  -10.440 1.00 35.70  ?  79  ASN A CB   1 
ATOM   526 C  CG   . ASN A 1 64 ? 12.080  -4.932  -9.226  1.00 39.98  ?  79  ASN A CG   1 
ATOM   527 O  OD1  . ASN A 1 64 ? 11.212  -4.399  -8.546  1.00 40.12  ?  79  ASN A OD1  1 
ATOM   528 N  ND2  . ASN A 1 64 ? 13.359  -4.764  -8.989  1.00 35.13  ?  79  ASN A ND2  1 
ATOM   529 N  N    . ASP A 1 65 ? 8.495   -6.457  -8.903  1.00 40.69  ?  80  ASP A N    1 
ATOM   530 C  CA   . ASP A 1 65 ? 8.038   -6.871  -7.579  1.00 28.79  ?  80  ASP A CA   1 
ATOM   531 C  C    . ASP A 1 65 ? 6.592   -7.269  -7.661  1.00 27.60  ?  80  ASP A C    1 
ATOM   532 O  O    . ASP A 1 65 ? 5.854   -6.731  -8.469  1.00 25.58  ?  80  ASP A O    1 
ATOM   533 C  CB   . ASP A 1 65 ? 8.252   -5.743  -6.527  1.00 28.63  ?  80  ASP A CB   1 
ATOM   534 C  CG   . ASP A 1 65 ? 8.196   -6.259  -5.097  1.00 37.46  ?  80  ASP A CG   1 
ATOM   535 O  OD1  . ASP A 1 65 ? 9.276   -6.671  -4.562  1.00 28.12  ?  80  ASP A OD1  1 
ATOM   536 O  OD2  . ASP A 1 65 ? 7.075   -6.251  -4.495  1.00 29.43  ?  80  ASP A OD2  1 
ATOM   537 N  N    . LEU A 1 66 ? 6.172   -8.192  -6.786  1.00 24.01  ?  81  LEU A N    1 
ATOM   538 C  CA   . LEU A 1 66 ? 4.741   -8.467  -6.599  1.00 22.19  ?  81  LEU A CA   1 
ATOM   539 C  C    . LEU A 1 66 ? 3.896   -7.203  -6.429  1.00 24.29  ?  81  LEU A C    1 
ATOM   540 O  O    . LEU A 1 66 ? 2.749   -7.211  -6.859  1.00 23.16  ?  81  LEU A O    1 
ATOM   541 C  CB   . LEU A 1 66 ? 4.494   -9.396  -5.431  1.00 36.07  ?  81  LEU A CB   1 
ATOM   542 C  CG   . LEU A 1 66 ? 4.934   -10.807 -5.737  1.00 45.43  ?  81  LEU A CG   1 
ATOM   543 C  CD1  . LEU A 1 66 ? 4.981   -11.653 -4.472  1.00 93.05  ?  81  LEU A CD1  1 
ATOM   544 C  CD2  . LEU A 1 66 ? 4.006   -11.427 -6.788  1.00 66.90  ?  81  LEU A CD2  1 
ATOM   545 N  N    . LEU A 1 67 ? 4.453   -6.135  -5.865  1.00 24.38  ?  82  LEU A N    1 
ATOM   546 C  CA   . LEU A 1 67 ? 3.638   -4.901  -5.686  1.00 24.22  ?  82  LEU A CA   1 
ATOM   547 C  C    . LEU A 1 67 ? 3.110   -4.363  -7.005  1.00 26.48  ?  82  LEU A C    1 
ATOM   548 O  O    . LEU A 1 67 ? 1.968   -3.879  -7.052  1.00 26.79  ?  82  LEU A O    1 
ATOM   549 C  CB   . LEU A 1 67 ? 4.355   -3.841  -4.914  1.00 26.54  ?  82  LEU A CB   1 
ATOM   550 C  CG   . LEU A 1 67 ? 3.588   -2.536  -4.637  1.00 26.12  ?  82  LEU A CG   1 
ATOM   551 C  CD1  . LEU A 1 67 ? 2.444   -2.833  -3.691  1.00 24.95  ?  82  LEU A CD1  1 
ATOM   552 C  CD2  . LEU A 1 67 ? 4.532   -1.474  -4.102  1.00 24.06  ?  82  LEU A CD2  1 
ATOM   553 N  N    . GLY A 1 68 ? 3.939   -4.453  -8.057  1.00 28.21  ?  83  GLY A N    1 
ATOM   554 C  CA   . GLY A 1 68 ? 3.528   -4.079  -9.408  1.00 28.08  ?  83  GLY A CA   1 
ATOM   555 C  C    . GLY A 1 68 ? 2.356   -4.870  -9.926  1.00 29.91  ?  83  GLY A C    1 
ATOM   556 O  O    . GLY A 1 68 ? 1.462   -4.304  -10.549 1.00 32.73  ?  83  GLY A O    1 
ATOM   557 N  N    . ASP A 1 69 ? 2.335   -6.165  -9.600  1.00 30.01  ?  84  ASP A N    1 
ATOM   558 C  CA   . ASP A 1 69 ? 1.224   -7.047  -9.944  1.00 35.37  ?  84  ASP A CA   1 
ATOM   559 C  C    . ASP A 1 69 ? -0.058  -6.655  -9.198  1.00 35.30  ?  84  ASP A C    1 
ATOM   560 O  O    . ASP A 1 69 ? -1.128  -6.593  -9.821  1.00 32.73  ?  84  ASP A O    1 
ATOM   561 C  CB   . ASP A 1 69 ? 1.573   -8.533  -9.688  1.00 32.33  ?  84  ASP A CB   1 
ATOM   562 C  CG   . ASP A 1 69 ? 2.825   -8.996  -10.449 1.00 40.31  ?  84  ASP A CG   1 
ATOM   563 O  OD1  . ASP A 1 69 ? 3.038   -8.571  -11.601 1.00 43.80  ?  84  ASP A OD1  1 
ATOM   564 O  OD2  . ASP A 1 69 ? 3.601   -9.783  -9.883  1.00 51.07  ?  84  ASP A OD2  1 
ATOM   565 N  N    . LEU A 1 70 ? 0.045   -6.391  -7.889  1.00 28.17  ?  85  LEU A N    1 
ATOM   566 C  CA   . LEU A 1 70 ? -1.103  -5.886  -7.074  1.00 28.99  ?  85  LEU A CA   1 
ATOM   567 C  C    . LEU A 1 70 ? -1.676  -4.589  -7.645  1.00 25.27  ?  85  LEU A C    1 
ATOM   568 O  O    . LEU A 1 70 ? -2.899  -4.464  -7.831  1.00 34.19  ?  85  LEU A O    1 
ATOM   569 C  CB   . LEU A 1 70 ? -0.723  -5.594  -5.593  1.00 32.43  ?  85  LEU A CB   1 
ATOM   570 C  CG   . LEU A 1 70 ? -0.792  -6.588  -4.449  1.00 58.08  ?  85  LEU A CG   1 
ATOM   571 C  CD1  . LEU A 1 70 ? -0.455  -5.837  -3.167  1.00 61.27  ?  85  LEU A CD1  1 
ATOM   572 C  CD2  . LEU A 1 70 ? -2.163  -7.228  -4.342  1.00 56.36  ?  85  LEU A CD2  1 
ATOM   573 N  N    . PHE A 1 71 ? -0.793  -3.624  -7.887  1.00 25.63  ?  86  PHE A N    1 
ATOM   574 C  CA   . PHE A 1 71 ? -1.206  -2.273  -8.234  1.00 27.24  ?  86  PHE A CA   1 
ATOM   575 C  C    . PHE A 1 71 ? -1.519  -2.087  -9.723  1.00 34.21  ?  86  PHE A C    1 
ATOM   576 O  O    . PHE A 1 71 ? -2.183  -1.130  -10.096 1.00 30.37  ?  86  PHE A O    1 
ATOM   577 C  CB   . PHE A 1 71 ? -0.144  -1.292  -7.780  1.00 25.67  ?  86  PHE A CB   1 
ATOM   578 C  CG   . PHE A 1 71 ? -0.237  -0.892  -6.314  1.00 23.58  ?  86  PHE A CG   1 
ATOM   579 C  CD1  . PHE A 1 71 ? -1.078  -1.558  -5.398  1.00 24.53  ?  86  PHE A CD1  1 
ATOM   580 C  CD2  . PHE A 1 71 ? 0.495   0.199   -5.856  1.00 28.55  ?  86  PHE A CD2  1 
ATOM   581 C  CE1  . PHE A 1 71 ? -1.156  -1.158  -4.081  1.00 28.15  ?  86  PHE A CE1  1 
ATOM   582 C  CE2  . PHE A 1 71 ? 0.437   0.584   -4.519  1.00 28.31  ?  86  PHE A CE2  1 
ATOM   583 C  CZ   . PHE A 1 71 ? -0.378  -0.124  -3.624  1.00 25.41  ?  86  PHE A CZ   1 
ATOM   584 N  N    . GLY A 1 72 ? -0.998  -2.970  -10.553 1.00 32.70  ?  87  GLY A N    1 
ATOM   585 C  CA   . GLY A 1 72 ? -1.174  -2.902  -12.015 1.00 38.18  ?  87  GLY A CA   1 
ATOM   586 C  C    . GLY A 1 72 ? -0.512  -1.736  -12.730 1.00 40.05  ?  87  GLY A C    1 
ATOM   587 O  O    . GLY A 1 72 ? -1.001  -1.284  -13.784 1.00 35.24  ?  87  GLY A O    1 
ATOM   588 N  N    . VAL A 1 73 ? 0.569   -1.229  -12.154 1.00 32.04  ?  88  VAL A N    1 
ATOM   589 C  CA   . VAL A 1 73 ? 1.382   -0.174  -12.748 1.00 34.11  ?  88  VAL A CA   1 
ATOM   590 C  C    . VAL A 1 73 ? 2.827   -0.566  -12.500 1.00 33.51  ?  88  VAL A C    1 
ATOM   591 O  O    . VAL A 1 73 ? 3.099   -1.412  -11.634 1.00 31.84  ?  88  VAL A O    1 
ATOM   592 C  CB   . VAL A 1 73 ? 1.074   1.238   -12.173 1.00 34.54  ?  88  VAL A CB   1 
ATOM   593 C  CG1  . VAL A 1 73 ? -0.268  1.758   -12.674 1.00 43.27  ?  88  VAL A CG1  1 
ATOM   594 C  CG2  . VAL A 1 73 ? 1.057   1.218   -10.644 1.00 34.88  ?  88  VAL A CG2  1 
ATOM   595 N  N    . PRO A 1 74 ? 3.762   -0.029  -13.310 1.00 31.18  ?  89  PRO A N    1 
ATOM   596 C  CA   . PRO A 1 74 ? 5.205   -0.272  -13.097 1.00 32.92  ?  89  PRO A CA   1 
ATOM   597 C  C    . PRO A 1 74 ? 5.899   0.659   -12.078 1.00 29.22  ?  89  PRO A C    1 
ATOM   598 O  O    . PRO A 1 74 ? 7.018   0.357   -11.601 1.00 30.99  ?  89  PRO A O    1 
ATOM   599 C  CB   . PRO A 1 74 ? 5.802   -0.005  -14.499 1.00 34.01  ?  89  PRO A CB   1 
ATOM   600 C  CG   . PRO A 1 74 ? 4.859   0.975   -15.116 1.00 38.33  ?  89  PRO A CG   1 
ATOM   601 C  CD   . PRO A 1 74 ? 3.497   0.535   -14.660 1.00 36.85  ?  89  PRO A CD   1 
ATOM   602 N  N    . SER A 1 75 ? 5.256   1.796   -11.825 1.00 25.96  ?  90  SER A N    1 
ATOM   603 C  CA   . SER A 1 75 ? 5.748   2.845   -10.968 1.00 27.89  ?  90  SER A CA   1 
ATOM   604 C  C    . SER A 1 75 ? 4.601   3.811   -10.647 1.00 27.73  ?  90  SER A C    1 
ATOM   605 O  O    . SER A 1 75 ? 3.578   3.792   -11.336 1.00 27.98  ?  90  SER A O    1 
ATOM   606 C  CB   . SER A 1 75 ? 6.895   3.601   -11.639 1.00 35.58  ?  90  SER A CB   1 
ATOM   607 O  OG   . SER A 1 75 ? 6.440   4.283   -12.811 1.00 29.88  ?  90  SER A OG   1 
ATOM   608 N  N    . PHE A 1 76 ? 4.775   4.608   -9.597  1.00 26.18  ?  91  PHE A N    1 
ATOM   609 C  CA   . PHE A 1 76 ? 3.816   5.659   -9.184  1.00 24.80  ?  91  PHE A CA   1 
ATOM   610 C  C    . PHE A 1 76 ? 4.500   6.594   -8.238  1.00 29.65  ?  91  PHE A C    1 
ATOM   611 O  O    . PHE A 1 76 ? 5.517   6.238   -7.590  1.00 28.61  ?  91  PHE A O    1 
ATOM   612 C  CB   . PHE A 1 76 ? 2.553   5.086   -8.534  1.00 27.93  ?  91  PHE A CB   1 
ATOM   613 C  CG   . PHE A 1 76 ? 2.835   4.305   -7.261  1.00 23.03  ?  91  PHE A CG   1 
ATOM   614 C  CD1  . PHE A 1 76 ? 3.217   2.963   -7.335  1.00 30.89  ?  91  PHE A CD1  1 
ATOM   615 C  CD2  . PHE A 1 76 ? 2.786   4.937   -6.009  1.00 27.89  ?  91  PHE A CD2  1 
ATOM   616 C  CE1  . PHE A 1 76 ? 3.487   2.238   -6.171  1.00 24.46  ?  91  PHE A CE1  1 
ATOM   617 C  CE2  . PHE A 1 76 ? 3.055   4.226   -4.844  1.00 25.84  ?  91  PHE A CE2  1 
ATOM   618 C  CZ   . PHE A 1 76 ? 3.416   2.892   -4.927  1.00 23.16  ?  91  PHE A CZ   1 
ATOM   619 N  N    . SER A 1 77 ? 3.995   7.815   -8.199  1.00 30.51  ?  92  SER A N    1 
ATOM   620 C  CA   . SER A 1 77 ? 4.509   8.845   -7.298  1.00 25.84  ?  92  SER A CA   1 
ATOM   621 C  C    . SER A 1 77 ? 3.835   8.710   -5.961  1.00 28.31  ?  92  SER A C    1 
ATOM   622 O  O    . SER A 1 77 ? 2.604   8.560   -5.899  1.00 29.88  ?  92  SER A O    1 
ATOM   623 C  CB   . SER A 1 77 ? 4.202   10.251  -7.845  1.00 35.05  ?  92  SER A CB   1 
ATOM   624 O  OG   . SER A 1 77 ? 4.603   11.215  -6.905  1.00 30.71  ?  92  SER A OG   1 
ATOM   625 N  N    . VAL A 1 78 ? 4.621   8.838   -4.885  1.00 26.41  ?  93  VAL A N    1 
ATOM   626 C  CA   . VAL A 1 78 ? 4.072   8.841   -3.539  1.00 27.01  ?  93  VAL A CA   1 
ATOM   627 C  C    . VAL A 1 78 ? 3.237   10.112  -3.315  1.00 32.38  ?  93  VAL A C    1 
ATOM   628 O  O    . VAL A 1 78 ? 2.546   10.181  -2.313  1.00 29.43  ?  93  VAL A O    1 
ATOM   629 C  CB   . VAL A 1 78 ? 5.156   8.768   -2.444  1.00 31.66  ?  93  VAL A CB   1 
ATOM   630 C  CG1  . VAL A 1 78 ? 5.847   7.406   -2.433  1.00 29.21  ?  93  VAL A CG1  1 
ATOM   631 C  CG2  . VAL A 1 78 ? 6.212   9.854   -2.624  1.00 26.68  ?  93  VAL A CG2  1 
ATOM   632 N  N    . LYS A 1 79 ? 3.313   11.098  -4.231  1.00 34.48  ?  94  LYS A N    1 
ATOM   633 C  CA   . LYS A 1 79 ? 2.528   12.343  -4.099  1.00 36.70  ?  94  LYS A CA   1 
ATOM   634 C  C    . LYS A 1 79 ? 1.129   12.214  -4.647  1.00 33.35  ?  94  LYS A C    1 
ATOM   635 O  O    . LYS A 1 79 ? 0.310   13.105  -4.395  1.00 34.96  ?  94  LYS A O    1 
ATOM   636 C  CB   . LYS A 1 79 ? 3.205   13.533  -4.816  1.00 38.71  ?  94  LYS A CB   1 
ATOM   637 C  CG   . LYS A 1 79 ? 4.632   13.839  -4.346  1.00 41.33  ?  94  LYS A CG   1 
ATOM   638 C  CD   . LYS A 1 79 ? 5.102   15.215  -4.825  1.00 57.02  ?  94  LYS A CD   1 
ATOM   639 C  CE   . LYS A 1 79 ? 4.390   16.415  -4.472  0.00 52.58  ?  94  LYS A CE   1 
ATOM   640 N  NZ   . LYS A 1 79 ? 5.124   17.670  -4.793  0.00 53.54  ?  94  LYS A NZ   1 
ATOM   641 N  N    . GLU A 1 80 ? 0.842   11.142  -5.391  1.00 27.58  ?  95  GLU A N    1 
ATOM   642 C  CA   . GLU A 1 80 ? -0.457  10.937  -5.978  1.00 31.63  ?  95  GLU A CA   1 
ATOM   643 C  C    . GLU A 1 80 ? -1.328  10.162  -4.983  1.00 29.92  ?  95  GLU A C    1 
ATOM   644 O  O    . GLU A 1 80 ? -1.641  9.020   -5.214  1.00 28.85  ?  95  GLU A O    1 
ATOM   645 C  CB   . GLU A 1 80 ? -0.356  10.174  -7.307  1.00 44.70  ?  95  GLU A CB   1 
ATOM   646 C  CG   . GLU A 1 80 ? 0.407   10.872  -8.438  1.00 56.43  ?  95  GLU A CG   1 
ATOM   647 C  CD   . GLU A 1 80 ? 0.806   9.919   -9.581  1.00 75.29  ?  95  GLU A CD   1 
ATOM   648 O  OE1  . GLU A 1 80 ? 1.219   8.747   -9.331  1.00 55.65  ?  95  GLU A OE1  1 
ATOM   649 O  OE2  . GLU A 1 80 ? 0.711   10.344  -10.754 1.00 83.83  ?  95  GLU A OE2  1 
ATOM   650 N  N    . HIS A 1 81 ? -1.763  10.819  -3.924  1.00 33.56  ?  96  HIS A N    1 
ATOM   651 C  CA   . HIS A 1 81 ? -2.463  10.129  -2.832  1.00 32.73  ?  96  HIS A CA   1 
ATOM   652 C  C    . HIS A 1 81 ? -3.740  9.435   -3.168  1.00 32.21  ?  96  HIS A C    1 
ATOM   653 O  O    . HIS A 1 81 ? -3.939  8.286   -2.767  1.00 34.83  ?  96  HIS A O    1 
ATOM   654 C  CB   . HIS A 1 81 ? -2.708  11.041  -1.642  1.00 36.11  ?  96  HIS A CB   1 
ATOM   655 C  CG   . HIS A 1 81 ? -1.465  11.676  -1.102  1.00 40.05  ?  96  HIS A CG   1 
ATOM   656 N  ND1  . HIS A 1 81 ? -1.449  12.913  -0.582  1.00 54.48  ?  96  HIS A ND1  1 
ATOM   657 C  CD2  . HIS A 1 81 ? -0.164  11.211  -1.053  1.00 40.67  ?  96  HIS A CD2  1 
ATOM   658 C  CE1  . HIS A 1 81 ? -0.198  13.217  -0.198  1.00 56.56  ?  96  HIS A CE1  1 
ATOM   659 N  NE2  . HIS A 1 81 ? 0.588   12.165  -0.479  1.00 47.77  ?  96  HIS A NE2  1 
ATOM   660 N  N    . ARG A 1 82 ? -4.652  10.121  -3.852  1.00 37.33  ?  97  ARG A N    1 
ATOM   661 C  CA   . ARG A 1 82 ? -5.917  9.500   -4.244  1.00 31.39  ?  97  ARG A CA   1 
ATOM   662 C  C    . ARG A 1 82 ? -5.726  8.295   -5.192  1.00 27.63  ?  97  ARG A C    1 
ATOM   663 O  O    . ARG A 1 82 ? -6.433  7.289   -5.042  1.00 26.65  ?  97  ARG A O    1 
ATOM   664 C  CB   . ARG A 1 82 ? -6.915  10.528  -4.853  1.00 39.13  ?  97  ARG A CB   1 
ATOM   665 C  CG   . ARG A 1 82 ? -7.357  11.653  -3.905  1.00 43.88  ?  97  ARG A CG   1 
ATOM   666 C  CD   . ARG A 1 82 ? -7.993  12.823  -4.665  1.00 72.00  ?  97  ARG A CD   1 
ATOM   667 N  NE   . ARG A 1 82 ? -7.192  14.056  -4.706  1.00 99.71  ?  97  ARG A NE   1 
ATOM   668 C  CZ   . ARG A 1 82 ? -7.431  15.107  -5.506  1.00 107.70 ?  97  ARG A CZ   1 
ATOM   669 N  NH1  . ARG A 1 82 ? -8.463  15.124  -6.358  1.00 95.23  ?  97  ARG A NH1  1 
ATOM   670 N  NH2  . ARG A 1 82 ? -6.627  16.169  -5.454  1.00 96.15  ?  97  ARG A NH2  1 
ATOM   671 N  N    . LYS A 1 83 ? -4.764  8.365   -6.120  1.00 26.16  ?  98  LYS A N    1 
ATOM   672 C  CA   . LYS A 1 83 ? -4.441  7.226   -6.971  1.00 30.56  ?  98  LYS A CA   1 
ATOM   673 C  C    . LYS A 1 83 ? -3.930  6.065   -6.106  1.00 27.42  ?  98  LYS A C    1 
ATOM   674 O  O    . LYS A 1 83 ? -4.245  4.919   -6.412  1.00 25.26  ?  98  LYS A O    1 
ATOM   675 C  CB   . LYS A 1 83 ? -3.365  7.545   -7.994  1.00 37.51  ?  98  LYS A CB   1 
ATOM   676 C  CG   . LYS A 1 83 ? -3.148  6.446   -9.031  1.00 61.53  ?  98  LYS A CG   1 
ATOM   677 C  CD   . LYS A 1 83 ? -2.147  6.842   -10.122 1.00 53.92  ?  98  LYS A CD   1 
ATOM   678 C  CE   . LYS A 1 83 ? -1.905  5.696   -11.091 0.00 53.86  ?  98  LYS A CE   1 
ATOM   679 N  NZ   . LYS A 1 83 ? -0.905  6.056   -12.134 0.00 53.87  ?  98  LYS A NZ   1 
ATOM   680 N  N    . ILE A 1 84 ? -3.110  6.378   -5.105  1.00 24.20  ?  99  ILE A N    1 
ATOM   681 C  CA   . ILE A 1 84 ? -2.613  5.323   -4.167  1.00 23.28  ?  99  ILE A CA   1 
ATOM   682 C  C    . ILE A 1 84 ? -3.783  4.653   -3.470  1.00 22.15  ?  99  ILE A C    1 
ATOM   683 O  O    . ILE A 1 84 ? -3.849  3.386   -3.367  1.00 21.07  ?  99  ILE A O    1 
ATOM   684 C  CB   . ILE A 1 84 ? -1.537  5.856   -3.185  1.00 26.40  ?  99  ILE A CB   1 
ATOM   685 C  CG1  . ILE A 1 84 ? -0.237  6.121   -3.977  1.00 27.43  ?  99  ILE A CG1  1 
ATOM   686 C  CG2  . ILE A 1 84 ? -1.344  4.900   -1.960  1.00 24.51  ?  99  ILE A CG2  1 
ATOM   687 C  CD1  . ILE A 1 84 ? 0.786   6.999   -3.266  1.00 30.58  ?  99  ILE A CD1  1 
ATOM   688 N  N    . TYR A 1 85 ? -4.718  5.443   -2.942  1.00 22.81  ?  100 TYR A N    1 
ATOM   689 C  CA   . TYR A 1 85 ? -5.880  4.826   -2.299  1.00 24.79  ?  100 TYR A CA   1 
ATOM   690 C  C    . TYR A 1 85 ? -6.674  3.991   -3.292  1.00 25.37  ?  100 TYR A C    1 
ATOM   691 O  O    . TYR A 1 85 ? -7.146  2.925   -2.956  1.00 23.37  ?  100 TYR A O    1 
ATOM   692 C  CB   . TYR A 1 85 ? -6.801  5.825   -1.543  1.00 26.05  ?  100 TYR A CB   1 
ATOM   693 C  CG   . TYR A 1 85 ? -6.230  6.348   -0.256  1.00 24.19  ?  100 TYR A CG   1 
ATOM   694 C  CD1  . TYR A 1 85 ? -6.229  5.575   0.911   1.00 23.22  ?  100 TYR A CD1  1 
ATOM   695 C  CD2  . TYR A 1 85 ? -5.652  7.598   -0.199  1.00 24.67  ?  100 TYR A CD2  1 
ATOM   696 C  CE1  . TYR A 1 85 ? -5.649  6.066   2.104   1.00 28.64  ?  100 TYR A CE1  1 
ATOM   697 C  CE2  . TYR A 1 85 ? -5.085  8.100   0.976   1.00 27.49  ?  100 TYR A CE2  1 
ATOM   698 C  CZ   . TYR A 1 85 ? -5.088  7.339   2.127   1.00 26.54  ?  100 TYR A CZ   1 
ATOM   699 O  OH   . TYR A 1 85 ? -4.481  7.895   3.242   1.00 30.60  ?  100 TYR A OH   1 
ATOM   700 N  N    . THR A 1 86 ? -6.830  4.445   -4.535  1.00 26.83  ?  101 THR A N    1 
ATOM   701 C  CA   . THR A 1 86 ? -7.548  3.631   -5.509  1.00 19.16  ?  101 THR A CA   1 
ATOM   702 C  C    . THR A 1 86 ? -6.861  2.295   -5.766  1.00 23.66  ?  101 THR A C    1 
ATOM   703 O  O    . THR A 1 86 ? -7.513  1.278   -5.743  1.00 28.32  ?  101 THR A O    1 
ATOM   704 C  CB   . THR A 1 86 ? -7.757  4.416   -6.820  1.00 30.36  ?  101 THR A CB   1 
ATOM   705 O  OG1  . THR A 1 86 ? -8.604  5.517   -6.514  1.00 27.05  ?  101 THR A OG1  1 
ATOM   706 C  CG2  . THR A 1 86 ? -8.469  3.578   -7.881  1.00 29.15  ?  101 THR A CG2  1 
ATOM   707 N  N    . MET A 1 87 ? -5.525  2.319   -5.909  1.00 24.82  ?  102 MET A N    1 
ATOM   708 C  CA   . MET A 1 87 ? -4.784  1.087   -6.197  1.00 27.89  ?  102 MET A CA   1 
ATOM   709 C  C    . MET A 1 87 ? -4.867  0.154   -5.012  1.00 22.39  ?  102 MET A C    1 
ATOM   710 O  O    . MET A 1 87 ? -4.988  -1.060  -5.190  1.00 29.00  ?  102 MET A O    1 
ATOM   711 C  CB   . MET A 1 87 ? -3.352  1.422   -6.508  1.00 25.32  ?  102 MET A CB   1 
ATOM   712 C  CG   . MET A 1 87 ? -3.205  2.128   -7.867  1.00 34.27  ?  102 MET A CG   1 
ATOM   713 S  SD   . MET A 1 87 ? -1.499  2.406   -8.380  1.00 32.26  ?  102 MET A SD   1 
ATOM   714 C  CE   . MET A 1 87 ? -0.889  3.441   -7.072  1.00 25.52  ?  102 MET A CE   1 
ATOM   715 N  N    . ILE A 1 88 ? -4.827  0.721   -3.800  1.00 27.56  ?  103 ILE A N    1 
ATOM   716 C  CA   . ILE A 1 88 ? -5.024  -0.102  -2.582  1.00 23.74  ?  103 ILE A CA   1 
ATOM   717 C  C    . ILE A 1 88 ? -6.406  -0.699  -2.501  1.00 25.16  ?  103 ILE A C    1 
ATOM   718 O  O    . ILE A 1 88 ? -6.541  -1.900  -2.291  1.00 23.52  ?  103 ILE A O    1 
ATOM   719 C  CB   . ILE A 1 88 ? -4.691  0.684   -1.296  1.00 26.12  ?  103 ILE A CB   1 
ATOM   720 C  CG1  . ILE A 1 88 ? -3.176  0.952   -1.266  1.00 23.12  ?  103 ILE A CG1  1 
ATOM   721 C  CG2  . ILE A 1 88 ? -5.090  -0.093  -0.027  1.00 26.72  ?  103 ILE A CG2  1 
ATOM   722 C  CD1  . ILE A 1 88 ? -2.721  1.969   -0.195  1.00 27.34  ?  103 ILE A CD1  1 
ATOM   723 N  N    . TYR A 1 89 ? -7.438  0.123   -2.711  1.00 24.63  ?  104 TYR A N    1 
ATOM   724 C  CA   . TYR A 1 89 ? -8.831  -0.354  -2.653  1.00 28.31  ?  104 TYR A CA   1 
ATOM   725 C  C    . TYR A 1 89 ? -9.194  -1.483  -3.638  1.00 28.20  ?  104 TYR A C    1 
ATOM   726 O  O    . TYR A 1 89 ? -10.094 -2.251  -3.372  1.00 34.18  ?  104 TYR A O    1 
ATOM   727 C  CB   . TYR A 1 89 ? -9.828  0.798   -2.838  1.00 25.11  ?  104 TYR A CB   1 
ATOM   728 C  CG   . TYR A 1 89 ? -10.201 1.513   -1.557  1.00 29.18  ?  104 TYR A CG   1 
ATOM   729 C  CD1  . TYR A 1 89 ? -10.978 0.876   -0.583  1.00 39.94  ?  104 TYR A CD1  1 
ATOM   730 C  CD2  . TYR A 1 89 ? -9.813  2.833   -1.316  1.00 38.69  ?  104 TYR A CD2  1 
ATOM   731 C  CE1  . TYR A 1 89 ? -11.314 1.518   0.612   1.00 36.82  ?  104 TYR A CE1  1 
ATOM   732 C  CE2  . TYR A 1 89 ? -10.144 3.473   -0.124  1.00 55.50  ?  104 TYR A CE2  1 
ATOM   733 C  CZ   . TYR A 1 89 ? -10.888 2.801   0.845   1.00 37.92  ?  104 TYR A CZ   1 
ATOM   734 O  OH   . TYR A 1 89 ? -11.225 3.421   2.019   1.00 40.07  ?  104 TYR A OH   1 
ATOM   735 N  N    . ARG A 1 90 ? -8.471  -1.594  -4.739  1.00 33.20  ?  105 ARG A N    1 
ATOM   736 C  CA   . ARG A 1 90 ? -8.668  -2.696  -5.669  1.00 31.65  ?  105 ARG A CA   1 
ATOM   737 C  C    . ARG A 1 90 ? -8.251  -4.011  -5.061  1.00 37.46  ?  105 ARG A C    1 
ATOM   738 O  O    . ARG A 1 90 ? -8.674  -5.046  -5.564  1.00 29.08  ?  105 ARG A O    1 
ATOM   739 C  CB   . ARG A 1 90 ? -7.894  -2.457  -6.965  1.00 41.43  ?  105 ARG A CB   1 
ATOM   740 C  CG   . ARG A 1 90 ? -8.468  -1.291  -7.763  1.00 54.65  ?  105 ARG A CG   1 
ATOM   741 C  CD   . ARG A 1 90 ? -7.633  -0.929  -8.975  1.00 69.38  ?  105 ARG A CD   1 
ATOM   742 N  NE   . ARG A 1 90 ? -8.101  0.320   -9.573  1.00 80.71  ?  105 ARG A NE   1 
ATOM   743 C  CZ   . ARG A 1 90 ? -7.542  0.908   -10.700 0.00 76.90  ?  105 ARG A CZ   1 
ATOM   744 N  NH1  . ARG A 1 90 ? -6.445  0.414   -11.269 0.00 76.91  ?  105 ARG A NH1  1 
ATOM   745 N  NH2  . ARG A 1 90 ? -8.080  2.014   -11.201 0.00 76.38  ?  105 ARG A NH2  1 
ATOM   746 N  N    . ASN A 1 91 ? -7.470  -3.972  -3.958  1.00 29.24  ?  106 ASN A N    1 
ATOM   747 C  CA   . ASN A 1 91 ? -6.895  -5.167  -3.361  1.00 25.15  ?  106 ASN A CA   1 
ATOM   748 C  C    . ASN A 1 91 ? -7.386  -5.452  -1.938  1.00 27.31  ?  106 ASN A C    1 
ATOM   749 O  O    . ASN A 1 91 ? -6.767  -6.235  -1.236  1.00 27.71  ?  106 ASN A O    1 
ATOM   750 C  CB   . ASN A 1 91 ? -5.384  -5.020  -3.386  1.00 28.46  ?  106 ASN A CB   1 
ATOM   751 C  CG   . ASN A 1 91 ? -4.842  -4.968  -4.786  1.00 41.14  ?  106 ASN A CG   1 
ATOM   752 O  OD1  . ASN A 1 91 ? -4.709  -6.011  -5.415  1.00 32.05  ?  106 ASN A OD1  1 
ATOM   753 N  ND2  . ASN A 1 91 ? -4.494  -3.770  -5.271  1.00 25.03  ?  106 ASN A ND2  1 
ATOM   754 N  N    . LEU A 1 92 ? -8.547  -4.904  -1.559  1.00 23.81  ?  107 LEU A N    1 
ATOM   755 C  CA   . LEU A 1 92 ? -9.132  -5.186  -0.267  1.00 28.09  ?  107 LEU A CA   1 
ATOM   756 C  C    . LEU A 1 92 ? -10.620 -5.001  -0.321  1.00 34.65  ?  107 LEU A C    1 
ATOM   757 O  O    . LEU A 1 92 ? -11.142 -4.481  -1.279  1.00 30.75  ?  107 LEU A O    1 
ATOM   758 C  CB   . LEU A 1 92 ? -8.505  -4.301  0.806   1.00 23.78  ?  107 LEU A CB   1 
ATOM   759 C  CG   . LEU A 1 92 ? -8.563  -2.765  0.613   1.00 28.18  ?  107 LEU A CG   1 
ATOM   760 C  CD1  . LEU A 1 92 ? -9.953  -2.278  0.987   1.00 27.96  ?  107 LEU A CD1  1 
ATOM   761 C  CD2  . LEU A 1 92 ? -7.487  -2.091  1.433   1.00 29.88  ?  107 LEU A CD2  1 
ATOM   762 N  N    . VAL A 1 93 ? -11.278 -5.413  0.739   1.00 28.66  ?  108 VAL A N    1 
ATOM   763 C  CA   . VAL A 1 93 ? -12.696 -5.150  0.942   1.00 41.65  ?  108 VAL A CA   1 
ATOM   764 C  C    . VAL A 1 93 ? -12.845 -4.450  2.281   1.00 35.58  ?  108 VAL A C    1 
ATOM   765 O  O    . VAL A 1 93 ? -12.123 -4.758  3.193   1.00 28.16  ?  108 VAL A O    1 
ATOM   766 C  CB   . VAL A 1 93 ? -13.446 -6.503  0.863   1.00 45.91  ?  108 VAL A CB   1 
ATOM   767 C  CG1  . VAL A 1 93 ? -14.668 -6.532  1.769   1.00 62.28  ?  108 VAL A CG1  1 
ATOM   768 C  CG2  . VAL A 1 93 ? -13.785 -6.789  -0.594  1.00 41.18  ?  108 VAL A CG2  1 
ATOM   769 N  N    . VAL A 1 94 ? -13.782 -3.513  2.420   1.00 26.27  ?  109 VAL A N    1 
ATOM   770 C  CA   . VAL A 1 94 ? -13.998 -2.872  3.702   1.00 23.22  ?  109 VAL A CA   1 
ATOM   771 C  C    . VAL A 1 94 ? -14.905 -3.765  4.529   1.00 32.67  ?  109 VAL A C    1 
ATOM   772 O  O    . VAL A 1 94 ? -15.862 -4.310  3.989   1.00 33.42  ?  109 VAL A O    1 
ATOM   773 C  CB   . VAL A 1 94 ? -14.585 -1.445  3.550   1.00 26.39  ?  109 VAL A CB   1 
ATOM   774 C  CG1  . VAL A 1 94 ? -14.930 -0.879  4.905   1.00 28.44  ?  109 VAL A CG1  1 
ATOM   775 C  CG2  . VAL A 1 94 ? -13.574 -0.593  2.831   1.00 25.20  ?  109 VAL A CG2  1 
ATOM   776 N  N    . VAL A 1 95 ? -14.571 -3.937  5.811   1.00 27.64  ?  110 VAL A N    1 
ATOM   777 C  CA   . VAL A 1 95 ? -15.376 -4.713  6.756   1.00 36.25  ?  110 VAL A CA   1 
ATOM   778 C  C    . VAL A 1 95 ? -16.211 -3.681  7.548   1.00 33.84  ?  110 VAL A C    1 
ATOM   779 O  O    . VAL A 1 95 ? -15.650 -2.735  8.135   1.00 53.35  ?  110 VAL A O    1 
ATOM   780 C  CB   . VAL A 1 95 ? -14.479 -5.495  7.756   1.00 35.61  ?  110 VAL A CB   1 
ATOM   781 C  CG1  . VAL A 1 95 ? -15.315 -6.515  8.525   1.00 51.44  ?  110 VAL A CG1  1 
ATOM   782 C  CG2  . VAL A 1 95 ? -13.311 -6.206  7.060   1.00 39.28  ?  110 VAL A CG2  1 
ATOM   783 N  N    . ASN A 1 96 ? -17.530 -3.807  7.528   1.00 48.38  ?  111 ASN A N    1 
ATOM   784 C  CA   . ASN A 1 96 ? -18.396 -3.130  8.541   1.00 67.64  ?  111 ASN A CA   1 
ATOM   785 C  C    . ASN A 1 96 ? -19.409 -4.130  9.101   1.00 56.35  ?  111 ASN A C    1 
ATOM   786 O  O    . ASN A 1 96 ? -20.113 -3.870  10.083  1.00 79.94  ?  111 ASN A O    1 
ATOM   787 C  CB   . ASN A 1 96 ? -19.079 -1.841  8.002   1.00 46.58  ?  111 ASN A CB   1 
ATOM   788 C  CG   . ASN A 1 96 ? -18.304 -0.557  8.333   1.00 52.02  ?  111 ASN A CG   1 
ATOM   789 O  OD1  . ASN A 1 96 ? -18.181 -0.184  9.498   1.00 79.16  ?  111 ASN A OD1  1 
ATOM   790 N  ND2  . ASN A 1 96 ? -17.783 0.126   7.304   1.00 49.52  ?  111 ASN A ND2  1 
HETATM 791 C  C1   . 1I9 B 2 .  ? 1.402   2.540   -1.326  1.00 24.24  ?  201 1I9 A C1   1 
HETATM 792 C  C2   . 1I9 B 2 .  ? 1.752   3.728   -0.419  1.00 25.28  ?  201 1I9 A C2   1 
HETATM 793 C  C3   . 1I9 B 2 .  ? 2.129   3.181   0.958   1.00 27.47  ?  201 1I9 A C3   1 
HETATM 794 C  C4   . 1I9 B 2 .  ? 2.327   4.333   1.914   1.00 25.45  ?  201 1I9 A C4   1 
HETATM 795 C  C5   . 1I9 B 2 .  ? 3.580   5.152   1.564   1.00 25.50  ?  201 1I9 A C5   1 
HETATM 796 C  C6   . 1I9 B 2 .  ? 3.390   5.646   0.109   1.00 25.35  ?  201 1I9 A C6   1 
HETATM 797 C  C7   . 1I9 B 2 .  ? 2.961   4.526   -0.866  1.00 23.02  ?  201 1I9 A C7   1 
HETATM 798 C  C8   . 1I9 B 2 .  ? 3.743   6.298   2.575   1.00 27.00  ?  201 1I9 A C8   1 
HETATM 799 C  C12  . 1I9 B 2 .  ? 4.383   8.595   1.654   1.00 26.65  ?  201 1I9 A C12  1 
HETATM 800 C  C15  . 1I9 B 2 .  ? 4.392   11.167  0.679   1.00 28.54  ?  201 1I9 A C15  1 
HETATM 801 C  C16  . 1I9 B 2 .  ? 5.609   10.516  0.777   1.00 30.51  ?  201 1I9 A C16  1 
HETATM 802 C  C17  . 1I9 B 2 .  ? 5.612   9.191   1.263   1.00 31.65  ?  201 1I9 A C17  1 
HETATM 803 C  C19  . 1I9 B 2 .  ? 6.064   7.196   1.958   1.00 27.98  ?  201 1I9 A C19  1 
HETATM 804 C  C23  . 1I9 B 2 .  ? 8.215   5.065   4.097   1.00 38.63  ?  201 1I9 A C23  1 
HETATM 805 C  C24  . 1I9 B 2 .  ? 8.510   5.189   5.594   1.00 35.99  ?  201 1I9 A C24  1 
HETATM 806 C  C27  . 1I9 B 2 .  ? 7.161   4.917   -0.065  1.00 33.39  ?  201 1I9 A C27  1 
HETATM 807 C  C30  . 1I9 B 2 .  ? 4.724   14.418  -0.813  1.00 54.52  ?  201 1I9 A C30  1 
HETATM 808 C  C34  . 1I9 B 2 .  ? 1.846   8.899   1.841   1.00 31.24  ?  201 1I9 A C34  1 
HETATM 809 C  C35  . 1I9 B 2 .  ? 0.931   8.671   0.817   1.00 21.97  ?  201 1I9 A C35  1 
HETATM 810 C  C36  . 1I9 B 2 .  ? -0.345  8.272   1.187   1.00 27.17  ?  201 1I9 A C36  1 
HETATM 811 C  C38  . 1I9 B 2 .  ? -0.667  8.054   2.525   1.00 27.13  ?  201 1I9 A C38  1 
HETATM 812 C  C40  . 1I9 B 2 .  ? 1.445   8.716   3.185   1.00 33.99  ?  201 1I9 A C40  1 
HETATM 813 C  C10  . 1I9 B 2 .  ? 4.118   5.861   4.032   1.00 27.61  ?  201 1I9 A C10  1 
HETATM 814 N  N11  . 1I9 B 2 .  ? 4.707   7.320   2.098   1.00 26.92  ?  201 1I9 A N11  1 
HETATM 815 C  C13  . 1I9 B 2 .  ? 3.200   9.352   1.509   1.00 27.91  ?  201 1I9 A C13  1 
HETATM 816 N  N14  . 1I9 B 2 .  ? 3.260   10.566  1.007   1.00 28.44  ?  201 1I9 A N14  1 
HETATM 817 N  N18  . 1I9 B 2 .  ? 6.598   8.293   1.480   1.00 27.50  ?  201 1I9 A N18  1 
HETATM 818 C  C20  . 1I9 B 2 .  ? 6.856   5.960   2.308   1.00 30.52  ?  201 1I9 A C20  1 
HETATM 819 O  O22  . 1I9 B 2 .  ? 7.528   6.227   3.552   1.00 27.32  ?  201 1I9 A O22  1 
HETATM 820 C  C25  . 1I9 B 2 .  ? 7.774   5.671   1.124   1.00 33.17  ?  201 1I9 A C25  1 
HETATM 821 C  C26  . 1I9 B 2 .  ? 8.179   4.212   0.835   1.00 25.18  ?  201 1I9 A C26  1 
HETATM 822 C  C28  . 1I9 B 2 .  ? 4.289   12.520  0.115   1.00 36.29  ?  201 1I9 A C28  1 
HETATM 823 N  N29  . 1I9 B 2 .  ? 5.333   13.315  -0.299  1.00 42.30  ?  201 1I9 A N29  1 
HETATM 824 O  O31  . 1I9 B 2 .  ? 5.285   15.378  -1.313  1.00 67.03  ?  201 1I9 A O31  1 
HETATM 825 O  O32  . 1I9 B 2 .  ? 3.392   14.235  -0.680  1.00 56.25  ?  201 1I9 A O32  1 
HETATM 826 N  N33  . 1I9 B 2 .  ? 3.184   13.141  -0.179  1.00 49.17  ?  201 1I9 A N33  1 
HETATM 827 CL CL37 . 1I9 B 2 .  ? -1.511  7.963   -0.013  1.00 31.68  ?  201 1I9 A CL37 1 
HETATM 828 N  N39  . 1I9 B 2 .  ? 0.214   8.305   3.471   1.00 28.77  ?  201 1I9 A N39  1 
HETATM 829 C  C1   . GOL C 3 .  ? -3.926  11.431  -6.683  1.00 35.23  ?  202 GOL A C1   1 
HETATM 830 O  O1   . GOL C 3 .  ? -3.862  10.701  -7.878  1.00 41.28  ?  202 GOL A O1   1 
HETATM 831 C  C2   . GOL C 3 .  ? -3.672  12.917  -6.752  1.00 55.39  ?  202 GOL A C2   1 
HETATM 832 O  O2   . GOL C 3 .  ? -4.424  13.374  -7.892  1.00 75.45  ?  202 GOL A O2   1 
HETATM 833 C  C3   . GOL C 3 .  ? -4.125  13.569  -5.415  1.00 52.93  ?  202 GOL A C3   1 
HETATM 834 O  O3   . GOL C 3 .  ? -3.163  13.701  -4.350  1.00 58.67  ?  202 GOL A O3   1 
HETATM 835 C  C1   . GOL D 3 .  ? -9.842  18.516  8.308   0.50 35.66  ?  203 GOL A C1   1 
HETATM 836 O  O1   . GOL D 3 .  ? -9.467  19.461  9.303   0.50 48.89  ?  203 GOL A O1   1 
HETATM 837 C  C2   . GOL D 3 .  ? -9.191  17.184  8.651   0.50 40.43  ?  203 GOL A C2   1 
HETATM 838 O  O2   . GOL D 3 .  ? -9.415  16.825  10.018  0.50 45.30  ?  203 GOL A O2   1 
HETATM 839 C  C3   . GOL D 3 .  ? -9.779  16.054  7.846   0.50 38.69  ?  203 GOL A C3   1 
HETATM 840 O  O3   . GOL D 3 .  ? -10.096 15.022  8.781   0.50 56.12  ?  203 GOL A O3   1 
HETATM 841 CL CL   . CL  E 4 .  ? 8.464   -9.991  -5.147  0.50 36.81  -1 204 CL  A CL   1 
HETATM 842 O  O    . HOH F 5 .  ? 10.647  7.143   -13.926 1.00 52.14  ?  301 HOH A O    1 
HETATM 843 O  O    . HOH F 5 .  ? -1.492  6.660   8.280   1.00 41.22  ?  302 HOH A O    1 
HETATM 844 O  O    . HOH F 5 .  ? 11.815  -1.885  -8.319  1.00 38.58  ?  303 HOH A O    1 
HETATM 845 O  O    . HOH F 5 .  ? -10.072 1.070   -6.377  1.00 41.79  ?  304 HOH A O    1 
HETATM 846 O  O    . HOH F 5 .  ? 0.096   4.630   8.630   1.00 28.34  ?  305 HOH A O    1 
HETATM 847 O  O    . HOH F 5 .  ? 6.878   -10.217 -2.479  1.00 35.20  ?  306 HOH A O    1 
HETATM 848 O  O    . HOH F 5 .  ? -9.949  17.012  -7.577  1.00 59.36  ?  307 HOH A O    1 
HETATM 849 O  O    . HOH F 5 .  ? -11.791 12.966  9.207   1.00 35.68  ?  308 HOH A O    1 
HETATM 850 O  O    . HOH F 5 .  ? 10.136  17.006  -1.886  0.50 49.99  ?  309 HOH A O    1 
HETATM 851 O  O    . HOH F 5 .  ? -4.365  0.702   13.545  1.00 34.64  ?  310 HOH A O    1 
HETATM 852 O  O    . HOH F 5 .  ? 20.630  16.763  -7.185  0.50 49.26  ?  311 HOH A O    1 
HETATM 853 O  O    . HOH F 5 .  ? -2.417  -14.650 1.000   1.00 41.05  ?  312 HOH A O    1 
HETATM 854 O  O    . HOH F 5 .  ? 13.290  11.116  -4.263  1.00 64.43  ?  313 HOH A O    1 
HETATM 855 O  O    . HOH F 5 .  ? -11.805 -4.075  -4.585  1.00 40.50  ?  314 HOH A O    1 
HETATM 856 O  O    . HOH F 5 .  ? 14.486  -7.044  0.832   1.00 34.88  ?  315 HOH A O    1 
HETATM 857 O  O    . HOH F 5 .  ? 5.917   2.983   6.383   1.00 31.55  ?  316 HOH A O    1 
HETATM 858 O  O    . HOH F 5 .  ? -15.537 -3.302  0.231   1.00 37.79  ?  317 HOH A O    1 
HETATM 859 O  O    . HOH F 5 .  ? -14.412 0.518   8.370   1.00 33.44  ?  318 HOH A O    1 
HETATM 860 O  O    . HOH F 5 .  ? -17.544 -3.910  1.713   1.00 38.36  ?  319 HOH A O    1 
HETATM 861 O  O    . HOH F 5 .  ? -3.247  10.497  3.263   1.00 41.56  ?  320 HOH A O    1 
HETATM 862 O  O    . HOH F 5 .  ? 16.844  -0.099  -5.715  1.00 41.79  ?  321 HOH A O    1 
HETATM 863 O  O    . HOH F 5 .  ? -5.504  -10.886 -4.414  1.00 33.44  ?  322 HOH A O    1 
HETATM 864 O  O    . HOH F 5 .  ? 9.224   9.737   1.446   1.00 44.74  ?  323 HOH A O    1 
HETATM 865 O  O    . HOH F 5 .  ? 5.664   7.080   -11.987 1.00 54.92  ?  324 HOH A O    1 
HETATM 866 O  O    . HOH F 5 .  ? -13.368 -7.839  12.505  1.00 47.86  ?  325 HOH A O    1 
HETATM 867 O  O    . HOH F 5 .  ? 4.862   -14.655 5.664   1.00 55.98  ?  326 HOH A O    1 
HETATM 868 O  O    . HOH F 5 .  ? 7.694   -9.659  -10.198 1.00 50.45  ?  327 HOH A O    1 
HETATM 869 O  O    . HOH F 5 .  ? -12.505 14.697  -2.519  1.00 33.92  ?  328 HOH A O    1 
HETATM 870 O  O    . HOH F 5 .  ? -10.664 12.882  -3.077  1.00 38.05  ?  329 HOH A O    1 
# 
